data_5QP9
# 
_entry.id   5QP9 
# 
_audit_conform.dict_name       mmcif_pdbx.dic 
_audit_conform.dict_version    5.387 
_audit_conform.dict_location   http://mmcif.pdb.org/dictionaries/ascii/mmcif_pdbx.dic 
# 
loop_
_database_2.database_id 
_database_2.database_code 
_database_2.pdbx_database_accession 
_database_2.pdbx_DOI 
PDB   5QP9         pdb_00005qp9 10.2210/pdb5qp9/pdb 
WWPDB D_1001402234 ?            ?                   
# 
loop_
_pdbx_audit_revision_history.ordinal 
_pdbx_audit_revision_history.data_content_type 
_pdbx_audit_revision_history.major_revision 
_pdbx_audit_revision_history.minor_revision 
_pdbx_audit_revision_history.revision_date 
1 'Structure model' 1 0 2019-05-08 
2 'Structure model' 1 1 2019-11-20 
3 'Structure model' 1 2 2024-03-06 
# 
_pdbx_audit_revision_details.ordinal             1 
_pdbx_audit_revision_details.revision_ordinal    1 
_pdbx_audit_revision_details.data_content_type   'Structure model' 
_pdbx_audit_revision_details.provider            repository 
_pdbx_audit_revision_details.type                'Initial release' 
_pdbx_audit_revision_details.description         ? 
_pdbx_audit_revision_details.details             ? 
# 
loop_
_pdbx_audit_revision_group.ordinal 
_pdbx_audit_revision_group.revision_ordinal 
_pdbx_audit_revision_group.data_content_type 
_pdbx_audit_revision_group.group 
1 2 'Structure model' 'Data collection'     
2 3 'Structure model' 'Data collection'     
3 3 'Structure model' 'Database references' 
# 
loop_
_pdbx_audit_revision_category.ordinal 
_pdbx_audit_revision_category.revision_ordinal 
_pdbx_audit_revision_category.data_content_type 
_pdbx_audit_revision_category.category 
1 2 'Structure model' diffrn_source  
2 3 'Structure model' chem_comp_atom 
3 3 'Structure model' chem_comp_bond 
4 3 'Structure model' database_2     
# 
loop_
_pdbx_audit_revision_item.ordinal 
_pdbx_audit_revision_item.revision_ordinal 
_pdbx_audit_revision_item.data_content_type 
_pdbx_audit_revision_item.item 
1 2 'Structure model' '_diffrn_source.pdbx_synchrotron_beamline' 
2 2 'Structure model' '_diffrn_source.type'                      
3 3 'Structure model' '_database_2.pdbx_DOI'                     
4 3 'Structure model' '_database_2.pdbx_database_accession'      
# 
_pdbx_database_status.entry_id                        5QP9 
_pdbx_database_status.status_code                     REL 
_pdbx_database_status.status_code_sf                  REL 
_pdbx_database_status.status_code_mr                  ? 
_pdbx_database_status.status_code_cs                  ? 
_pdbx_database_status.recvd_initial_deposition_date   2019-02-22 
_pdbx_database_status.deposit_site                    RCSB 
_pdbx_database_status.process_site                    RCSB 
_pdbx_database_status.SG_entry                        ? 
_pdbx_database_status.pdb_format_compatible           Y 
_pdbx_database_status.methods_development_category    ? 
_pdbx_database_status.status_code_nmr_data            ? 
# 
loop_
_audit_author.name 
_audit_author.pdbx_ordinal 
_audit_author.identifier_ORCID 
'Nelson, E.R.'      1  ? 
'Velupillai, S.'    2  ? 
'Talon, R.'         3  ? 
'Collins, P.M.'     4  ? 
'Krojer, T.'        5  ? 
'Wang, D.'          6  ? 
'Brandao-Neto, J.'  7  ? 
'Douangamath, A.'   8  ? 
'Burgess-Brown, N.' 9  ? 
'Arrowsmith, C.H.'  10 ? 
'Bountra, C.'       11 ? 
'Huber, K.'         12 ? 
'von Delft, F.'     13 ? 
# 
_citation.id                        primary 
_citation.title                     'PanDDA analysis group deposition' 
_citation.journal_abbrev            'To Be Published' 
_citation.journal_volume            ? 
_citation.page_first                ? 
_citation.page_last                 ? 
_citation.year                      ? 
_citation.journal_id_ASTM           ? 
_citation.country                   ? 
_citation.journal_id_ISSN           ? 
_citation.journal_id_CSD            0353 
_citation.book_publisher            ? 
_citation.pdbx_database_id_PubMed   ? 
_citation.pdbx_database_id_DOI      ? 
# 
loop_
_citation_author.citation_id 
_citation_author.name 
_citation_author.identifier_ORCID 
_citation_author.ordinal 
primary 'Nelson, E.R.'      ? 1  
primary 'Velupillai, S.'    ? 2  
primary 'Talon, R.'         ? 3  
primary 'Collins, P.M.'     ? 4  
primary 'Krojer, T.'        ? 5  
primary 'Wang, D.'          ? 6  
primary 'Brandao-Neto, J.'  ? 7  
primary 'Douangamath, A.'   ? 8  
primary 'Burgess-Brown, N.' ? 9  
primary 'Arrowsmith, C.H.'  ? 10 
primary 'Bountra, C.'       ? 11 
primary 'Huber, K.'         ? 12 
primary 'von Delft, F.'     ? 13 
# 
loop_
_entity.id 
_entity.type 
_entity.src_method 
_entity.pdbx_description 
_entity.formula_weight 
_entity.pdbx_number_of_molecules 
_entity.pdbx_ec 
_entity.pdbx_mutation 
_entity.pdbx_fragment 
_entity.details 
1 polymer     man 'DCP2 (NUDT20)'                                                 19073.738 1  3.6.1.62 ? 'UNP residues 95-260' ? 
2 non-polymer syn 1,2-ETHANEDIOL                                                  62.068    2  ?        ? ?                     ? 
3 non-polymer syn 'DIMETHYL SULFOXIDE'                                            78.133    1  ?        ? ?                     ? 
4 non-polymer syn 'ACETATE ION'                                                   59.044    2  ?        ? ?                     ? 
5 non-polymer syn 'N-[(4-chlorophenyl)methyl]-1-methyl-1H-pyrazole-4-carboxamide' 249.696   1  ?        ? ?                     ? 
6 water       nat water                                                           18.015    87 ?        ? ?                     ? 
# 
_entity_name_com.entity_id   1 
_entity_name_com.name        
'Nucleoside diphosphate-linked moiety X motif 20, Nudix motif 20, mRNA-decapping enzyme 2, hDpc, m7GpppN-mRNA hydrolase' 
# 
_entity_poly.entity_id                      1 
_entity_poly.type                           'polypeptide(L)' 
_entity_poly.nstd_linkage                   no 
_entity_poly.nstd_monomer                   no 
_entity_poly.pdbx_seq_one_letter_code       
;SMGVPTYGAIILDETLENVLLVQGYLAKSGWGFPKGKVNKEEAPHDCAAREVFEETGFDIKDYICKDDYIELRINDQLAR
LYIIPGIPKDTKFNPKTRREIRNIEWFSIEKLPCHRNDMTPKSKLGLAPNKFFMAIPFIRPLRDWLSRRFGDSSDSDNGF
SSTGSTP
;
_entity_poly.pdbx_seq_one_letter_code_can   
;SMGVPTYGAIILDETLENVLLVQGYLAKSGWGFPKGKVNKEEAPHDCAAREVFEETGFDIKDYICKDDYIELRINDQLAR
LYIIPGIPKDTKFNPKTRREIRNIEWFSIEKLPCHRNDMTPKSKLGLAPNKFFMAIPFIRPLRDWLSRRFGDSSDSDNGF
SSTGSTP
;
_entity_poly.pdbx_strand_id                 A 
_entity_poly.pdbx_target_identifier         ? 
# 
loop_
_pdbx_entity_nonpoly.entity_id 
_pdbx_entity_nonpoly.name 
_pdbx_entity_nonpoly.comp_id 
2 1,2-ETHANEDIOL                                                  EDO 
3 'DIMETHYL SULFOXIDE'                                            DMS 
4 'ACETATE ION'                                                   ACT 
5 'N-[(4-chlorophenyl)methyl]-1-methyl-1H-pyrazole-4-carboxamide' LJD 
6 water                                                           HOH 
# 
loop_
_entity_poly_seq.entity_id 
_entity_poly_seq.num 
_entity_poly_seq.mon_id 
_entity_poly_seq.hetero 
1 1   SER n 
1 2   MET n 
1 3   GLY n 
1 4   VAL n 
1 5   PRO n 
1 6   THR n 
1 7   TYR n 
1 8   GLY n 
1 9   ALA n 
1 10  ILE n 
1 11  ILE n 
1 12  LEU n 
1 13  ASP n 
1 14  GLU n 
1 15  THR n 
1 16  LEU n 
1 17  GLU n 
1 18  ASN n 
1 19  VAL n 
1 20  LEU n 
1 21  LEU n 
1 22  VAL n 
1 23  GLN n 
1 24  GLY n 
1 25  TYR n 
1 26  LEU n 
1 27  ALA n 
1 28  LYS n 
1 29  SER n 
1 30  GLY n 
1 31  TRP n 
1 32  GLY n 
1 33  PHE n 
1 34  PRO n 
1 35  LYS n 
1 36  GLY n 
1 37  LYS n 
1 38  VAL n 
1 39  ASN n 
1 40  LYS n 
1 41  GLU n 
1 42  GLU n 
1 43  ALA n 
1 44  PRO n 
1 45  HIS n 
1 46  ASP n 
1 47  CYS n 
1 48  ALA n 
1 49  ALA n 
1 50  ARG n 
1 51  GLU n 
1 52  VAL n 
1 53  PHE n 
1 54  GLU n 
1 55  GLU n 
1 56  THR n 
1 57  GLY n 
1 58  PHE n 
1 59  ASP n 
1 60  ILE n 
1 61  LYS n 
1 62  ASP n 
1 63  TYR n 
1 64  ILE n 
1 65  CYS n 
1 66  LYS n 
1 67  ASP n 
1 68  ASP n 
1 69  TYR n 
1 70  ILE n 
1 71  GLU n 
1 72  LEU n 
1 73  ARG n 
1 74  ILE n 
1 75  ASN n 
1 76  ASP n 
1 77  GLN n 
1 78  LEU n 
1 79  ALA n 
1 80  ARG n 
1 81  LEU n 
1 82  TYR n 
1 83  ILE n 
1 84  ILE n 
1 85  PRO n 
1 86  GLY n 
1 87  ILE n 
1 88  PRO n 
1 89  LYS n 
1 90  ASP n 
1 91  THR n 
1 92  LYS n 
1 93  PHE n 
1 94  ASN n 
1 95  PRO n 
1 96  LYS n 
1 97  THR n 
1 98  ARG n 
1 99  ARG n 
1 100 GLU n 
1 101 ILE n 
1 102 ARG n 
1 103 ASN n 
1 104 ILE n 
1 105 GLU n 
1 106 TRP n 
1 107 PHE n 
1 108 SER n 
1 109 ILE n 
1 110 GLU n 
1 111 LYS n 
1 112 LEU n 
1 113 PRO n 
1 114 CYS n 
1 115 HIS n 
1 116 ARG n 
1 117 ASN n 
1 118 ASP n 
1 119 MET n 
1 120 THR n 
1 121 PRO n 
1 122 LYS n 
1 123 SER n 
1 124 LYS n 
1 125 LEU n 
1 126 GLY n 
1 127 LEU n 
1 128 ALA n 
1 129 PRO n 
1 130 ASN n 
1 131 LYS n 
1 132 PHE n 
1 133 PHE n 
1 134 MET n 
1 135 ALA n 
1 136 ILE n 
1 137 PRO n 
1 138 PHE n 
1 139 ILE n 
1 140 ARG n 
1 141 PRO n 
1 142 LEU n 
1 143 ARG n 
1 144 ASP n 
1 145 TRP n 
1 146 LEU n 
1 147 SER n 
1 148 ARG n 
1 149 ARG n 
1 150 PHE n 
1 151 GLY n 
1 152 ASP n 
1 153 SER n 
1 154 SER n 
1 155 ASP n 
1 156 SER n 
1 157 ASP n 
1 158 ASN n 
1 159 GLY n 
1 160 PHE n 
1 161 SER n 
1 162 SER n 
1 163 THR n 
1 164 GLY n 
1 165 SER n 
1 166 THR n 
1 167 PRO n 
# 
_entity_src_gen.entity_id                          1 
_entity_src_gen.pdbx_src_id                        1 
_entity_src_gen.pdbx_alt_source_flag               sample 
_entity_src_gen.pdbx_seq_type                      'Biological sequence' 
_entity_src_gen.pdbx_beg_seq_num                   1 
_entity_src_gen.pdbx_end_seq_num                   167 
_entity_src_gen.gene_src_common_name               Human 
_entity_src_gen.gene_src_genus                     ? 
_entity_src_gen.pdbx_gene_src_gene                 'DCP2, NUDT20' 
_entity_src_gen.gene_src_species                   ? 
_entity_src_gen.gene_src_strain                    ? 
_entity_src_gen.gene_src_tissue                    ? 
_entity_src_gen.gene_src_tissue_fraction           ? 
_entity_src_gen.gene_src_details                   ? 
_entity_src_gen.pdbx_gene_src_fragment             ? 
_entity_src_gen.pdbx_gene_src_scientific_name      'Homo sapiens' 
_entity_src_gen.pdbx_gene_src_ncbi_taxonomy_id     9606 
_entity_src_gen.pdbx_gene_src_variant              ? 
_entity_src_gen.pdbx_gene_src_cell_line            ? 
_entity_src_gen.pdbx_gene_src_atcc                 ? 
_entity_src_gen.pdbx_gene_src_organ                ? 
_entity_src_gen.pdbx_gene_src_organelle            ? 
_entity_src_gen.pdbx_gene_src_cell                 ? 
_entity_src_gen.pdbx_gene_src_cellular_location    ? 
_entity_src_gen.host_org_common_name               ? 
_entity_src_gen.pdbx_host_org_scientific_name      'Escherichia coli' 
_entity_src_gen.pdbx_host_org_ncbi_taxonomy_id     562 
_entity_src_gen.host_org_genus                     ? 
_entity_src_gen.pdbx_host_org_gene                 ? 
_entity_src_gen.pdbx_host_org_organ                ? 
_entity_src_gen.host_org_species                   ? 
_entity_src_gen.pdbx_host_org_tissue               ? 
_entity_src_gen.pdbx_host_org_tissue_fraction      ? 
_entity_src_gen.pdbx_host_org_strain               ? 
_entity_src_gen.pdbx_host_org_variant              ? 
_entity_src_gen.pdbx_host_org_cell_line            ? 
_entity_src_gen.pdbx_host_org_atcc                 ? 
_entity_src_gen.pdbx_host_org_culture_collection   ? 
_entity_src_gen.pdbx_host_org_cell                 ? 
_entity_src_gen.pdbx_host_org_organelle            ? 
_entity_src_gen.pdbx_host_org_cellular_location    ? 
_entity_src_gen.pdbx_host_org_vector_type          ? 
_entity_src_gen.pdbx_host_org_vector               ? 
_entity_src_gen.host_org_details                   ? 
_entity_src_gen.expression_system_id               ? 
_entity_src_gen.plasmid_name                       ? 
_entity_src_gen.plasmid_details                    ? 
_entity_src_gen.pdbx_description                   ? 
# 
loop_
_chem_comp.id 
_chem_comp.type 
_chem_comp.mon_nstd_flag 
_chem_comp.name 
_chem_comp.pdbx_synonyms 
_chem_comp.formula 
_chem_comp.formula_weight 
ACT non-polymer         . 'ACETATE ION'                                                   ?                 'C2 H3 O2 -1'     
59.044  
ALA 'L-peptide linking' y ALANINE                                                         ?                 'C3 H7 N O2'      
89.093  
ARG 'L-peptide linking' y ARGININE                                                        ?                 'C6 H15 N4 O2 1'  
175.209 
ASN 'L-peptide linking' y ASPARAGINE                                                      ?                 'C4 H8 N2 O3'     
132.118 
ASP 'L-peptide linking' y 'ASPARTIC ACID'                                                 ?                 'C4 H7 N O4'      
133.103 
CYS 'L-peptide linking' y CYSTEINE                                                        ?                 'C3 H7 N O2 S'    
121.158 
DMS non-polymer         . 'DIMETHYL SULFOXIDE'                                            ?                 'C2 H6 O S'       
78.133  
EDO non-polymer         . 1,2-ETHANEDIOL                                                  'ETHYLENE GLYCOL' 'C2 H6 O2'        
62.068  
GLN 'L-peptide linking' y GLUTAMINE                                                       ?                 'C5 H10 N2 O3'    
146.144 
GLU 'L-peptide linking' y 'GLUTAMIC ACID'                                                 ?                 'C5 H9 N O4'      
147.129 
GLY 'peptide linking'   y GLYCINE                                                         ?                 'C2 H5 N O2'      
75.067  
HIS 'L-peptide linking' y HISTIDINE                                                       ?                 'C6 H10 N3 O2 1'  
156.162 
HOH non-polymer         . WATER                                                           ?                 'H2 O'            
18.015  
ILE 'L-peptide linking' y ISOLEUCINE                                                      ?                 'C6 H13 N O2'     
131.173 
LEU 'L-peptide linking' y LEUCINE                                                         ?                 'C6 H13 N O2'     
131.173 
LJD non-polymer         . 'N-[(4-chlorophenyl)methyl]-1-methyl-1H-pyrazole-4-carboxamide' ?                 'C12 H12 Cl N3 O' 
249.696 
LYS 'L-peptide linking' y LYSINE                                                          ?                 'C6 H15 N2 O2 1'  
147.195 
MET 'L-peptide linking' y METHIONINE                                                      ?                 'C5 H11 N O2 S'   
149.211 
PHE 'L-peptide linking' y PHENYLALANINE                                                   ?                 'C9 H11 N O2'     
165.189 
PRO 'L-peptide linking' y PROLINE                                                         ?                 'C5 H9 N O2'      
115.130 
SER 'L-peptide linking' y SERINE                                                          ?                 'C3 H7 N O3'      
105.093 
THR 'L-peptide linking' y THREONINE                                                       ?                 'C4 H9 N O3'      
119.119 
TRP 'L-peptide linking' y TRYPTOPHAN                                                      ?                 'C11 H12 N2 O2'   
204.225 
TYR 'L-peptide linking' y TYROSINE                                                        ?                 'C9 H11 N O3'     
181.189 
VAL 'L-peptide linking' y VALINE                                                          ?                 'C5 H11 N O2'     
117.146 
# 
loop_
_pdbx_poly_seq_scheme.asym_id 
_pdbx_poly_seq_scheme.entity_id 
_pdbx_poly_seq_scheme.seq_id 
_pdbx_poly_seq_scheme.mon_id 
_pdbx_poly_seq_scheme.ndb_seq_num 
_pdbx_poly_seq_scheme.pdb_seq_num 
_pdbx_poly_seq_scheme.auth_seq_num 
_pdbx_poly_seq_scheme.pdb_mon_id 
_pdbx_poly_seq_scheme.auth_mon_id 
_pdbx_poly_seq_scheme.pdb_strand_id 
_pdbx_poly_seq_scheme.pdb_ins_code 
_pdbx_poly_seq_scheme.hetero 
A 1 1   SER 1   94  ?   ?   ?   A . n 
A 1 2   MET 2   95  ?   ?   ?   A . n 
A 1 3   GLY 3   96  96  GLY GLY A . n 
A 1 4   VAL 4   97  97  VAL VAL A . n 
A 1 5   PRO 5   98  98  PRO PRO A . n 
A 1 6   THR 6   99  99  THR THR A . n 
A 1 7   TYR 7   100 100 TYR TYR A . n 
A 1 8   GLY 8   101 101 GLY GLY A . n 
A 1 9   ALA 9   102 102 ALA ALA A . n 
A 1 10  ILE 10  103 103 ILE ILE A . n 
A 1 11  ILE 11  104 104 ILE ILE A . n 
A 1 12  LEU 12  105 105 LEU LEU A . n 
A 1 13  ASP 13  106 106 ASP ASP A . n 
A 1 14  GLU 14  107 107 GLU GLU A . n 
A 1 15  THR 15  108 108 THR THR A . n 
A 1 16  LEU 16  109 109 LEU LEU A . n 
A 1 17  GLU 17  110 110 GLU GLU A . n 
A 1 18  ASN 18  111 111 ASN ASN A . n 
A 1 19  VAL 19  112 112 VAL VAL A . n 
A 1 20  LEU 20  113 113 LEU LEU A . n 
A 1 21  LEU 21  114 114 LEU LEU A . n 
A 1 22  VAL 22  115 115 VAL VAL A . n 
A 1 23  GLN 23  116 116 GLN GLN A . n 
A 1 24  GLY 24  117 117 GLY GLY A . n 
A 1 25  TYR 25  118 118 TYR TYR A . n 
A 1 26  LEU 26  119 119 LEU LEU A . n 
A 1 27  ALA 27  120 120 ALA ALA A . n 
A 1 28  LYS 28  121 121 LYS LYS A . n 
A 1 29  SER 29  122 122 SER SER A . n 
A 1 30  GLY 30  123 123 GLY GLY A . n 
A 1 31  TRP 31  124 124 TRP TRP A . n 
A 1 32  GLY 32  125 125 GLY GLY A . n 
A 1 33  PHE 33  126 126 PHE PHE A . n 
A 1 34  PRO 34  127 127 PRO PRO A . n 
A 1 35  LYS 35  128 128 LYS LYS A . n 
A 1 36  GLY 36  129 129 GLY GLY A . n 
A 1 37  LYS 37  130 130 LYS LYS A . n 
A 1 38  VAL 38  131 131 VAL VAL A . n 
A 1 39  ASN 39  132 132 ASN ASN A . n 
A 1 40  LYS 40  133 133 LYS LYS A . n 
A 1 41  GLU 41  134 134 GLU GLU A . n 
A 1 42  GLU 42  135 135 GLU GLU A . n 
A 1 43  ALA 43  136 136 ALA ALA A . n 
A 1 44  PRO 44  137 137 PRO PRO A . n 
A 1 45  HIS 45  138 138 HIS HIS A . n 
A 1 46  ASP 46  139 139 ASP ASP A . n 
A 1 47  CYS 47  140 140 CYS CYS A . n 
A 1 48  ALA 48  141 141 ALA ALA A . n 
A 1 49  ALA 49  142 142 ALA ALA A . n 
A 1 50  ARG 50  143 143 ARG ARG A . n 
A 1 51  GLU 51  144 144 GLU GLU A . n 
A 1 52  VAL 52  145 145 VAL VAL A . n 
A 1 53  PHE 53  146 146 PHE PHE A . n 
A 1 54  GLU 54  147 147 GLU GLU A . n 
A 1 55  GLU 55  148 148 GLU GLU A . n 
A 1 56  THR 56  149 149 THR THR A . n 
A 1 57  GLY 57  150 150 GLY GLY A . n 
A 1 58  PHE 58  151 151 PHE PHE A . n 
A 1 59  ASP 59  152 152 ASP ASP A . n 
A 1 60  ILE 60  153 153 ILE ILE A . n 
A 1 61  LYS 61  154 154 LYS LYS A . n 
A 1 62  ASP 62  155 155 ASP ASP A . n 
A 1 63  TYR 63  156 156 TYR TYR A . n 
A 1 64  ILE 64  157 157 ILE ILE A . n 
A 1 65  CYS 65  158 158 CYS CYS A . n 
A 1 66  LYS 66  159 159 LYS LYS A . n 
A 1 67  ASP 67  160 160 ASP ASP A . n 
A 1 68  ASP 68  161 161 ASP ASP A . n 
A 1 69  TYR 69  162 162 TYR TYR A . n 
A 1 70  ILE 70  163 163 ILE ILE A . n 
A 1 71  GLU 71  164 164 GLU GLU A . n 
A 1 72  LEU 72  165 165 LEU LEU A . n 
A 1 73  ARG 73  166 166 ARG ARG A . n 
A 1 74  ILE 74  167 167 ILE ILE A . n 
A 1 75  ASN 75  168 168 ASN ASN A . n 
A 1 76  ASP 76  169 169 ASP ASP A . n 
A 1 77  GLN 77  170 170 GLN GLN A . n 
A 1 78  LEU 78  171 171 LEU LEU A . n 
A 1 79  ALA 79  172 172 ALA ALA A . n 
A 1 80  ARG 80  173 173 ARG ARG A . n 
A 1 81  LEU 81  174 174 LEU LEU A . n 
A 1 82  TYR 82  175 175 TYR TYR A . n 
A 1 83  ILE 83  176 176 ILE ILE A . n 
A 1 84  ILE 84  177 177 ILE ILE A . n 
A 1 85  PRO 85  178 178 PRO PRO A . n 
A 1 86  GLY 86  179 179 GLY GLY A . n 
A 1 87  ILE 87  180 180 ILE ILE A . n 
A 1 88  PRO 88  181 181 PRO PRO A . n 
A 1 89  LYS 89  182 182 LYS LYS A . n 
A 1 90  ASP 90  183 183 ASP ASP A . n 
A 1 91  THR 91  184 184 THR THR A . n 
A 1 92  LYS 92  185 185 LYS LYS A . n 
A 1 93  PHE 93  186 186 PHE PHE A . n 
A 1 94  ASN 94  187 187 ASN ASN A . n 
A 1 95  PRO 95  188 188 PRO PRO A . n 
A 1 96  LYS 96  189 189 LYS LYS A . n 
A 1 97  THR 97  190 190 THR THR A . n 
A 1 98  ARG 98  191 191 ARG ARG A . n 
A 1 99  ARG 99  192 192 ARG ARG A . n 
A 1 100 GLU 100 193 193 GLU GLU A . n 
A 1 101 ILE 101 194 194 ILE ILE A . n 
A 1 102 ARG 102 195 195 ARG ARG A . n 
A 1 103 ASN 103 196 196 ASN ASN A . n 
A 1 104 ILE 104 197 197 ILE ILE A . n 
A 1 105 GLU 105 198 198 GLU GLU A . n 
A 1 106 TRP 106 199 199 TRP TRP A . n 
A 1 107 PHE 107 200 200 PHE PHE A . n 
A 1 108 SER 108 201 201 SER SER A . n 
A 1 109 ILE 109 202 202 ILE ILE A . n 
A 1 110 GLU 110 203 203 GLU GLU A . n 
A 1 111 LYS 111 204 204 LYS LYS A . n 
A 1 112 LEU 112 205 205 LEU LEU A . n 
A 1 113 PRO 113 206 206 PRO PRO A . n 
A 1 114 CYS 114 207 207 CYS CYS A . n 
A 1 115 HIS 115 208 208 HIS HIS A . n 
A 1 116 ARG 116 209 209 ARG ARG A . n 
A 1 117 ASN 117 210 210 ASN ASN A . n 
A 1 118 ASP 118 211 211 ASP ASP A . n 
A 1 119 MET 119 212 212 MET MET A . n 
A 1 120 THR 120 213 213 THR THR A . n 
A 1 121 PRO 121 214 214 PRO PRO A . n 
A 1 122 LYS 122 215 215 LYS LYS A . n 
A 1 123 SER 123 216 216 SER SER A . n 
A 1 124 LYS 124 217 217 LYS LYS A . n 
A 1 125 LEU 125 218 218 LEU LEU A . n 
A 1 126 GLY 126 219 219 GLY GLY A . n 
A 1 127 LEU 127 220 220 LEU LEU A . n 
A 1 128 ALA 128 221 221 ALA ALA A . n 
A 1 129 PRO 129 222 222 PRO PRO A . n 
A 1 130 ASN 130 223 223 ASN ASN A . n 
A 1 131 LYS 131 224 224 LYS LYS A . n 
A 1 132 PHE 132 225 225 PHE PHE A . n 
A 1 133 PHE 133 226 226 PHE PHE A . n 
A 1 134 MET 134 227 227 MET MET A . n 
A 1 135 ALA 135 228 228 ALA ALA A . n 
A 1 136 ILE 136 229 229 ILE ILE A . n 
A 1 137 PRO 137 230 230 PRO PRO A . n 
A 1 138 PHE 138 231 231 PHE PHE A . n 
A 1 139 ILE 139 232 232 ILE ILE A . n 
A 1 140 ARG 140 233 233 ARG ARG A . n 
A 1 141 PRO 141 234 234 PRO PRO A . n 
A 1 142 LEU 142 235 235 LEU LEU A . n 
A 1 143 ARG 143 236 236 ARG ARG A . n 
A 1 144 ASP 144 237 237 ASP ASP A . n 
A 1 145 TRP 145 238 238 TRP TRP A . n 
A 1 146 LEU 146 239 239 LEU LEU A . n 
A 1 147 SER 147 240 240 SER SER A . n 
A 1 148 ARG 148 241 241 ARG ARG A . n 
A 1 149 ARG 149 242 242 ARG ARG A . n 
A 1 150 PHE 150 243 243 PHE PHE A . n 
A 1 151 GLY 151 244 244 GLY GLY A . n 
A 1 152 ASP 152 245 ?   ?   ?   A . n 
A 1 153 SER 153 246 ?   ?   ?   A . n 
A 1 154 SER 154 247 ?   ?   ?   A . n 
A 1 155 ASP 155 248 ?   ?   ?   A . n 
A 1 156 SER 156 249 ?   ?   ?   A . n 
A 1 157 ASP 157 250 ?   ?   ?   A . n 
A 1 158 ASN 158 251 ?   ?   ?   A . n 
A 1 159 GLY 159 252 ?   ?   ?   A . n 
A 1 160 PHE 160 253 ?   ?   ?   A . n 
A 1 161 SER 161 254 ?   ?   ?   A . n 
A 1 162 SER 162 255 ?   ?   ?   A . n 
A 1 163 THR 163 256 ?   ?   ?   A . n 
A 1 164 GLY 164 257 ?   ?   ?   A . n 
A 1 165 SER 165 258 ?   ?   ?   A . n 
A 1 166 THR 166 259 ?   ?   ?   A . n 
A 1 167 PRO 167 260 ?   ?   ?   A . n 
# 
loop_
_pdbx_nonpoly_scheme.asym_id 
_pdbx_nonpoly_scheme.entity_id 
_pdbx_nonpoly_scheme.mon_id 
_pdbx_nonpoly_scheme.ndb_seq_num 
_pdbx_nonpoly_scheme.pdb_seq_num 
_pdbx_nonpoly_scheme.auth_seq_num 
_pdbx_nonpoly_scheme.pdb_mon_id 
_pdbx_nonpoly_scheme.auth_mon_id 
_pdbx_nonpoly_scheme.pdb_strand_id 
_pdbx_nonpoly_scheme.pdb_ins_code 
B 2 EDO 1  301 2   EDO EDO A . 
C 2 EDO 1  302 3   EDO EDO A . 
D 3 DMS 1  303 1   DMS DMS A . 
E 4 ACT 1  304 1   ACT ACT A . 
F 4 ACT 1  305 2   ACT ACT A . 
G 5 LJD 1  306 1   LJD LIG A . 
H 6 HOH 1  401 104 HOH HOH A . 
H 6 HOH 2  402 36  HOH HOH A . 
H 6 HOH 3  403 8   HOH HOH A . 
H 6 HOH 4  404 66  HOH HOH A . 
H 6 HOH 5  405 12  HOH HOH A . 
H 6 HOH 6  406 68  HOH HOH A . 
H 6 HOH 7  407 60  HOH HOH A . 
H 6 HOH 8  408 70  HOH HOH A . 
H 6 HOH 9  409 78  HOH HOH A . 
H 6 HOH 10 410 67  HOH HOH A . 
H 6 HOH 11 411 19  HOH HOH A . 
H 6 HOH 12 412 101 HOH HOH A . 
H 6 HOH 13 413 90  HOH HOH A . 
H 6 HOH 14 414 96  HOH HOH A . 
H 6 HOH 15 415 23  HOH HOH A . 
H 6 HOH 16 416 17  HOH HOH A . 
H 6 HOH 17 417 13  HOH HOH A . 
H 6 HOH 18 418 10  HOH HOH A . 
H 6 HOH 19 419 39  HOH HOH A . 
H 6 HOH 20 420 76  HOH HOH A . 
H 6 HOH 21 421 11  HOH HOH A . 
H 6 HOH 22 422 5   HOH HOH A . 
H 6 HOH 23 423 74  HOH HOH A . 
H 6 HOH 24 424 4   HOH HOH A . 
H 6 HOH 25 425 31  HOH HOH A . 
H 6 HOH 26 426 38  HOH HOH A . 
H 6 HOH 27 427 29  HOH HOH A . 
H 6 HOH 28 428 14  HOH HOH A . 
H 6 HOH 29 429 35  HOH HOH A . 
H 6 HOH 30 430 97  HOH HOH A . 
H 6 HOH 31 431 88  HOH HOH A . 
H 6 HOH 32 432 95  HOH HOH A . 
H 6 HOH 33 433 32  HOH HOH A . 
H 6 HOH 34 434 94  HOH HOH A . 
H 6 HOH 35 435 2   HOH HOH A . 
H 6 HOH 36 436 46  HOH HOH A . 
H 6 HOH 37 437 24  HOH HOH A . 
H 6 HOH 38 438 79  HOH HOH A . 
H 6 HOH 39 439 9   HOH HOH A . 
H 6 HOH 40 440 106 HOH HOH A . 
H 6 HOH 41 441 57  HOH HOH A . 
H 6 HOH 42 442 71  HOH HOH A . 
H 6 HOH 43 443 1   HOH HOH A . 
H 6 HOH 44 444 59  HOH HOH A . 
H 6 HOH 45 445 18  HOH HOH A . 
H 6 HOH 46 446 3   HOH HOH A . 
H 6 HOH 47 447 6   HOH HOH A . 
H 6 HOH 48 448 85  HOH HOH A . 
H 6 HOH 49 449 102 HOH HOH A . 
H 6 HOH 50 450 7   HOH HOH A . 
H 6 HOH 51 451 15  HOH HOH A . 
H 6 HOH 52 452 33  HOH HOH A . 
H 6 HOH 53 453 27  HOH HOH A . 
H 6 HOH 54 454 43  HOH HOH A . 
H 6 HOH 55 455 50  HOH HOH A . 
H 6 HOH 56 456 55  HOH HOH A . 
H 6 HOH 57 457 16  HOH HOH A . 
H 6 HOH 58 458 72  HOH HOH A . 
H 6 HOH 59 459 80  HOH HOH A . 
H 6 HOH 60 460 81  HOH HOH A . 
H 6 HOH 61 461 103 HOH HOH A . 
H 6 HOH 62 462 30  HOH HOH A . 
H 6 HOH 63 463 100 HOH HOH A . 
H 6 HOH 64 464 47  HOH HOH A . 
H 6 HOH 65 465 42  HOH HOH A . 
H 6 HOH 66 466 69  HOH HOH A . 
H 6 HOH 67 467 65  HOH HOH A . 
H 6 HOH 68 468 62  HOH HOH A . 
H 6 HOH 69 469 22  HOH HOH A . 
H 6 HOH 70 470 25  HOH HOH A . 
H 6 HOH 71 471 105 HOH HOH A . 
H 6 HOH 72 472 21  HOH HOH A . 
H 6 HOH 73 473 28  HOH HOH A . 
H 6 HOH 74 474 75  HOH HOH A . 
H 6 HOH 75 475 92  HOH HOH A . 
H 6 HOH 76 476 40  HOH HOH A . 
H 6 HOH 77 477 84  HOH HOH A . 
H 6 HOH 78 478 87  HOH HOH A . 
H 6 HOH 79 479 52  HOH HOH A . 
H 6 HOH 80 480 26  HOH HOH A . 
H 6 HOH 81 481 86  HOH HOH A . 
H 6 HOH 82 482 98  HOH HOH A . 
H 6 HOH 83 483 51  HOH HOH A . 
H 6 HOH 84 484 20  HOH HOH A . 
H 6 HOH 85 485 56  HOH HOH A . 
H 6 HOH 86 486 93  HOH HOH A . 
H 6 HOH 87 487 41  HOH HOH A . 
# 
loop_
_pdbx_unobs_or_zero_occ_atoms.id 
_pdbx_unobs_or_zero_occ_atoms.PDB_model_num 
_pdbx_unobs_or_zero_occ_atoms.polymer_flag 
_pdbx_unobs_or_zero_occ_atoms.occupancy_flag 
_pdbx_unobs_or_zero_occ_atoms.auth_asym_id 
_pdbx_unobs_or_zero_occ_atoms.auth_comp_id 
_pdbx_unobs_or_zero_occ_atoms.auth_seq_id 
_pdbx_unobs_or_zero_occ_atoms.PDB_ins_code 
_pdbx_unobs_or_zero_occ_atoms.auth_atom_id 
_pdbx_unobs_or_zero_occ_atoms.label_alt_id 
_pdbx_unobs_or_zero_occ_atoms.label_asym_id 
_pdbx_unobs_or_zero_occ_atoms.label_comp_id 
_pdbx_unobs_or_zero_occ_atoms.label_seq_id 
_pdbx_unobs_or_zero_occ_atoms.label_atom_id 
1  1 Y 1 A LYS 130 ? CE  ? A LYS 37  CE  
2  1 Y 1 A LYS 130 ? NZ  ? A LYS 37  NZ  
3  1 Y 1 A LYS 133 ? CG  ? A LYS 40  CG  
4  1 Y 1 A LYS 133 ? CD  ? A LYS 40  CD  
5  1 Y 1 A LYS 133 ? CE  ? A LYS 40  CE  
6  1 Y 1 A LYS 133 ? NZ  ? A LYS 40  NZ  
7  1 Y 1 A GLU 134 ? CG  ? A GLU 41  CG  
8  1 Y 1 A GLU 134 ? CD  ? A GLU 41  CD  
9  1 Y 1 A GLU 134 ? OE1 ? A GLU 41  OE1 
10 1 Y 1 A GLU 134 ? OE2 ? A GLU 41  OE2 
11 1 Y 1 A LYS 159 ? CD  ? A LYS 66  CD  
12 1 Y 1 A LYS 159 ? CE  ? A LYS 66  CE  
13 1 Y 1 A LYS 159 ? NZ  ? A LYS 66  NZ  
14 1 Y 1 A LYS 185 ? CE  ? A LYS 92  CE  
15 1 Y 1 A LYS 185 ? NZ  ? A LYS 92  NZ  
16 1 Y 1 A LYS 215 ? CD  ? A LYS 122 CD  
17 1 Y 1 A LYS 215 ? CE  ? A LYS 122 CE  
18 1 Y 1 A LYS 215 ? NZ  ? A LYS 122 NZ  
19 1 Y 1 A LYS 217 ? CE  ? A LYS 124 CE  
20 1 Y 1 A LYS 217 ? NZ  ? A LYS 124 NZ  
21 1 Y 1 A ARG 241 ? CD  ? A ARG 148 CD  
22 1 Y 1 A ARG 241 ? NE  ? A ARG 148 NE  
23 1 Y 1 A ARG 241 ? CZ  ? A ARG 148 CZ  
24 1 Y 1 A ARG 241 ? NH1 ? A ARG 148 NH1 
25 1 Y 1 A ARG 241 ? NH2 ? A ARG 148 NH2 
26 1 Y 1 A ARG 242 ? CG  ? A ARG 149 CG  
27 1 Y 1 A ARG 242 ? CD  ? A ARG 149 CD  
28 1 Y 1 A ARG 242 ? NE  ? A ARG 149 NE  
29 1 Y 1 A ARG 242 ? CZ  ? A ARG 149 CZ  
30 1 Y 1 A ARG 242 ? NH1 ? A ARG 149 NH1 
31 1 Y 1 A ARG 242 ? NH2 ? A ARG 149 NH2 
# 
loop_
_software.pdbx_ordinal 
_software.name 
_software.version 
_software.date 
_software.type 
_software.contact_author 
_software.contact_author_email 
_software.classification 
_software.location 
_software.language 
_software.citation_id 
1 REFMAC      5.8.0158 ?               program 'Garib N. Murshudov' garib@ysbl.york.ac.uk    refinement        
http://www.ccp4.ac.uk/dist/html/refmac5.html        Fortran_77 ? 
2 Aimless     0.5.32   29/03/17        program 'Phil Evans'         ?                        'data scaling'    
http://www.mrc-lmb.cam.ac.uk/harry/pre/aimless.html ?          ? 
3 PDB_EXTRACT 3.23     'SEP. 23, 2016' package PDB                  deposit@deposit.rcsb.org 'data extraction' 
http://sw-tools.pdb.org/apps/PDB_EXTRACT/           C++        ? 
4 XDS         .        ?               program ?                    ?                        'data reduction'  ? ?          ? 
5 REFMAC      .        ?               program ?                    ?                        phasing           ? ?          ? 
# 
_cell.entry_id           5QP9 
_cell.length_a           48.406 
_cell.length_b           60.406 
_cell.length_c           65.580 
_cell.angle_alpha        90.000 
_cell.angle_beta         90.000 
_cell.angle_gamma        90.000 
_cell.Z_PDB              4 
_cell.pdbx_unique_axis   ? 
# 
_symmetry.entry_id                         5QP9 
_symmetry.space_group_name_H-M             'P 21 21 21' 
_symmetry.pdbx_full_space_group_name_H-M   ? 
_symmetry.cell_setting                     ? 
_symmetry.Int_Tables_number                19 
# 
_exptl.crystals_number   1 
_exptl.entry_id          5QP9 
_exptl.method            'X-RAY DIFFRACTION' 
# 
_exptl_crystal.id                    1 
_exptl_crystal.pdbx_mosaicity        0.080 
_exptl_crystal.pdbx_mosaicity_esd    ? 
_exptl_crystal.density_Matthews      2.51 
_exptl_crystal.density_diffrn        ? 
_exptl_crystal.density_meas          ? 
_exptl_crystal.density_meas_temp     ? 
_exptl_crystal.density_percent_sol   51.06 
_exptl_crystal.size_max              ? 
_exptl_crystal.size_mid              ? 
_exptl_crystal.size_min              ? 
_exptl_crystal.size_rad              ? 
_exptl_crystal.description           ? 
# 
_exptl_crystal_grow.crystal_id      1 
_exptl_crystal_grow.method          'VAPOR DIFFUSION, SITTING DROP' 
_exptl_crystal_grow.pH              4.5 
_exptl_crystal_grow.temp            277 
_exptl_crystal_grow.pdbx_details    '0.1 M acetate, pH 4.5, 5-25% PEG3350' 
_exptl_crystal_grow.temp_details    ? 
_exptl_crystal_grow.pdbx_pH_range   ? 
# 
_diffrn.id                     1 
_diffrn.ambient_temp           ? 
_diffrn.crystal_id             1 
_diffrn.ambient_temp_details   ? 
# 
_diffrn_detector.detector               PIXEL 
_diffrn_detector.type                   'DECTRIS PILATUS 2M' 
_diffrn_detector.pdbx_collection_date   2017-07-27 
_diffrn_detector.diffrn_id              1 
_diffrn_detector.details                ? 
# 
_diffrn_radiation.diffrn_id                        1 
_diffrn_radiation.wavelength_id                    1 
_diffrn_radiation.pdbx_diffrn_protocol             'SINGLE WAVELENGTH' 
_diffrn_radiation.pdbx_monochromatic_or_laue_m_l   ? 
_diffrn_radiation.monochromator                    ? 
_diffrn_radiation.pdbx_scattering_type             x-ray 
# 
_diffrn_radiation_wavelength.id           1 
_diffrn_radiation_wavelength.wavelength   0.91587 
_diffrn_radiation_wavelength.wt           1.0 
# 
_diffrn_source.diffrn_id                   1 
_diffrn_source.source                      SYNCHROTRON 
_diffrn_source.type                        'DIAMOND BEAMLINE I04-1' 
_diffrn_source.pdbx_wavelength_list        0.91587 
_diffrn_source.pdbx_synchrotron_site       Diamond 
_diffrn_source.pdbx_synchrotron_beamline   I04-1 
_diffrn_source.pdbx_wavelength             ? 
# 
_reflns.entry_id                     5QP9 
_reflns.pdbx_diffrn_id               1 
_reflns.pdbx_ordinal                 1 
_reflns.observed_criterion_sigma_I   ? 
_reflns.observed_criterion_sigma_F   ? 
_reflns.d_resolution_low             28.820 
_reflns.d_resolution_high            1.720 
_reflns.number_obs                   20804 
_reflns.number_all                   ? 
_reflns.percent_possible_obs         98.800 
_reflns.pdbx_Rmerge_I_obs            0.048 
_reflns.pdbx_Rsym_value              ? 
_reflns.pdbx_netI_over_sigmaI        19.200 
_reflns.B_iso_Wilson_estimate        ? 
_reflns.pdbx_redundancy              6.500 
_reflns.pdbx_Rrim_I_all              0.052 
_reflns.pdbx_Rpim_I_all              0.020 
_reflns.pdbx_CC_half                 0.999 
_reflns.pdbx_netI_over_av_sigmaI     ? 
_reflns.pdbx_number_measured_all     134867 
_reflns.pdbx_scaling_rejects         0 
_reflns.pdbx_chi_squared             ? 
_reflns.Rmerge_F_all                 ? 
_reflns.Rmerge_F_obs                 ? 
_reflns.observed_criterion_F_max     ? 
_reflns.observed_criterion_F_min     ? 
_reflns.observed_criterion_I_max     ? 
_reflns.observed_criterion_I_min     ? 
_reflns.pdbx_d_res_high_opt          ? 
_reflns.pdbx_d_res_low_opt           ? 
_reflns.details                      ? 
# 
loop_
_reflns_shell.pdbx_diffrn_id 
_reflns_shell.pdbx_ordinal 
_reflns_shell.d_res_high 
_reflns_shell.d_res_low 
_reflns_shell.number_measured_obs 
_reflns_shell.number_measured_all 
_reflns_shell.number_unique_obs 
_reflns_shell.pdbx_rejects 
_reflns_shell.Rmerge_I_obs 
_reflns_shell.meanI_over_sigI_obs 
_reflns_shell.pdbx_Rsym_value 
_reflns_shell.pdbx_chi_squared 
_reflns_shell.pdbx_redundancy 
_reflns_shell.percent_possible_obs 
_reflns_shell.pdbx_netI_over_sigmaI_obs 
_reflns_shell.number_possible 
_reflns_shell.number_unique_all 
_reflns_shell.Rmerge_F_all 
_reflns_shell.Rmerge_F_obs 
_reflns_shell.Rmerge_I_all 
_reflns_shell.meanI_over_sigI_all 
_reflns_shell.percent_possible_all 
_reflns_shell.pdbx_Rrim_I_all 
_reflns_shell.pdbx_Rpim_I_all 
_reflns_shell.pdbx_CC_half 
1 1 1.720 1.760  ? 8323 ? ? 0.789 ? ? ? 5.800 ? 2.100  ? 1443 ? ? ? ? 96.100 0.868 0.356 0.804 
1 2 7.690 28.820 ? 1591 ? ? 0.024 ? ? ? 5.600 ? 56.500 ? 283  ? ? ? ? 98.200 0.026 0.011 0.999 
# 
_refine.entry_id                                 5QP9 
_refine.pdbx_refine_id                           'X-RAY DIFFRACTION' 
_refine.ls_d_res_high                            1.7200 
_refine.ls_d_res_low                             44.4700 
_refine.pdbx_ls_sigma_F                          0.000 
_refine.pdbx_data_cutoff_high_absF               ? 
_refine.pdbx_data_cutoff_low_absF                ? 
_refine.ls_percent_reflns_obs                    98.5400 
_refine.ls_number_reflns_obs                     19756 
_refine.ls_number_reflns_all                     ? 
_refine.pdbx_ls_cross_valid_method               THROUGHOUT 
_refine.ls_matrix_type                           ? 
_refine.pdbx_R_Free_selection_details            RANDOM 
_refine.details                                  
'HYDROGENS HAVE BEEN ADDED IN THE RIDING POSITIONS U VALUES : REFINED INDIVIDUALLY' 
_refine.ls_R_factor_all                          ? 
_refine.ls_R_factor_obs                          0.2039 
_refine.ls_R_factor_R_work                       0.2015 
_refine.ls_wR_factor_R_work                      ? 
_refine.ls_R_factor_R_free                       0.2532 
_refine.ls_wR_factor_R_free                      ? 
_refine.ls_percent_reflns_R_free                 4.9000 
_refine.ls_number_reflns_R_free                  1010 
_refine.ls_number_reflns_R_work                  ? 
_refine.ls_R_factor_R_free_error                 ? 
_refine.B_iso_mean                               36.2910 
_refine.solvent_model_param_bsol                 ? 
_refine.solvent_model_param_ksol                 ? 
_refine.pdbx_isotropic_thermal_model             ? 
_refine.aniso_B[1][1]                            2.1500 
_refine.aniso_B[2][2]                            -2.1100 
_refine.aniso_B[3][3]                            -0.0400 
_refine.aniso_B[1][2]                            0.0000 
_refine.aniso_B[1][3]                            -0.0000 
_refine.aniso_B[2][3]                            0.0000 
_refine.correlation_coeff_Fo_to_Fc               0.9590 
_refine.correlation_coeff_Fo_to_Fc_free          0.9240 
_refine.overall_SU_R_Cruickshank_DPI             ? 
_refine.pdbx_overall_SU_R_free_Cruickshank_DPI   ? 
_refine.pdbx_overall_SU_R_Blow_DPI               ? 
_refine.pdbx_overall_SU_R_free_Blow_DPI          ? 
_refine.overall_SU_R_free                        ? 
_refine.pdbx_overall_ESU_R                       0.1240 
_refine.pdbx_overall_ESU_R_Free                  0.1280 
_refine.overall_SU_ML                            0.0960 
_refine.overall_SU_B                             3.0190 
_refine.solvent_model_details                    MASK 
_refine.pdbx_solvent_vdw_probe_radii             1.2000 
_refine.pdbx_solvent_ion_probe_radii             0.8000 
_refine.pdbx_solvent_shrinkage_radii             0.8000 
_refine.ls_number_parameters                     ? 
_refine.ls_number_restraints                     ? 
_refine.pdbx_starting_model                      'PDB entry 5MP0' 
_refine.pdbx_method_to_determine_struct          'FOURIER SYNTHESIS' 
_refine.pdbx_stereochemistry_target_values       'MAXIMUM LIKELIHOOD' 
_refine.pdbx_stereochem_target_val_spec_case     ? 
_refine.overall_FOM_work_R_set                   ? 
_refine.B_iso_max                                96.150 
_refine.B_iso_min                                18.470 
_refine.pdbx_overall_phase_error                 ? 
_refine.occupancy_max                            ? 
_refine.occupancy_min                            ? 
_refine.pdbx_diffrn_id                           1 
_refine.pdbx_TLS_residual_ADP_flag               ? 
_refine.pdbx_ls_sigma_I                          ? 
_refine.pdbx_data_cutoff_high_rms_absF           ? 
_refine.ls_R_factor_R_free_error_details         ? 
# 
_refine_hist.cycle_id                         final 
_refine_hist.pdbx_refine_id                   'X-RAY DIFFRACTION' 
_refine_hist.d_res_high                       1.7200 
_refine_hist.d_res_low                        44.4700 
_refine_hist.pdbx_number_atoms_ligand         37 
_refine_hist.number_atoms_solvent             87 
_refine_hist.number_atoms_total               1313 
_refine_hist.pdbx_number_residues_total       149 
_refine_hist.pdbx_B_iso_mean_ligand           54.64 
_refine_hist.pdbx_B_iso_mean_solvent          42.90 
_refine_hist.pdbx_number_atoms_protein        1189 
_refine_hist.pdbx_number_atoms_nucleic_acid   0 
# 
loop_
_refine_ls_restr.pdbx_refine_id 
_refine_ls_restr.type 
_refine_ls_restr.number 
_refine_ls_restr.dev_ideal 
_refine_ls_restr.dev_ideal_target 
_refine_ls_restr.weight 
_refine_ls_restr.pdbx_restraint_function 
'X-RAY DIFFRACTION' r_bond_refined_d       1795 0.020  0.019  ? ? 
'X-RAY DIFFRACTION' r_bond_other_d         1482 0.003  0.020  ? ? 
'X-RAY DIFFRACTION' r_angle_refined_deg    2144 2.016  1.964  ? ? 
'X-RAY DIFFRACTION' r_angle_other_deg      3420 1.133  2.980  ? ? 
'X-RAY DIFFRACTION' r_dihedral_angle_1_deg 196  7.183  5.000  ? ? 
'X-RAY DIFFRACTION' r_dihedral_angle_2_deg 76   29.670 21.316 ? ? 
'X-RAY DIFFRACTION' r_dihedral_angle_3_deg 271  17.028 15.000 ? ? 
'X-RAY DIFFRACTION' r_dihedral_angle_4_deg 20   19.625 15.000 ? ? 
'X-RAY DIFFRACTION' r_chiral_restr         211  0.132  0.200  ? ? 
'X-RAY DIFFRACTION' r_gen_planes_refined   1829 0.010  0.021  ? ? 
'X-RAY DIFFRACTION' r_gen_planes_other     381  0.003  0.020  ? ? 
'X-RAY DIFFRACTION' r_mcbond_it            824  3.240  3.449  ? ? 
'X-RAY DIFFRACTION' r_mcbond_other         816  3.235  3.420  ? ? 
'X-RAY DIFFRACTION' r_mcangle_it           946  4.925  5.049  ? ? 
# 
_refine_ls_shell.d_res_high                       1.7190 
_refine_ls_shell.d_res_low                        1.7630 
_refine_ls_shell.pdbx_total_number_of_bins_used   20 
_refine_ls_shell.percent_reflns_obs               95.6800 
_refine_ls_shell.number_reflns_R_work             1376 
_refine_ls_shell.R_factor_all                     ? 
_refine_ls_shell.R_factor_R_work                  0.3130 
_refine_ls_shell.R_factor_R_free                  0.3340 
_refine_ls_shell.percent_reflns_R_free            ? 
_refine_ls_shell.number_reflns_R_free             65 
_refine_ls_shell.R_factor_R_free_error            ? 
_refine_ls_shell.number_reflns_all                1441 
_refine_ls_shell.number_reflns_obs                ? 
_refine_ls_shell.pdbx_refine_id                   'X-RAY DIFFRACTION' 
# 
_struct.entry_id                  5QP9 
_struct.title                     
'PanDDA analysis group deposition -- Crystal Structure of DCP2 (NUDT20) in complex with Z100435060' 
_struct.pdbx_model_details        ? 
_struct.pdbx_CASP_flag            ? 
_struct.pdbx_model_type_details   ? 
# 
_struct_keywords.entry_id        5QP9 
_struct_keywords.text            'SGC - Diamond I04-1 fragment screening, PanDDA, XChemExplorer, HYDROLASE' 
_struct_keywords.pdbx_keywords   HYDROLASE 
# 
loop_
_struct_asym.id 
_struct_asym.pdbx_blank_PDB_chainid_flag 
_struct_asym.pdbx_modified 
_struct_asym.entity_id 
_struct_asym.details 
A N N 1 ? 
B N N 2 ? 
C N N 2 ? 
D N N 3 ? 
E N N 4 ? 
F N N 4 ? 
G N N 5 ? 
H N N 6 ? 
# 
_struct_ref.id                         1 
_struct_ref.db_name                    UNP 
_struct_ref.db_code                    DCP2_HUMAN 
_struct_ref.pdbx_db_accession          Q8IU60 
_struct_ref.pdbx_db_isoform            ? 
_struct_ref.entity_id                  1 
_struct_ref.pdbx_seq_one_letter_code   
;MGVPTYGAIILDETLENVLLVQGYLAKSGWGFPKGKVNKEEAPHDCAAREVFEETGFDIKDYICKDDYIELRINDQLARL
YIIPGIPKDTKFNPKTRREIRNIEWFSIEKLPCHRNDMTPKSKLGLAPNKFFMAIPFIRPLRDWLSRRFGDSSDSDNGFS
STGSTP
;
_struct_ref.pdbx_align_begin           95 
# 
_struct_ref_seq.align_id                      1 
_struct_ref_seq.ref_id                        1 
_struct_ref_seq.pdbx_PDB_id_code              5QP9 
_struct_ref_seq.pdbx_strand_id                A 
_struct_ref_seq.seq_align_beg                 2 
_struct_ref_seq.pdbx_seq_align_beg_ins_code   ? 
_struct_ref_seq.seq_align_end                 167 
_struct_ref_seq.pdbx_seq_align_end_ins_code   ? 
_struct_ref_seq.pdbx_db_accession             Q8IU60 
_struct_ref_seq.db_align_beg                  95 
_struct_ref_seq.pdbx_db_align_beg_ins_code    ? 
_struct_ref_seq.db_align_end                  260 
_struct_ref_seq.pdbx_db_align_end_ins_code    ? 
_struct_ref_seq.pdbx_auth_seq_align_beg       95 
_struct_ref_seq.pdbx_auth_seq_align_end       260 
# 
_struct_ref_seq_dif.align_id                     1 
_struct_ref_seq_dif.pdbx_pdb_id_code             5QP9 
_struct_ref_seq_dif.mon_id                       SER 
_struct_ref_seq_dif.pdbx_pdb_strand_id           A 
_struct_ref_seq_dif.seq_num                      1 
_struct_ref_seq_dif.pdbx_pdb_ins_code            ? 
_struct_ref_seq_dif.pdbx_seq_db_name             UNP 
_struct_ref_seq_dif.pdbx_seq_db_accession_code   Q8IU60 
_struct_ref_seq_dif.db_mon_id                    ? 
_struct_ref_seq_dif.pdbx_seq_db_seq_num          ? 
_struct_ref_seq_dif.details                      'expression tag' 
_struct_ref_seq_dif.pdbx_auth_seq_num            94 
_struct_ref_seq_dif.pdbx_ordinal                 1 
# 
_pdbx_struct_assembly.id                   1 
_pdbx_struct_assembly.details              author_and_software_defined_assembly 
_pdbx_struct_assembly.method_details       PISA 
_pdbx_struct_assembly.oligomeric_details   monomeric 
_pdbx_struct_assembly.oligomeric_count     1 
# 
loop_
_pdbx_struct_assembly_prop.biol_id 
_pdbx_struct_assembly_prop.type 
_pdbx_struct_assembly_prop.value 
_pdbx_struct_assembly_prop.details 
1 'ABSA (A^2)' 830  ? 
1 MORE         5    ? 
1 'SSA (A^2)'  8600 ? 
# 
_pdbx_struct_assembly_gen.assembly_id       1 
_pdbx_struct_assembly_gen.oper_expression   1 
_pdbx_struct_assembly_gen.asym_id_list      A,B,C,D,E,F,G,H 
# 
_pdbx_struct_oper_list.id                   1 
_pdbx_struct_oper_list.type                 'identity operation' 
_pdbx_struct_oper_list.name                 1_555 
_pdbx_struct_oper_list.symmetry_operation   x,y,z 
_pdbx_struct_oper_list.matrix[1][1]         1.0000000000 
_pdbx_struct_oper_list.matrix[1][2]         0.0000000000 
_pdbx_struct_oper_list.matrix[1][3]         0.0000000000 
_pdbx_struct_oper_list.vector[1]            0.0000000000 
_pdbx_struct_oper_list.matrix[2][1]         0.0000000000 
_pdbx_struct_oper_list.matrix[2][2]         1.0000000000 
_pdbx_struct_oper_list.matrix[2][3]         0.0000000000 
_pdbx_struct_oper_list.vector[2]            0.0000000000 
_pdbx_struct_oper_list.matrix[3][1]         0.0000000000 
_pdbx_struct_oper_list.matrix[3][2]         0.0000000000 
_pdbx_struct_oper_list.matrix[3][3]         1.0000000000 
_pdbx_struct_oper_list.vector[3]            0.0000000000 
# 
loop_
_struct_conf.conf_type_id 
_struct_conf.id 
_struct_conf.pdbx_PDB_helix_id 
_struct_conf.beg_label_comp_id 
_struct_conf.beg_label_asym_id 
_struct_conf.beg_label_seq_id 
_struct_conf.pdbx_beg_PDB_ins_code 
_struct_conf.end_label_comp_id 
_struct_conf.end_label_asym_id 
_struct_conf.end_label_seq_id 
_struct_conf.pdbx_end_PDB_ins_code 
_struct_conf.beg_auth_comp_id 
_struct_conf.beg_auth_asym_id 
_struct_conf.beg_auth_seq_id 
_struct_conf.end_auth_comp_id 
_struct_conf.end_auth_asym_id 
_struct_conf.end_auth_seq_id 
_struct_conf.pdbx_PDB_helix_class 
_struct_conf.details 
_struct_conf.pdbx_PDB_helix_length 
HELX_P HELX_P1 AA1 TYR A 25  ? SER A 29  ? TYR A 118 SER A 122 5 ? 5  
HELX_P HELX_P2 AA2 ALA A 43  ? GLY A 57  ? ALA A 136 GLY A 150 1 ? 15 
HELX_P HELX_P3 AA3 GLU A 110 ? LEU A 112 ? GLU A 203 LEU A 205 5 ? 3  
HELX_P HELX_P4 AA4 MET A 119 ? SER A 123 ? MET A 212 SER A 216 5 ? 5  
HELX_P HELX_P5 AA5 ALA A 135 ? PHE A 150 ? ALA A 228 PHE A 243 1 ? 16 
# 
_struct_conf_type.id          HELX_P 
_struct_conf_type.criteria    ? 
_struct_conf_type.reference   ? 
# 
loop_
_struct_sheet.id 
_struct_sheet.type 
_struct_sheet.number_strands 
_struct_sheet.details 
AA1 ? 4 ? 
AA2 ? 3 ? 
# 
loop_
_struct_sheet_order.sheet_id 
_struct_sheet_order.range_id_1 
_struct_sheet_order.range_id_2 
_struct_sheet_order.offset 
_struct_sheet_order.sense 
AA1 1 2 ? anti-parallel 
AA1 2 3 ? parallel      
AA1 3 4 ? anti-parallel 
AA2 1 2 ? anti-parallel 
AA2 2 3 ? anti-parallel 
# 
loop_
_struct_sheet_range.sheet_id 
_struct_sheet_range.id 
_struct_sheet_range.beg_label_comp_id 
_struct_sheet_range.beg_label_asym_id 
_struct_sheet_range.beg_label_seq_id 
_struct_sheet_range.pdbx_beg_PDB_ins_code 
_struct_sheet_range.end_label_comp_id 
_struct_sheet_range.end_label_asym_id 
_struct_sheet_range.end_label_seq_id 
_struct_sheet_range.pdbx_end_PDB_ins_code 
_struct_sheet_range.beg_auth_comp_id 
_struct_sheet_range.beg_auth_asym_id 
_struct_sheet_range.beg_auth_seq_id 
_struct_sheet_range.end_auth_comp_id 
_struct_sheet_range.end_auth_asym_id 
_struct_sheet_range.end_auth_seq_id 
AA1 1 LYS A 35  ? LYS A 37  ? LYS A 128 LYS A 130 
AA1 2 THR A 6   ? ILE A 11  ? THR A 99  ILE A 104 
AA1 3 GLN A 77  ? ILE A 84  ? GLN A 170 ILE A 177 
AA1 4 TYR A 69  ? ILE A 74  ? TYR A 162 ILE A 167 
AA2 1 TRP A 31  ? GLY A 32  ? TRP A 124 GLY A 125 
AA2 2 ASN A 18  ? GLN A 23  ? ASN A 111 GLN A 116 
AA2 3 ASN A 103 ? SER A 108 ? ASN A 196 SER A 201 
# 
loop_
_pdbx_struct_sheet_hbond.sheet_id 
_pdbx_struct_sheet_hbond.range_id_1 
_pdbx_struct_sheet_hbond.range_id_2 
_pdbx_struct_sheet_hbond.range_1_label_atom_id 
_pdbx_struct_sheet_hbond.range_1_label_comp_id 
_pdbx_struct_sheet_hbond.range_1_label_asym_id 
_pdbx_struct_sheet_hbond.range_1_label_seq_id 
_pdbx_struct_sheet_hbond.range_1_PDB_ins_code 
_pdbx_struct_sheet_hbond.range_1_auth_atom_id 
_pdbx_struct_sheet_hbond.range_1_auth_comp_id 
_pdbx_struct_sheet_hbond.range_1_auth_asym_id 
_pdbx_struct_sheet_hbond.range_1_auth_seq_id 
_pdbx_struct_sheet_hbond.range_2_label_atom_id 
_pdbx_struct_sheet_hbond.range_2_label_comp_id 
_pdbx_struct_sheet_hbond.range_2_label_asym_id 
_pdbx_struct_sheet_hbond.range_2_label_seq_id 
_pdbx_struct_sheet_hbond.range_2_PDB_ins_code 
_pdbx_struct_sheet_hbond.range_2_auth_atom_id 
_pdbx_struct_sheet_hbond.range_2_auth_comp_id 
_pdbx_struct_sheet_hbond.range_2_auth_asym_id 
_pdbx_struct_sheet_hbond.range_2_auth_seq_id 
AA1 1 2 O GLY A 36 ? O GLY A 129 N TYR A 7   ? N TYR A 100 
AA1 2 3 N ILE A 10 ? N ILE A 103 O ILE A 84  ? O ILE A 177 
AA1 3 4 O LEU A 81 ? O LEU A 174 N ILE A 70  ? N ILE A 163 
AA2 1 2 O GLY A 32 ? O GLY A 125 N VAL A 22  ? N VAL A 115 
AA2 2 3 N LEU A 21 ? N LEU A 114 O GLU A 105 ? O GLU A 198 
# 
loop_
_struct_site.id 
_struct_site.pdbx_evidence_code 
_struct_site.pdbx_auth_asym_id 
_struct_site.pdbx_auth_comp_id 
_struct_site.pdbx_auth_seq_id 
_struct_site.pdbx_auth_ins_code 
_struct_site.pdbx_num_residues 
_struct_site.details 
AC1 Software A EDO 301 ? 5  'binding site for residue EDO A 301' 
AC2 Software A EDO 302 ? 4  'binding site for residue EDO A 302' 
AC3 Software A DMS 303 ? 2  'binding site for residue DMS A 303' 
AC4 Software A ACT 304 ? 3  'binding site for residue ACT A 304' 
AC5 Software A ACT 305 ? 5  'binding site for residue ACT A 305' 
AC6 Software A LJD 306 ? 10 'binding site for residue LJD A 306' 
# 
loop_
_struct_site_gen.id 
_struct_site_gen.site_id 
_struct_site_gen.pdbx_num_res 
_struct_site_gen.label_comp_id 
_struct_site_gen.label_asym_id 
_struct_site_gen.label_seq_id 
_struct_site_gen.pdbx_auth_ins_code 
_struct_site_gen.auth_comp_id 
_struct_site_gen.auth_asym_id 
_struct_site_gen.auth_seq_id 
_struct_site_gen.label_atom_id 
_struct_site_gen.label_alt_id 
_struct_site_gen.symmetry 
_struct_site_gen.details 
1  AC1 5  ALA A 49  ? ALA A 142 . ? 1_555 ? 
2  AC1 5  PHE A 53  ? PHE A 146 . ? 1_555 ? 
3  AC1 5  ASP A 59  ? ASP A 152 . ? 1_555 ? 
4  AC1 5  LYS A 61  ? LYS A 154 . ? 1_555 ? 
5  AC1 5  HOH H .   ? HOH A 430 . ? 1_555 ? 
6  AC2 4  ASN A 130 ? ASN A 223 . ? 1_555 ? 
7  AC2 4  LYS A 131 ? LYS A 224 . ? 1_555 ? 
8  AC2 4  ACT F .   ? ACT A 305 . ? 1_555 ? 
9  AC2 4  HOH H .   ? HOH A 411 . ? 1_555 ? 
10 AC3 2  ASN A 18  ? ASN A 111 . ? 1_555 ? 
11 AC3 2  TRP A 106 ? TRP A 199 . ? 1_555 ? 
12 AC4 3  SER A 29  ? SER A 122 . ? 1_555 ? 
13 AC4 3  TYR A 63  ? TYR A 156 . ? 3_357 ? 
14 AC4 3  HOH H .   ? HOH A 406 . ? 1_555 ? 
15 AC5 5  ARG A 116 ? ARG A 209 . ? 1_555 ? 
16 AC5 5  PRO A 129 ? PRO A 222 . ? 1_555 ? 
17 AC5 5  ASN A 130 ? ASN A 223 . ? 1_555 ? 
18 AC5 5  PHE A 133 ? PHE A 226 . ? 1_555 ? 
19 AC5 5  EDO C .   ? EDO A 302 . ? 1_555 ? 
20 AC6 10 VAL A 22  ? VAL A 115 . ? 1_555 ? 
21 AC6 10 GLY A 24  ? GLY A 117 . ? 1_555 ? 
22 AC6 10 ALA A 27  ? ALA A 120 . ? 1_555 ? 
23 AC6 10 LYS A 28  ? LYS A 121 . ? 1_555 ? 
24 AC6 10 GLY A 32  ? GLY A 125 . ? 1_555 ? 
25 AC6 10 GLU A 55  ? GLU A 148 . ? 1_555 ? 
26 AC6 10 ILE A 101 ? ILE A 194 . ? 1_555 ? 
27 AC6 10 MET A 134 ? MET A 227 . ? 1_555 ? 
28 AC6 10 HOH H .   ? HOH A 402 . ? 1_555 ? 
29 AC6 10 HOH H .   ? HOH A 433 . ? 1_555 ? 
# 
_pdbx_validate_rmsd_bond.id                        1 
_pdbx_validate_rmsd_bond.PDB_model_num             1 
_pdbx_validate_rmsd_bond.auth_atom_id_1            CB 
_pdbx_validate_rmsd_bond.auth_asym_id_1            A 
_pdbx_validate_rmsd_bond.auth_comp_id_1            TYR 
_pdbx_validate_rmsd_bond.auth_seq_id_1             156 
_pdbx_validate_rmsd_bond.PDB_ins_code_1            ? 
_pdbx_validate_rmsd_bond.label_alt_id_1            ? 
_pdbx_validate_rmsd_bond.auth_atom_id_2            CG 
_pdbx_validate_rmsd_bond.auth_asym_id_2            A 
_pdbx_validate_rmsd_bond.auth_comp_id_2            TYR 
_pdbx_validate_rmsd_bond.auth_seq_id_2             156 
_pdbx_validate_rmsd_bond.PDB_ins_code_2            ? 
_pdbx_validate_rmsd_bond.label_alt_id_2            ? 
_pdbx_validate_rmsd_bond.bond_value                1.403 
_pdbx_validate_rmsd_bond.bond_target_value         1.512 
_pdbx_validate_rmsd_bond.bond_deviation            -0.109 
_pdbx_validate_rmsd_bond.bond_standard_deviation   0.015 
_pdbx_validate_rmsd_bond.linker_flag               N 
# 
loop_
_pdbx_validate_rmsd_angle.id 
_pdbx_validate_rmsd_angle.PDB_model_num 
_pdbx_validate_rmsd_angle.auth_atom_id_1 
_pdbx_validate_rmsd_angle.auth_asym_id_1 
_pdbx_validate_rmsd_angle.auth_comp_id_1 
_pdbx_validate_rmsd_angle.auth_seq_id_1 
_pdbx_validate_rmsd_angle.PDB_ins_code_1 
_pdbx_validate_rmsd_angle.label_alt_id_1 
_pdbx_validate_rmsd_angle.auth_atom_id_2 
_pdbx_validate_rmsd_angle.auth_asym_id_2 
_pdbx_validate_rmsd_angle.auth_comp_id_2 
_pdbx_validate_rmsd_angle.auth_seq_id_2 
_pdbx_validate_rmsd_angle.PDB_ins_code_2 
_pdbx_validate_rmsd_angle.label_alt_id_2 
_pdbx_validate_rmsd_angle.auth_atom_id_3 
_pdbx_validate_rmsd_angle.auth_asym_id_3 
_pdbx_validate_rmsd_angle.auth_comp_id_3 
_pdbx_validate_rmsd_angle.auth_seq_id_3 
_pdbx_validate_rmsd_angle.PDB_ins_code_3 
_pdbx_validate_rmsd_angle.label_alt_id_3 
_pdbx_validate_rmsd_angle.angle_value 
_pdbx_validate_rmsd_angle.angle_target_value 
_pdbx_validate_rmsd_angle.angle_deviation 
_pdbx_validate_rmsd_angle.angle_standard_deviation 
_pdbx_validate_rmsd_angle.linker_flag 
1 1 CB A ASP 106 ? ? CG A ASP 106 ? ? OD2 A ASP 106 ? ? 112.69 118.30 -5.61  0.90 N 
2 1 NE A ARG 143 ? ? CZ A ARG 143 ? ? NH1 A ARG 143 ? ? 123.82 120.30 3.52   0.50 N 
3 1 CB A ASP 169 ? ? CG A ASP 169 ? ? OD1 A ASP 169 ? ? 126.59 118.30 8.29   0.90 N 
4 1 CB A ASP 169 ? ? CG A ASP 169 ? ? OD2 A ASP 169 ? ? 108.28 118.30 -10.02 0.90 N 
# 
loop_
_pdbx_validate_torsion.id 
_pdbx_validate_torsion.PDB_model_num 
_pdbx_validate_torsion.auth_comp_id 
_pdbx_validate_torsion.auth_asym_id 
_pdbx_validate_torsion.auth_seq_id 
_pdbx_validate_torsion.PDB_ins_code 
_pdbx_validate_torsion.label_alt_id 
_pdbx_validate_torsion.phi 
_pdbx_validate_torsion.psi 
1 1 LEU A 119 ? ? 57.56   -113.63 
2 1 ASP A 211 ? ? -75.29  -169.88 
3 1 PHE A 243 ? ? -131.34 -52.02  
# 
_phasing.method   MR 
# 
loop_
_pdbx_unobs_or_zero_occ_residues.id 
_pdbx_unobs_or_zero_occ_residues.PDB_model_num 
_pdbx_unobs_or_zero_occ_residues.polymer_flag 
_pdbx_unobs_or_zero_occ_residues.occupancy_flag 
_pdbx_unobs_or_zero_occ_residues.auth_asym_id 
_pdbx_unobs_or_zero_occ_residues.auth_comp_id 
_pdbx_unobs_or_zero_occ_residues.auth_seq_id 
_pdbx_unobs_or_zero_occ_residues.PDB_ins_code 
_pdbx_unobs_or_zero_occ_residues.label_asym_id 
_pdbx_unobs_or_zero_occ_residues.label_comp_id 
_pdbx_unobs_or_zero_occ_residues.label_seq_id 
1  1 Y 1 A SER 94  ? A SER 1   
2  1 Y 1 A MET 95  ? A MET 2   
3  1 Y 1 A ASP 245 ? A ASP 152 
4  1 Y 1 A SER 246 ? A SER 153 
5  1 Y 1 A SER 247 ? A SER 154 
6  1 Y 1 A ASP 248 ? A ASP 155 
7  1 Y 1 A SER 249 ? A SER 156 
8  1 Y 1 A ASP 250 ? A ASP 157 
9  1 Y 1 A ASN 251 ? A ASN 158 
10 1 Y 1 A GLY 252 ? A GLY 159 
11 1 Y 1 A PHE 253 ? A PHE 160 
12 1 Y 1 A SER 254 ? A SER 161 
13 1 Y 1 A SER 255 ? A SER 162 
14 1 Y 1 A THR 256 ? A THR 163 
15 1 Y 1 A GLY 257 ? A GLY 164 
16 1 Y 1 A SER 258 ? A SER 165 
17 1 Y 1 A THR 259 ? A THR 166 
18 1 Y 1 A PRO 260 ? A PRO 167 
# 
loop_
_chem_comp_atom.comp_id 
_chem_comp_atom.atom_id 
_chem_comp_atom.type_symbol 
_chem_comp_atom.pdbx_aromatic_flag 
_chem_comp_atom.pdbx_stereo_config 
_chem_comp_atom.pdbx_ordinal 
ACT C    C  N N 1   
ACT O    O  N N 2   
ACT OXT  O  N N 3   
ACT CH3  C  N N 4   
ACT H1   H  N N 5   
ACT H2   H  N N 6   
ACT H3   H  N N 7   
ALA N    N  N N 8   
ALA CA   C  N S 9   
ALA C    C  N N 10  
ALA O    O  N N 11  
ALA CB   C  N N 12  
ALA OXT  O  N N 13  
ALA H    H  N N 14  
ALA H2   H  N N 15  
ALA HA   H  N N 16  
ALA HB1  H  N N 17  
ALA HB2  H  N N 18  
ALA HB3  H  N N 19  
ALA HXT  H  N N 20  
ARG N    N  N N 21  
ARG CA   C  N S 22  
ARG C    C  N N 23  
ARG O    O  N N 24  
ARG CB   C  N N 25  
ARG CG   C  N N 26  
ARG CD   C  N N 27  
ARG NE   N  N N 28  
ARG CZ   C  N N 29  
ARG NH1  N  N N 30  
ARG NH2  N  N N 31  
ARG OXT  O  N N 32  
ARG H    H  N N 33  
ARG H2   H  N N 34  
ARG HA   H  N N 35  
ARG HB2  H  N N 36  
ARG HB3  H  N N 37  
ARG HG2  H  N N 38  
ARG HG3  H  N N 39  
ARG HD2  H  N N 40  
ARG HD3  H  N N 41  
ARG HE   H  N N 42  
ARG HH11 H  N N 43  
ARG HH12 H  N N 44  
ARG HH21 H  N N 45  
ARG HH22 H  N N 46  
ARG HXT  H  N N 47  
ASN N    N  N N 48  
ASN CA   C  N S 49  
ASN C    C  N N 50  
ASN O    O  N N 51  
ASN CB   C  N N 52  
ASN CG   C  N N 53  
ASN OD1  O  N N 54  
ASN ND2  N  N N 55  
ASN OXT  O  N N 56  
ASN H    H  N N 57  
ASN H2   H  N N 58  
ASN HA   H  N N 59  
ASN HB2  H  N N 60  
ASN HB3  H  N N 61  
ASN HD21 H  N N 62  
ASN HD22 H  N N 63  
ASN HXT  H  N N 64  
ASP N    N  N N 65  
ASP CA   C  N S 66  
ASP C    C  N N 67  
ASP O    O  N N 68  
ASP CB   C  N N 69  
ASP CG   C  N N 70  
ASP OD1  O  N N 71  
ASP OD2  O  N N 72  
ASP OXT  O  N N 73  
ASP H    H  N N 74  
ASP H2   H  N N 75  
ASP HA   H  N N 76  
ASP HB2  H  N N 77  
ASP HB3  H  N N 78  
ASP HD2  H  N N 79  
ASP HXT  H  N N 80  
CYS N    N  N N 81  
CYS CA   C  N R 82  
CYS C    C  N N 83  
CYS O    O  N N 84  
CYS CB   C  N N 85  
CYS SG   S  N N 86  
CYS OXT  O  N N 87  
CYS H    H  N N 88  
CYS H2   H  N N 89  
CYS HA   H  N N 90  
CYS HB2  H  N N 91  
CYS HB3  H  N N 92  
CYS HG   H  N N 93  
CYS HXT  H  N N 94  
DMS S    S  N N 95  
DMS O    O  N N 96  
DMS C1   C  N N 97  
DMS C2   C  N N 98  
DMS H11  H  N N 99  
DMS H12  H  N N 100 
DMS H13  H  N N 101 
DMS H21  H  N N 102 
DMS H22  H  N N 103 
DMS H23  H  N N 104 
EDO C1   C  N N 105 
EDO O1   O  N N 106 
EDO C2   C  N N 107 
EDO O2   O  N N 108 
EDO H11  H  N N 109 
EDO H12  H  N N 110 
EDO HO1  H  N N 111 
EDO H21  H  N N 112 
EDO H22  H  N N 113 
EDO HO2  H  N N 114 
GLN N    N  N N 115 
GLN CA   C  N S 116 
GLN C    C  N N 117 
GLN O    O  N N 118 
GLN CB   C  N N 119 
GLN CG   C  N N 120 
GLN CD   C  N N 121 
GLN OE1  O  N N 122 
GLN NE2  N  N N 123 
GLN OXT  O  N N 124 
GLN H    H  N N 125 
GLN H2   H  N N 126 
GLN HA   H  N N 127 
GLN HB2  H  N N 128 
GLN HB3  H  N N 129 
GLN HG2  H  N N 130 
GLN HG3  H  N N 131 
GLN HE21 H  N N 132 
GLN HE22 H  N N 133 
GLN HXT  H  N N 134 
GLU N    N  N N 135 
GLU CA   C  N S 136 
GLU C    C  N N 137 
GLU O    O  N N 138 
GLU CB   C  N N 139 
GLU CG   C  N N 140 
GLU CD   C  N N 141 
GLU OE1  O  N N 142 
GLU OE2  O  N N 143 
GLU OXT  O  N N 144 
GLU H    H  N N 145 
GLU H2   H  N N 146 
GLU HA   H  N N 147 
GLU HB2  H  N N 148 
GLU HB3  H  N N 149 
GLU HG2  H  N N 150 
GLU HG3  H  N N 151 
GLU HE2  H  N N 152 
GLU HXT  H  N N 153 
GLY N    N  N N 154 
GLY CA   C  N N 155 
GLY C    C  N N 156 
GLY O    O  N N 157 
GLY OXT  O  N N 158 
GLY H    H  N N 159 
GLY H2   H  N N 160 
GLY HA2  H  N N 161 
GLY HA3  H  N N 162 
GLY HXT  H  N N 163 
HIS N    N  N N 164 
HIS CA   C  N S 165 
HIS C    C  N N 166 
HIS O    O  N N 167 
HIS CB   C  N N 168 
HIS CG   C  Y N 169 
HIS ND1  N  Y N 170 
HIS CD2  C  Y N 171 
HIS CE1  C  Y N 172 
HIS NE2  N  Y N 173 
HIS OXT  O  N N 174 
HIS H    H  N N 175 
HIS H2   H  N N 176 
HIS HA   H  N N 177 
HIS HB2  H  N N 178 
HIS HB3  H  N N 179 
HIS HD1  H  N N 180 
HIS HD2  H  N N 181 
HIS HE1  H  N N 182 
HIS HE2  H  N N 183 
HIS HXT  H  N N 184 
HOH O    O  N N 185 
HOH H1   H  N N 186 
HOH H2   H  N N 187 
ILE N    N  N N 188 
ILE CA   C  N S 189 
ILE C    C  N N 190 
ILE O    O  N N 191 
ILE CB   C  N S 192 
ILE CG1  C  N N 193 
ILE CG2  C  N N 194 
ILE CD1  C  N N 195 
ILE OXT  O  N N 196 
ILE H    H  N N 197 
ILE H2   H  N N 198 
ILE HA   H  N N 199 
ILE HB   H  N N 200 
ILE HG12 H  N N 201 
ILE HG13 H  N N 202 
ILE HG21 H  N N 203 
ILE HG22 H  N N 204 
ILE HG23 H  N N 205 
ILE HD11 H  N N 206 
ILE HD12 H  N N 207 
ILE HD13 H  N N 208 
ILE HXT  H  N N 209 
LEU N    N  N N 210 
LEU CA   C  N S 211 
LEU C    C  N N 212 
LEU O    O  N N 213 
LEU CB   C  N N 214 
LEU CG   C  N N 215 
LEU CD1  C  N N 216 
LEU CD2  C  N N 217 
LEU OXT  O  N N 218 
LEU H    H  N N 219 
LEU H2   H  N N 220 
LEU HA   H  N N 221 
LEU HB2  H  N N 222 
LEU HB3  H  N N 223 
LEU HG   H  N N 224 
LEU HD11 H  N N 225 
LEU HD12 H  N N 226 
LEU HD13 H  N N 227 
LEU HD21 H  N N 228 
LEU HD22 H  N N 229 
LEU HD23 H  N N 230 
LEU HXT  H  N N 231 
LJD N1   N  Y N 232 
LJD N3   N  N N 233 
LJD C4   C  Y N 234 
LJD C5   C  N N 235 
LJD C6   C  N N 236 
LJD C7   C  Y N 237 
LJD C8   C  Y N 238 
LJD C10  C  Y N 239 
LJD C1   C  N N 240 
LJD C11  C  Y N 241 
LJD C12  C  Y N 242 
LJD C2   C  Y N 243 
LJD C3   C  Y N 244 
LJD C9   C  Y N 245 
LJD N2   N  Y N 246 
LJD O1   O  N N 247 
LJD CL1  CL N N 248 
LJD H1   H  N N 249 
LJD H2   H  N N 250 
LJD H3   H  N N 251 
LJD H4   H  N N 252 
LJD H5   H  N N 253 
LJD H6   H  N N 254 
LJD H7   H  N N 255 
LJD H8   H  N N 256 
LJD H9   H  N N 257 
LJD H10  H  N N 258 
LJD H11  H  N N 259 
LJD H12  H  N N 260 
LYS N    N  N N 261 
LYS CA   C  N S 262 
LYS C    C  N N 263 
LYS O    O  N N 264 
LYS CB   C  N N 265 
LYS CG   C  N N 266 
LYS CD   C  N N 267 
LYS CE   C  N N 268 
LYS NZ   N  N N 269 
LYS OXT  O  N N 270 
LYS H    H  N N 271 
LYS H2   H  N N 272 
LYS HA   H  N N 273 
LYS HB2  H  N N 274 
LYS HB3  H  N N 275 
LYS HG2  H  N N 276 
LYS HG3  H  N N 277 
LYS HD2  H  N N 278 
LYS HD3  H  N N 279 
LYS HE2  H  N N 280 
LYS HE3  H  N N 281 
LYS HZ1  H  N N 282 
LYS HZ2  H  N N 283 
LYS HZ3  H  N N 284 
LYS HXT  H  N N 285 
MET N    N  N N 286 
MET CA   C  N S 287 
MET C    C  N N 288 
MET O    O  N N 289 
MET CB   C  N N 290 
MET CG   C  N N 291 
MET SD   S  N N 292 
MET CE   C  N N 293 
MET OXT  O  N N 294 
MET H    H  N N 295 
MET H2   H  N N 296 
MET HA   H  N N 297 
MET HB2  H  N N 298 
MET HB3  H  N N 299 
MET HG2  H  N N 300 
MET HG3  H  N N 301 
MET HE1  H  N N 302 
MET HE2  H  N N 303 
MET HE3  H  N N 304 
MET HXT  H  N N 305 
PHE N    N  N N 306 
PHE CA   C  N S 307 
PHE C    C  N N 308 
PHE O    O  N N 309 
PHE CB   C  N N 310 
PHE CG   C  Y N 311 
PHE CD1  C  Y N 312 
PHE CD2  C  Y N 313 
PHE CE1  C  Y N 314 
PHE CE2  C  Y N 315 
PHE CZ   C  Y N 316 
PHE OXT  O  N N 317 
PHE H    H  N N 318 
PHE H2   H  N N 319 
PHE HA   H  N N 320 
PHE HB2  H  N N 321 
PHE HB3  H  N N 322 
PHE HD1  H  N N 323 
PHE HD2  H  N N 324 
PHE HE1  H  N N 325 
PHE HE2  H  N N 326 
PHE HZ   H  N N 327 
PHE HXT  H  N N 328 
PRO N    N  N N 329 
PRO CA   C  N S 330 
PRO C    C  N N 331 
PRO O    O  N N 332 
PRO CB   C  N N 333 
PRO CG   C  N N 334 
PRO CD   C  N N 335 
PRO OXT  O  N N 336 
PRO H    H  N N 337 
PRO HA   H  N N 338 
PRO HB2  H  N N 339 
PRO HB3  H  N N 340 
PRO HG2  H  N N 341 
PRO HG3  H  N N 342 
PRO HD2  H  N N 343 
PRO HD3  H  N N 344 
PRO HXT  H  N N 345 
SER N    N  N N 346 
SER CA   C  N S 347 
SER C    C  N N 348 
SER O    O  N N 349 
SER CB   C  N N 350 
SER OG   O  N N 351 
SER OXT  O  N N 352 
SER H    H  N N 353 
SER H2   H  N N 354 
SER HA   H  N N 355 
SER HB2  H  N N 356 
SER HB3  H  N N 357 
SER HG   H  N N 358 
SER HXT  H  N N 359 
THR N    N  N N 360 
THR CA   C  N S 361 
THR C    C  N N 362 
THR O    O  N N 363 
THR CB   C  N R 364 
THR OG1  O  N N 365 
THR CG2  C  N N 366 
THR OXT  O  N N 367 
THR H    H  N N 368 
THR H2   H  N N 369 
THR HA   H  N N 370 
THR HB   H  N N 371 
THR HG1  H  N N 372 
THR HG21 H  N N 373 
THR HG22 H  N N 374 
THR HG23 H  N N 375 
THR HXT  H  N N 376 
TRP N    N  N N 377 
TRP CA   C  N S 378 
TRP C    C  N N 379 
TRP O    O  N N 380 
TRP CB   C  N N 381 
TRP CG   C  Y N 382 
TRP CD1  C  Y N 383 
TRP CD2  C  Y N 384 
TRP NE1  N  Y N 385 
TRP CE2  C  Y N 386 
TRP CE3  C  Y N 387 
TRP CZ2  C  Y N 388 
TRP CZ3  C  Y N 389 
TRP CH2  C  Y N 390 
TRP OXT  O  N N 391 
TRP H    H  N N 392 
TRP H2   H  N N 393 
TRP HA   H  N N 394 
TRP HB2  H  N N 395 
TRP HB3  H  N N 396 
TRP HD1  H  N N 397 
TRP HE1  H  N N 398 
TRP HE3  H  N N 399 
TRP HZ2  H  N N 400 
TRP HZ3  H  N N 401 
TRP HH2  H  N N 402 
TRP HXT  H  N N 403 
TYR N    N  N N 404 
TYR CA   C  N S 405 
TYR C    C  N N 406 
TYR O    O  N N 407 
TYR CB   C  N N 408 
TYR CG   C  Y N 409 
TYR CD1  C  Y N 410 
TYR CD2  C  Y N 411 
TYR CE1  C  Y N 412 
TYR CE2  C  Y N 413 
TYR CZ   C  Y N 414 
TYR OH   O  N N 415 
TYR OXT  O  N N 416 
TYR H    H  N N 417 
TYR H2   H  N N 418 
TYR HA   H  N N 419 
TYR HB2  H  N N 420 
TYR HB3  H  N N 421 
TYR HD1  H  N N 422 
TYR HD2  H  N N 423 
TYR HE1  H  N N 424 
TYR HE2  H  N N 425 
TYR HH   H  N N 426 
TYR HXT  H  N N 427 
VAL N    N  N N 428 
VAL CA   C  N S 429 
VAL C    C  N N 430 
VAL O    O  N N 431 
VAL CB   C  N N 432 
VAL CG1  C  N N 433 
VAL CG2  C  N N 434 
VAL OXT  O  N N 435 
VAL H    H  N N 436 
VAL H2   H  N N 437 
VAL HA   H  N N 438 
VAL HB   H  N N 439 
VAL HG11 H  N N 440 
VAL HG12 H  N N 441 
VAL HG13 H  N N 442 
VAL HG21 H  N N 443 
VAL HG22 H  N N 444 
VAL HG23 H  N N 445 
VAL HXT  H  N N 446 
# 
loop_
_chem_comp_bond.comp_id 
_chem_comp_bond.atom_id_1 
_chem_comp_bond.atom_id_2 
_chem_comp_bond.value_order 
_chem_comp_bond.pdbx_aromatic_flag 
_chem_comp_bond.pdbx_stereo_config 
_chem_comp_bond.pdbx_ordinal 
ACT C   O    doub N N 1   
ACT C   OXT  sing N N 2   
ACT C   CH3  sing N N 3   
ACT CH3 H1   sing N N 4   
ACT CH3 H2   sing N N 5   
ACT CH3 H3   sing N N 6   
ALA N   CA   sing N N 7   
ALA N   H    sing N N 8   
ALA N   H2   sing N N 9   
ALA CA  C    sing N N 10  
ALA CA  CB   sing N N 11  
ALA CA  HA   sing N N 12  
ALA C   O    doub N N 13  
ALA C   OXT  sing N N 14  
ALA CB  HB1  sing N N 15  
ALA CB  HB2  sing N N 16  
ALA CB  HB3  sing N N 17  
ALA OXT HXT  sing N N 18  
ARG N   CA   sing N N 19  
ARG N   H    sing N N 20  
ARG N   H2   sing N N 21  
ARG CA  C    sing N N 22  
ARG CA  CB   sing N N 23  
ARG CA  HA   sing N N 24  
ARG C   O    doub N N 25  
ARG C   OXT  sing N N 26  
ARG CB  CG   sing N N 27  
ARG CB  HB2  sing N N 28  
ARG CB  HB3  sing N N 29  
ARG CG  CD   sing N N 30  
ARG CG  HG2  sing N N 31  
ARG CG  HG3  sing N N 32  
ARG CD  NE   sing N N 33  
ARG CD  HD2  sing N N 34  
ARG CD  HD3  sing N N 35  
ARG NE  CZ   sing N N 36  
ARG NE  HE   sing N N 37  
ARG CZ  NH1  sing N N 38  
ARG CZ  NH2  doub N N 39  
ARG NH1 HH11 sing N N 40  
ARG NH1 HH12 sing N N 41  
ARG NH2 HH21 sing N N 42  
ARG NH2 HH22 sing N N 43  
ARG OXT HXT  sing N N 44  
ASN N   CA   sing N N 45  
ASN N   H    sing N N 46  
ASN N   H2   sing N N 47  
ASN CA  C    sing N N 48  
ASN CA  CB   sing N N 49  
ASN CA  HA   sing N N 50  
ASN C   O    doub N N 51  
ASN C   OXT  sing N N 52  
ASN CB  CG   sing N N 53  
ASN CB  HB2  sing N N 54  
ASN CB  HB3  sing N N 55  
ASN CG  OD1  doub N N 56  
ASN CG  ND2  sing N N 57  
ASN ND2 HD21 sing N N 58  
ASN ND2 HD22 sing N N 59  
ASN OXT HXT  sing N N 60  
ASP N   CA   sing N N 61  
ASP N   H    sing N N 62  
ASP N   H2   sing N N 63  
ASP CA  C    sing N N 64  
ASP CA  CB   sing N N 65  
ASP CA  HA   sing N N 66  
ASP C   O    doub N N 67  
ASP C   OXT  sing N N 68  
ASP CB  CG   sing N N 69  
ASP CB  HB2  sing N N 70  
ASP CB  HB3  sing N N 71  
ASP CG  OD1  doub N N 72  
ASP CG  OD2  sing N N 73  
ASP OD2 HD2  sing N N 74  
ASP OXT HXT  sing N N 75  
CYS N   CA   sing N N 76  
CYS N   H    sing N N 77  
CYS N   H2   sing N N 78  
CYS CA  C    sing N N 79  
CYS CA  CB   sing N N 80  
CYS CA  HA   sing N N 81  
CYS C   O    doub N N 82  
CYS C   OXT  sing N N 83  
CYS CB  SG   sing N N 84  
CYS CB  HB2  sing N N 85  
CYS CB  HB3  sing N N 86  
CYS SG  HG   sing N N 87  
CYS OXT HXT  sing N N 88  
DMS S   O    doub N N 89  
DMS S   C1   sing N N 90  
DMS S   C2   sing N N 91  
DMS C1  H11  sing N N 92  
DMS C1  H12  sing N N 93  
DMS C1  H13  sing N N 94  
DMS C2  H21  sing N N 95  
DMS C2  H22  sing N N 96  
DMS C2  H23  sing N N 97  
EDO C1  O1   sing N N 98  
EDO C1  C2   sing N N 99  
EDO C1  H11  sing N N 100 
EDO C1  H12  sing N N 101 
EDO O1  HO1  sing N N 102 
EDO C2  O2   sing N N 103 
EDO C2  H21  sing N N 104 
EDO C2  H22  sing N N 105 
EDO O2  HO2  sing N N 106 
GLN N   CA   sing N N 107 
GLN N   H    sing N N 108 
GLN N   H2   sing N N 109 
GLN CA  C    sing N N 110 
GLN CA  CB   sing N N 111 
GLN CA  HA   sing N N 112 
GLN C   O    doub N N 113 
GLN C   OXT  sing N N 114 
GLN CB  CG   sing N N 115 
GLN CB  HB2  sing N N 116 
GLN CB  HB3  sing N N 117 
GLN CG  CD   sing N N 118 
GLN CG  HG2  sing N N 119 
GLN CG  HG3  sing N N 120 
GLN CD  OE1  doub N N 121 
GLN CD  NE2  sing N N 122 
GLN NE2 HE21 sing N N 123 
GLN NE2 HE22 sing N N 124 
GLN OXT HXT  sing N N 125 
GLU N   CA   sing N N 126 
GLU N   H    sing N N 127 
GLU N   H2   sing N N 128 
GLU CA  C    sing N N 129 
GLU CA  CB   sing N N 130 
GLU CA  HA   sing N N 131 
GLU C   O    doub N N 132 
GLU C   OXT  sing N N 133 
GLU CB  CG   sing N N 134 
GLU CB  HB2  sing N N 135 
GLU CB  HB3  sing N N 136 
GLU CG  CD   sing N N 137 
GLU CG  HG2  sing N N 138 
GLU CG  HG3  sing N N 139 
GLU CD  OE1  doub N N 140 
GLU CD  OE2  sing N N 141 
GLU OE2 HE2  sing N N 142 
GLU OXT HXT  sing N N 143 
GLY N   CA   sing N N 144 
GLY N   H    sing N N 145 
GLY N   H2   sing N N 146 
GLY CA  C    sing N N 147 
GLY CA  HA2  sing N N 148 
GLY CA  HA3  sing N N 149 
GLY C   O    doub N N 150 
GLY C   OXT  sing N N 151 
GLY OXT HXT  sing N N 152 
HIS N   CA   sing N N 153 
HIS N   H    sing N N 154 
HIS N   H2   sing N N 155 
HIS CA  C    sing N N 156 
HIS CA  CB   sing N N 157 
HIS CA  HA   sing N N 158 
HIS C   O    doub N N 159 
HIS C   OXT  sing N N 160 
HIS CB  CG   sing N N 161 
HIS CB  HB2  sing N N 162 
HIS CB  HB3  sing N N 163 
HIS CG  ND1  sing Y N 164 
HIS CG  CD2  doub Y N 165 
HIS ND1 CE1  doub Y N 166 
HIS ND1 HD1  sing N N 167 
HIS CD2 NE2  sing Y N 168 
HIS CD2 HD2  sing N N 169 
HIS CE1 NE2  sing Y N 170 
HIS CE1 HE1  sing N N 171 
HIS NE2 HE2  sing N N 172 
HIS OXT HXT  sing N N 173 
HOH O   H1   sing N N 174 
HOH O   H2   sing N N 175 
ILE N   CA   sing N N 176 
ILE N   H    sing N N 177 
ILE N   H2   sing N N 178 
ILE CA  C    sing N N 179 
ILE CA  CB   sing N N 180 
ILE CA  HA   sing N N 181 
ILE C   O    doub N N 182 
ILE C   OXT  sing N N 183 
ILE CB  CG1  sing N N 184 
ILE CB  CG2  sing N N 185 
ILE CB  HB   sing N N 186 
ILE CG1 CD1  sing N N 187 
ILE CG1 HG12 sing N N 188 
ILE CG1 HG13 sing N N 189 
ILE CG2 HG21 sing N N 190 
ILE CG2 HG22 sing N N 191 
ILE CG2 HG23 sing N N 192 
ILE CD1 HD11 sing N N 193 
ILE CD1 HD12 sing N N 194 
ILE CD1 HD13 sing N N 195 
ILE OXT HXT  sing N N 196 
LEU N   CA   sing N N 197 
LEU N   H    sing N N 198 
LEU N   H2   sing N N 199 
LEU CA  C    sing N N 200 
LEU CA  CB   sing N N 201 
LEU CA  HA   sing N N 202 
LEU C   O    doub N N 203 
LEU C   OXT  sing N N 204 
LEU CB  CG   sing N N 205 
LEU CB  HB2  sing N N 206 
LEU CB  HB3  sing N N 207 
LEU CG  CD1  sing N N 208 
LEU CG  CD2  sing N N 209 
LEU CG  HG   sing N N 210 
LEU CD1 HD11 sing N N 211 
LEU CD1 HD12 sing N N 212 
LEU CD1 HD13 sing N N 213 
LEU CD2 HD21 sing N N 214 
LEU CD2 HD22 sing N N 215 
LEU CD2 HD23 sing N N 216 
LEU OXT HXT  sing N N 217 
LJD N2  N1   sing Y N 218 
LJD N2  C4   doub Y N 219 
LJD C1  N1   sing N N 220 
LJD N1  C2   sing Y N 221 
LJD C4  C3   sing Y N 222 
LJD C2  C3   doub Y N 223 
LJD C3  C5   sing N N 224 
LJD C5  N3   sing N N 225 
LJD C5  O1   doub N N 226 
LJD N3  C6   sing N N 227 
LJD C6  C7   sing N N 228 
LJD C7  C12  doub Y N 229 
LJD C7  C8   sing Y N 230 
LJD C12 C11  sing Y N 231 
LJD C8  C9   doub Y N 232 
LJD C11 C10  doub Y N 233 
LJD C9  C10  sing Y N 234 
LJD C10 CL1  sing N N 235 
LJD N3  H1   sing N N 236 
LJD C4  H2   sing N N 237 
LJD C6  H3   sing N N 238 
LJD C6  H4   sing N N 239 
LJD C8  H5   sing N N 240 
LJD C1  H6   sing N N 241 
LJD C1  H7   sing N N 242 
LJD C1  H8   sing N N 243 
LJD C11 H9   sing N N 244 
LJD C12 H10  sing N N 245 
LJD C2  H11  sing N N 246 
LJD C9  H12  sing N N 247 
LYS N   CA   sing N N 248 
LYS N   H    sing N N 249 
LYS N   H2   sing N N 250 
LYS CA  C    sing N N 251 
LYS CA  CB   sing N N 252 
LYS CA  HA   sing N N 253 
LYS C   O    doub N N 254 
LYS C   OXT  sing N N 255 
LYS CB  CG   sing N N 256 
LYS CB  HB2  sing N N 257 
LYS CB  HB3  sing N N 258 
LYS CG  CD   sing N N 259 
LYS CG  HG2  sing N N 260 
LYS CG  HG3  sing N N 261 
LYS CD  CE   sing N N 262 
LYS CD  HD2  sing N N 263 
LYS CD  HD3  sing N N 264 
LYS CE  NZ   sing N N 265 
LYS CE  HE2  sing N N 266 
LYS CE  HE3  sing N N 267 
LYS NZ  HZ1  sing N N 268 
LYS NZ  HZ2  sing N N 269 
LYS NZ  HZ3  sing N N 270 
LYS OXT HXT  sing N N 271 
MET N   CA   sing N N 272 
MET N   H    sing N N 273 
MET N   H2   sing N N 274 
MET CA  C    sing N N 275 
MET CA  CB   sing N N 276 
MET CA  HA   sing N N 277 
MET C   O    doub N N 278 
MET C   OXT  sing N N 279 
MET CB  CG   sing N N 280 
MET CB  HB2  sing N N 281 
MET CB  HB3  sing N N 282 
MET CG  SD   sing N N 283 
MET CG  HG2  sing N N 284 
MET CG  HG3  sing N N 285 
MET SD  CE   sing N N 286 
MET CE  HE1  sing N N 287 
MET CE  HE2  sing N N 288 
MET CE  HE3  sing N N 289 
MET OXT HXT  sing N N 290 
PHE N   CA   sing N N 291 
PHE N   H    sing N N 292 
PHE N   H2   sing N N 293 
PHE CA  C    sing N N 294 
PHE CA  CB   sing N N 295 
PHE CA  HA   sing N N 296 
PHE C   O    doub N N 297 
PHE C   OXT  sing N N 298 
PHE CB  CG   sing N N 299 
PHE CB  HB2  sing N N 300 
PHE CB  HB3  sing N N 301 
PHE CG  CD1  doub Y N 302 
PHE CG  CD2  sing Y N 303 
PHE CD1 CE1  sing Y N 304 
PHE CD1 HD1  sing N N 305 
PHE CD2 CE2  doub Y N 306 
PHE CD2 HD2  sing N N 307 
PHE CE1 CZ   doub Y N 308 
PHE CE1 HE1  sing N N 309 
PHE CE2 CZ   sing Y N 310 
PHE CE2 HE2  sing N N 311 
PHE CZ  HZ   sing N N 312 
PHE OXT HXT  sing N N 313 
PRO N   CA   sing N N 314 
PRO N   CD   sing N N 315 
PRO N   H    sing N N 316 
PRO CA  C    sing N N 317 
PRO CA  CB   sing N N 318 
PRO CA  HA   sing N N 319 
PRO C   O    doub N N 320 
PRO C   OXT  sing N N 321 
PRO CB  CG   sing N N 322 
PRO CB  HB2  sing N N 323 
PRO CB  HB3  sing N N 324 
PRO CG  CD   sing N N 325 
PRO CG  HG2  sing N N 326 
PRO CG  HG3  sing N N 327 
PRO CD  HD2  sing N N 328 
PRO CD  HD3  sing N N 329 
PRO OXT HXT  sing N N 330 
SER N   CA   sing N N 331 
SER N   H    sing N N 332 
SER N   H2   sing N N 333 
SER CA  C    sing N N 334 
SER CA  CB   sing N N 335 
SER CA  HA   sing N N 336 
SER C   O    doub N N 337 
SER C   OXT  sing N N 338 
SER CB  OG   sing N N 339 
SER CB  HB2  sing N N 340 
SER CB  HB3  sing N N 341 
SER OG  HG   sing N N 342 
SER OXT HXT  sing N N 343 
THR N   CA   sing N N 344 
THR N   H    sing N N 345 
THR N   H2   sing N N 346 
THR CA  C    sing N N 347 
THR CA  CB   sing N N 348 
THR CA  HA   sing N N 349 
THR C   O    doub N N 350 
THR C   OXT  sing N N 351 
THR CB  OG1  sing N N 352 
THR CB  CG2  sing N N 353 
THR CB  HB   sing N N 354 
THR OG1 HG1  sing N N 355 
THR CG2 HG21 sing N N 356 
THR CG2 HG22 sing N N 357 
THR CG2 HG23 sing N N 358 
THR OXT HXT  sing N N 359 
TRP N   CA   sing N N 360 
TRP N   H    sing N N 361 
TRP N   H2   sing N N 362 
TRP CA  C    sing N N 363 
TRP CA  CB   sing N N 364 
TRP CA  HA   sing N N 365 
TRP C   O    doub N N 366 
TRP C   OXT  sing N N 367 
TRP CB  CG   sing N N 368 
TRP CB  HB2  sing N N 369 
TRP CB  HB3  sing N N 370 
TRP CG  CD1  doub Y N 371 
TRP CG  CD2  sing Y N 372 
TRP CD1 NE1  sing Y N 373 
TRP CD1 HD1  sing N N 374 
TRP CD2 CE2  doub Y N 375 
TRP CD2 CE3  sing Y N 376 
TRP NE1 CE2  sing Y N 377 
TRP NE1 HE1  sing N N 378 
TRP CE2 CZ2  sing Y N 379 
TRP CE3 CZ3  doub Y N 380 
TRP CE3 HE3  sing N N 381 
TRP CZ2 CH2  doub Y N 382 
TRP CZ2 HZ2  sing N N 383 
TRP CZ3 CH2  sing Y N 384 
TRP CZ3 HZ3  sing N N 385 
TRP CH2 HH2  sing N N 386 
TRP OXT HXT  sing N N 387 
TYR N   CA   sing N N 388 
TYR N   H    sing N N 389 
TYR N   H2   sing N N 390 
TYR CA  C    sing N N 391 
TYR CA  CB   sing N N 392 
TYR CA  HA   sing N N 393 
TYR C   O    doub N N 394 
TYR C   OXT  sing N N 395 
TYR CB  CG   sing N N 396 
TYR CB  HB2  sing N N 397 
TYR CB  HB3  sing N N 398 
TYR CG  CD1  doub Y N 399 
TYR CG  CD2  sing Y N 400 
TYR CD1 CE1  sing Y N 401 
TYR CD1 HD1  sing N N 402 
TYR CD2 CE2  doub Y N 403 
TYR CD2 HD2  sing N N 404 
TYR CE1 CZ   doub Y N 405 
TYR CE1 HE1  sing N N 406 
TYR CE2 CZ   sing Y N 407 
TYR CE2 HE2  sing N N 408 
TYR CZ  OH   sing N N 409 
TYR OH  HH   sing N N 410 
TYR OXT HXT  sing N N 411 
VAL N   CA   sing N N 412 
VAL N   H    sing N N 413 
VAL N   H2   sing N N 414 
VAL CA  C    sing N N 415 
VAL CA  CB   sing N N 416 
VAL CA  HA   sing N N 417 
VAL C   O    doub N N 418 
VAL C   OXT  sing N N 419 
VAL CB  CG1  sing N N 420 
VAL CB  CG2  sing N N 421 
VAL CB  HB   sing N N 422 
VAL CG1 HG11 sing N N 423 
VAL CG1 HG12 sing N N 424 
VAL CG1 HG13 sing N N 425 
VAL CG2 HG21 sing N N 426 
VAL CG2 HG22 sing N N 427 
VAL CG2 HG23 sing N N 428 
VAL OXT HXT  sing N N 429 
# 
_pdbx_deposit_group.group_id            G_1002061 
_pdbx_deposit_group.group_description   
;XDomainX of XOrganismX DCP2 (NUDT20) screened against the XXX Fragment Library by X-ray Crystallography at the XChem facility of Diamond Light Source beamline I04-1
;
_pdbx_deposit_group.group_title         'PanDDA analysis group deposition' 
_pdbx_deposit_group.group_type          'changed state' 
# 
_pdbx_related_exp_data_set.ordinal              1 
_pdbx_related_exp_data_set.data_reference       10.5281/zenodo.1437589 
_pdbx_related_exp_data_set.metadata_reference   10.5281/zenodo.1437589 
_pdbx_related_exp_data_set.data_set_type        'other data' 
_pdbx_related_exp_data_set.details              'Complete PanDDA analysis' 
# 
_atom_sites.entry_id                    5QP9 
_atom_sites.fract_transf_matrix[1][1]   -0.00237614 
_atom_sites.fract_transf_matrix[1][2]   0.00830016 
_atom_sites.fract_transf_matrix[1][3]   0.01876847 
_atom_sites.fract_transf_matrix[2][1]   0.01339301 
_atom_sites.fract_transf_matrix[2][2]   0.00941318 
_atom_sites.fract_transf_matrix[2][3]   -0.00246729 
_atom_sites.fract_transf_matrix[3][1]   -0.00879021 
_atom_sites.fract_transf_matrix[3][2]   0.01094614 
_atom_sites.fract_transf_matrix[3][3]   -0.00595368 
_atom_sites.fract_transf_vector[1]      -0.884362 
_atom_sites.fract_transf_vector[2]      0.224054 
_atom_sites.fract_transf_vector[3]      1.165946 
# 
loop_
_atom_type.symbol 
C  
CL 
N  
O  
S  
# 
loop_
_atom_site.group_PDB 
_atom_site.id 
_atom_site.type_symbol 
_atom_site.label_atom_id 
_atom_site.label_alt_id 
_atom_site.label_comp_id 
_atom_site.label_asym_id 
_atom_site.label_entity_id 
_atom_site.label_seq_id 
_atom_site.pdbx_PDB_ins_code 
_atom_site.Cartn_x 
_atom_site.Cartn_y 
_atom_site.Cartn_z 
_atom_site.occupancy 
_atom_site.B_iso_or_equiv 
_atom_site.pdbx_formal_charge 
_atom_site.auth_seq_id 
_atom_site.auth_comp_id 
_atom_site.auth_asym_id 
_atom_site.auth_atom_id 
_atom_site.pdbx_PDB_model_num 
ATOM   1    N  N   . GLY A 1 3   ? -1.966  9.130   17.044  1.00 63.49 ? 96  GLY A N   1 
ATOM   2    C  CA  . GLY A 1 3   ? -1.968  9.749   15.678  1.00 63.46 ? 96  GLY A CA  1 
ATOM   3    C  C   . GLY A 1 3   ? -3.255  9.440   14.909  1.00 57.84 ? 96  GLY A C   1 
ATOM   4    O  O   . GLY A 1 3   ? -4.041  8.546   15.263  1.00 57.65 ? 96  GLY A O   1 
ATOM   5    N  N   . VAL A 1 4   ? -3.488  10.185  13.847  1.00 52.06 ? 97  VAL A N   1 
ATOM   6    C  CA  . VAL A 1 4   ? -4.749  10.063  13.123  1.00 49.86 ? 97  VAL A CA  1 
ATOM   7    C  C   . VAL A 1 4   ? -4.693  8.769   12.277  1.00 40.65 ? 97  VAL A C   1 
ATOM   8    O  O   . VAL A 1 4   ? -3.740  8.630   11.575  1.00 39.27 ? 97  VAL A O   1 
ATOM   9    C  CB  . VAL A 1 4   ? -4.912  11.246  12.156  1.00 56.37 ? 97  VAL A CB  1 
ATOM   10   C  CG1 . VAL A 1 4   ? -6.213  11.096  11.384  1.00 55.97 ? 97  VAL A CG1 1 
ATOM   11   C  CG2 . VAL A 1 4   ? -4.818  12.596  12.899  1.00 55.93 ? 97  VAL A CG2 1 
ATOM   12   N  N   . PRO A 1 5   ? -5.719  7.891   12.327  1.00 42.43 ? 98  PRO A N   1 
ATOM   13   C  CA  . PRO A 1 5   ? -5.656  6.677   11.478  1.00 37.39 ? 98  PRO A CA  1 
ATOM   14   C  C   . PRO A 1 5   ? -5.544  6.961   9.992   1.00 35.60 ? 98  PRO A C   1 
ATOM   15   O  O   . PRO A 1 5   ? -6.037  7.987   9.511   1.00 31.49 ? 98  PRO A O   1 
ATOM   16   C  CB  . PRO A 1 5   ? -6.939  5.921   11.795  1.00 42.99 ? 98  PRO A CB  1 
ATOM   17   C  CG  . PRO A 1 5   ? -7.541  6.625   12.990  1.00 42.28 ? 98  PRO A CG  1 
ATOM   18   C  CD  . PRO A 1 5   ? -6.878  7.900   13.232  1.00 39.85 ? 98  PRO A CD  1 
ATOM   19   N  N   . THR A 1 6   ? -4.843  6.073   9.261   1.00 31.29 ? 99  THR A N   1 
ATOM   20   C  CA  . THR A 1 6   ? -4.769  6.177   7.783   1.00 31.52 ? 99  THR A CA  1 
ATOM   21   C  C   . THR A 1 6   ? -5.470  4.963   7.133   1.00 27.01 ? 99  THR A C   1 
ATOM   22   O  O   . THR A 1 6   ? -5.540  3.885   7.704   1.00 28.69 ? 99  THR A O   1 
ATOM   23   C  CB  . THR A 1 6   ? -3.310  6.317   7.300   1.00 34.10 ? 99  THR A CB  1 
ATOM   24   O  OG1 . THR A 1 6   ? -2.585  5.181   7.753   1.00 29.52 ? 99  THR A OG1 1 
ATOM   25   C  CG2 . THR A 1 6   ? -2.662  7.549   7.881   1.00 34.22 ? 99  THR A CG2 1 
ATOM   26   N  N   . TYR A 1 7   ? -6.018  5.175   5.936   1.00 28.09 ? 100 TYR A N   1 
ATOM   27   C  CA  . TYR A 1 7   ? -6.710  4.186   5.249   1.00 25.83 ? 100 TYR A CA  1 
ATOM   28   C  C   . TYR A 1 7   ? -6.315  4.256   3.776   1.00 23.84 ? 100 TYR A C   1 
ATOM   29   O  O   . TYR A 1 7   ? -6.110  5.310   3.205   1.00 25.83 ? 100 TYR A O   1 
ATOM   30   C  CB  . TYR A 1 7   ? -8.301  4.360   5.400   1.00 28.29 ? 100 TYR A CB  1 
ATOM   31   C  CG  . TYR A 1 7   ? -8.775  4.208   6.800   1.00 27.89 ? 100 TYR A CG  1 
ATOM   32   C  CD1 . TYR A 1 7   ? -8.941  2.998   7.377   1.00 31.06 ? 100 TYR A CD1 1 
ATOM   33   C  CD2 . TYR A 1 7   ? -9.071  5.349   7.550   1.00 31.50 ? 100 TYR A CD2 1 
ATOM   34   C  CE1 . TYR A 1 7   ? -9.305  2.854   8.738   1.00 35.36 ? 100 TYR A CE1 1 
ATOM   35   C  CE2 . TYR A 1 7   ? -9.424  5.243   8.905   1.00 31.70 ? 100 TYR A CE2 1 
ATOM   36   C  CZ  . TYR A 1 7   ? -9.607  4.016   9.467   1.00 35.64 ? 100 TYR A CZ  1 
ATOM   37   O  OH  . TYR A 1 7   ? -9.977  4.027   10.807  1.00 43.29 ? 100 TYR A OH  1 
ATOM   38   N  N   . GLY A 1 8   ? -6.307  3.107   3.135   1.00 22.95 ? 101 GLY A N   1 
ATOM   39   C  CA  . GLY A 1 8   ? -5.986  3.027   1.706   1.00 23.05 ? 101 GLY A CA  1 
ATOM   40   C  C   . GLY A 1 8   ? -6.217  1.641   1.181   1.00 22.92 ? 101 GLY A C   1 
ATOM   41   O  O   . GLY A 1 8   ? -7.083  0.891   1.657   1.00 23.84 ? 101 GLY A O   1 
ATOM   42   N  N   . ALA A 1 9   ? -5.438  1.225   0.176   1.00 21.04 ? 102 ALA A N   1 
ATOM   43   C  CA  . ALA A 1 9   ? -5.667  -0.066  -0.465  1.00 22.11 ? 102 ALA A CA  1 
ATOM   44   C  C   . ALA A 1 9   ? -4.402  -0.721  -0.934  1.00 21.69 ? 102 ALA A C   1 
ATOM   45   O  O   . ALA A 1 9   ? -3.448  -0.078  -1.337  1.00 21.58 ? 102 ALA A O   1 
ATOM   46   C  CB  . ALA A 1 9   ? -6.614  -0.003  -1.665  1.00 24.29 ? 102 ALA A CB  1 
ATOM   47   N  N   . ILE A 1 10  ? -4.468  -2.031  -0.877  1.00 20.78 ? 103 ILE A N   1 
ATOM   48   C  CA  . ILE A 1 10  ? -3.565  -2.902  -1.615  1.00 20.03 ? 103 ILE A CA  1 
ATOM   49   C  C   . ILE A 1 10  ? -4.294  -3.435  -2.803  1.00 20.74 ? 103 ILE A C   1 
ATOM   50   O  O   . ILE A 1 10  ? -5.182  -4.351  -2.644  1.00 22.63 ? 103 ILE A O   1 
ATOM   51   C  CB  . ILE A 1 10  ? -3.109  -4.051  -0.702  1.00 21.25 ? 103 ILE A CB  1 
ATOM   52   C  CG1 . ILE A 1 10  ? -2.325  -3.556  0.461   1.00 21.95 ? 103 ILE A CG1 1 
ATOM   53   C  CG2 . ILE A 1 10  ? -2.316  -5.052  -1.499  1.00 23.80 ? 103 ILE A CG2 1 
ATOM   54   C  CD1 . ILE A 1 10  ? -2.089  -4.618  1.587   1.00 26.45 ? 103 ILE A CD1 1 
ATOM   55   N  N   . ILE A 1 11  ? -3.919  -2.984  -4.001  1.00 20.77 ? 104 ILE A N   1 
ATOM   56   C  CA  . ILE A 1 11  ? -4.525  -3.333  -5.224  1.00 21.77 ? 104 ILE A CA  1 
ATOM   57   C  C   . ILE A 1 11  ? -3.650  -4.370  -5.844  1.00 21.96 ? 104 ILE A C   1 
ATOM   58   O  O   . ILE A 1 11  ? -2.455  -4.144  -6.021  1.00 21.50 ? 104 ILE A O   1 
ATOM   59   C  CB  . ILE A 1 11  ? -4.683  -2.094  -6.141  1.00 21.91 ? 104 ILE A CB  1 
ATOM   60   C  CG1 . ILE A 1 11  ? -5.704  -1.120  -5.545  1.00 23.17 ? 104 ILE A CG1 1 
ATOM   61   C  CG2 . ILE A 1 11  ? -5.107  -2.463  -7.525  1.00 24.25 ? 104 ILE A CG2 1 
ATOM   62   C  CD1 . ILE A 1 11  ? -5.604  0.325   -6.050  1.00 24.03 ? 104 ILE A CD1 1 
ATOM   63   N  N   . LEU A 1 12  ? -4.253  -5.502  -6.195  1.00 21.55 ? 105 LEU A N   1 
ATOM   64   C  CA  . LEU A 1 12  ? -3.605  -6.525  -6.969  1.00 20.74 ? 105 LEU A CA  1 
ATOM   65   C  C   . LEU A 1 12  ? -4.225  -6.681  -8.359  1.00 21.57 ? 105 LEU A C   1 
ATOM   66   O  O   . LEU A 1 12  ? -5.448  -6.469  -8.614  1.00 21.85 ? 105 LEU A O   1 
ATOM   67   C  CB  . LEU A 1 12  ? -3.715  -7.879  -6.272  1.00 24.13 ? 105 LEU A CB  1 
ATOM   68   C  CG  . LEU A 1 12  ? -3.095  -7.911  -4.878  1.00 27.51 ? 105 LEU A CG  1 
ATOM   69   C  CD1 . LEU A 1 12  ? -4.060  -7.578  -3.808  1.00 33.34 ? 105 LEU A CD1 1 
ATOM   70   C  CD2 . LEU A 1 12  ? -2.376  -9.194  -4.547  1.00 36.21 ? 105 LEU A CD2 1 
ATOM   71   N  N   . ASP A 1 13  ? -3.411  -7.276  -9.232  1.00 24.00 ? 106 ASP A N   1 
ATOM   72   C  CA  . ASP A 1 13  ? -3.858  -7.549  -10.559 1.00 25.34 ? 106 ASP A CA  1 
ATOM   73   C  C   . ASP A 1 13  ? -4.610  -8.877  -10.600 1.00 24.17 ? 106 ASP A C   1 
ATOM   74   O  O   . ASP A 1 13  ? -4.875  -9.490  -9.615  1.00 24.45 ? 106 ASP A O   1 
ATOM   75   C  CB  . ASP A 1 13  ? -2.671  -7.505  -11.531 1.00 28.35 ? 106 ASP A CB  1 
ATOM   76   C  CG  . ASP A 1 13  ? -1.664  -8.639  -11.317 1.00 32.88 ? 106 ASP A CG  1 
ATOM   77   O  OD1 . ASP A 1 13  ? -1.598  -9.279  -10.225 1.00 32.92 ? 106 ASP A OD1 1 
ATOM   78   O  OD2 . ASP A 1 13  ? -0.891  -8.767  -12.257 1.00 39.68 ? 106 ASP A OD2 1 
ATOM   79   N  N   . GLU A 1 14  ? -4.914  -9.314  -11.788 1.00 25.30 ? 107 GLU A N   1 
ATOM   80   C  CA  . GLU A 1 14  ? -5.717  -10.490 -11.948 1.00 29.49 ? 107 GLU A CA  1 
ATOM   81   C  C   . GLU A 1 14  ? -4.978  -11.790 -11.659 1.00 29.96 ? 107 GLU A C   1 
ATOM   82   O  O   . GLU A 1 14  ? -5.595  -12.779 -11.330 1.00 28.76 ? 107 GLU A O   1 
ATOM   83   C  CB  . GLU A 1 14  ? -6.343  -10.557 -13.376 1.00 37.53 ? 107 GLU A CB  1 
ATOM   84   C  CG  . GLU A 1 14  ? -5.358  -10.669 -14.503 1.00 42.53 ? 107 GLU A CG  1 
ATOM   85   C  CD  . GLU A 1 14  ? -5.109  -9.323  -15.150 1.00 55.52 ? 107 GLU A CD  1 
ATOM   86   O  OE1 . GLU A 1 14  ? -4.407  -8.504  -14.526 1.00 43.16 ? 107 GLU A OE1 1 
ATOM   87   O  OE2 . GLU A 1 14  ? -5.630  -9.044  -16.272 1.00 70.21 ? 107 GLU A OE2 1 
ATOM   88   N  N   . THR A 1 15  ? -3.629  -11.761 -11.748 1.00 28.50 ? 108 THR A N   1 
ATOM   89   C  CA  . THR A 1 15  ? -2.836  -12.914 -11.516 1.00 27.58 ? 108 THR A CA  1 
ATOM   90   C  C   . THR A 1 15  ? -2.511  -13.122 -10.067 1.00 28.46 ? 108 THR A C   1 
ATOM   91   O  O   . THR A 1 15  ? -2.054  -14.175 -9.666  1.00 29.59 ? 108 THR A O   1 
ATOM   92   C  CB  . THR A 1 15  ? -1.477  -12.808 -12.250 1.00 33.55 ? 108 THR A CB  1 
ATOM   93   O  OG1 . THR A 1 15  ? -0.643  -11.926 -11.552 1.00 31.06 ? 108 THR A OG1 1 
ATOM   94   C  CG2 . THR A 1 15  ? -1.571  -12.387 -13.649 1.00 39.32 ? 108 THR A CG2 1 
ATOM   95   N  N   . LEU A 1 16  ? -2.745  -12.077 -9.266  1.00 26.86 ? 109 LEU A N   1 
ATOM   96   C  CA  . LEU A 1 16  ? -2.431  -11.973 -7.835  1.00 25.75 ? 109 LEU A CA  1 
ATOM   97   C  C   . LEU A 1 16  ? -0.899  -11.935 -7.542  1.00 26.53 ? 109 LEU A C   1 
ATOM   98   O  O   . LEU A 1 16  ? -0.501  -12.090 -6.355  1.00 34.07 ? 109 LEU A O   1 
ATOM   99   C  CB  . LEU A 1 16  ? -3.034  -13.053 -6.940  1.00 28.37 ? 109 LEU A CB  1 
ATOM   100  C  CG  . LEU A 1 16  ? -4.512  -13.289 -7.199  1.00 31.21 ? 109 LEU A CG  1 
ATOM   101  C  CD1 . LEU A 1 16  ? -4.963  -14.609 -6.637  1.00 34.47 ? 109 LEU A CD1 1 
ATOM   102  C  CD2 . LEU A 1 16  ? -5.257  -12.088 -6.619  1.00 32.59 ? 109 LEU A CD2 1 
ATOM   103  N  N   A GLU A 1 17  ? -0.135  -11.729 -8.611  0.25 26.58 ? 110 GLU A N   1 
ATOM   104  N  N   B GLU A 1 17  ? -0.080  -11.694 -8.523  0.25 27.07 ? 110 GLU A N   1 
ATOM   105  C  CA  A GLU A 1 17  ? 1.344   -11.672 -8.625  0.25 28.83 ? 110 GLU A CA  1 
ATOM   106  C  CA  B GLU A 1 17  ? 1.362   -11.669 -8.276  0.25 29.61 ? 110 GLU A CA  1 
ATOM   107  C  C   A GLU A 1 17  ? 1.832   -10.291 -8.184  0.25 28.06 ? 110 GLU A C   1 
ATOM   108  C  C   B GLU A 1 17  ? 1.964   -10.256 -8.425  0.25 28.45 ? 110 GLU A C   1 
ATOM   109  O  O   A GLU A 1 17  ? 2.833   -10.191 -7.439  0.25 23.06 ? 110 GLU A O   1 
ATOM   110  O  O   B GLU A 1 17  ? 3.188   -10.066 -8.313  0.25 22.53 ? 110 GLU A O   1 
ATOM   111  C  CB  A GLU A 1 17  ? 1.925   -11.878 -10.048 0.25 29.96 ? 110 GLU A CB  1 
ATOM   112  C  CB  B GLU A 1 17  ? 2.012   -12.694 -9.181  0.25 31.16 ? 110 GLU A CB  1 
ATOM   113  C  CG  A GLU A 1 17  ? 1.888   -13.303 -10.612 0.25 32.01 ? 110 GLU A CG  1 
ATOM   114  C  CG  B GLU A 1 17  ? 1.414   -14.063 -8.940  0.25 34.00 ? 110 GLU A CG  1 
ATOM   115  C  CD  A GLU A 1 17  ? 2.316   -13.405 -12.082 0.25 35.26 ? 110 GLU A CD  1 
ATOM   116  C  CD  B GLU A 1 17  ? 2.331   -15.188 -9.301  0.25 38.39 ? 110 GLU A CD  1 
ATOM   117  O  OE1 A GLU A 1 17  ? 1.661   -12.818 -12.970 0.25 34.85 ? 110 GLU A OE1 1 
ATOM   118  O  OE1 B GLU A 1 17  ? 3.100   -15.048 -10.280 0.25 45.83 ? 110 GLU A OE1 1 
ATOM   119  O  OE2 A GLU A 1 17  ? 3.300   -14.122 -12.366 0.25 35.09 ? 110 GLU A OE2 1 
ATOM   120  O  OE2 B GLU A 1 17  ? 2.272   -16.220 -8.609  0.25 42.22 ? 110 GLU A OE2 1 
ATOM   121  N  N   . ASN A 1 18  ? 1.120   -9.257  -8.662  1.00 27.81 ? 111 ASN A N   1 
ATOM   122  C  CA  . ASN A 1 18  ? 1.566   -7.873  -8.660  1.00 26.57 ? 111 ASN A CA  1 
ATOM   123  C  C   . ASN A 1 18  ? 0.675   -7.001  -7.800  1.00 28.99 ? 111 ASN A C   1 
ATOM   124  O  O   . ASN A 1 18  ? -0.534  -7.219  -7.710  1.00 24.46 ? 111 ASN A O   1 
ATOM   125  C  CB  . ASN A 1 18  ? 1.643   -7.297  -10.053 1.00 30.57 ? 111 ASN A CB  1 
ATOM   126  C  CG  . ASN A 1 18  ? 2.546   -8.128  -10.977 1.00 38.01 ? 111 ASN A CG  1 
ATOM   127  O  OD1 . ASN A 1 18  ? 3.763   -8.208  -10.768 1.00 37.24 ? 111 ASN A OD1 1 
ATOM   128  N  ND2 . ASN A 1 18  ? 1.955   -8.821  -11.876 1.00 35.32 ? 111 ASN A ND2 1 
ATOM   129  N  N   . VAL A 1 19  ? 1.309   -5.998  -7.209  1.00 25.08 ? 112 VAL A N   1 
ATOM   130  C  CA  . VAL A 1 19  ? 0.637   -5.003  -6.395  1.00 20.28 ? 112 VAL A CA  1 
ATOM   131  C  C   . VAL A 1 19  ? 0.924   -3.613  -6.925  1.00 19.83 ? 112 VAL A C   1 
ATOM   132  O  O   . VAL A 1 19  ? 2.027   -3.340  -7.388  1.00 20.44 ? 112 VAL A O   1 
ATOM   133  C  CB  . VAL A 1 19  ? 1.047   -5.044  -4.893  1.00 24.07 ? 112 VAL A CB  1 
ATOM   134  C  CG1 . VAL A 1 19  ? 0.520   -6.283  -4.174  1.00 28.27 ? 112 VAL A CG1 1 
ATOM   135  C  CG2 . VAL A 1 19  ? 2.588   -4.838  -4.644  1.00 21.57 ? 112 VAL A CG2 1 
ATOM   136  N  N   . LEU A 1 20  ? 0.018   -2.690  -6.677  1.00 18.47 ? 113 LEU A N   1 
ATOM   137  C  CA  . LEU A 1 20  ? 0.187   -1.308  -7.139  1.00 20.24 ? 113 LEU A CA  1 
ATOM   138  C  C   . LEU A 1 20  ? 0.774   -0.426  -6.008  1.00 21.00 ? 113 LEU A C   1 
ATOM   139  O  O   . LEU A 1 20  ? 0.214   -0.302  -4.974  1.00 21.78 ? 113 LEU A O   1 
ATOM   140  C  CB  . LEU A 1 20  ? -1.158  -0.759  -7.614  1.00 21.36 ? 113 LEU A CB  1 
ATOM   141  C  CG  . LEU A 1 20  ? -1.070  0.558   -8.460  1.00 20.89 ? 113 LEU A CG  1 
ATOM   142  C  CD1 . LEU A 1 20  ? -0.583  0.200   -9.892  1.00 21.78 ? 113 LEU A CD1 1 
ATOM   143  C  CD2 . LEU A 1 20  ? -2.395  1.194   -8.495  1.00 25.31 ? 113 LEU A CD2 1 
ATOM   144  N  N   . LEU A 1 21  ? 1.936   0.174   -6.252  1.00 20.37 ? 114 LEU A N   1 
ATOM   145  C  CA  . LEU A 1 21  ? 2.525   1.070   -5.321  1.00 20.47 ? 114 LEU A CA  1 
ATOM   146  C  C   . LEU A 1 21  ? 2.609   2.476   -6.009  1.00 20.62 ? 114 LEU A C   1 
ATOM   147  O  O   . LEU A 1 21  ? 2.550   2.633   -7.219  1.00 21.55 ? 114 LEU A O   1 
ATOM   148  C  CB  . LEU A 1 21  ? 3.917   0.636   -4.907  1.00 19.41 ? 114 LEU A CB  1 
ATOM   149  C  CG  . LEU A 1 21  ? 4.076   -0.743  -4.316  1.00 20.21 ? 114 LEU A CG  1 
ATOM   150  C  CD1 . LEU A 1 21  ? 5.510   -0.977  -3.789  1.00 22.07 ? 114 LEU A CD1 1 
ATOM   151  C  CD2 . LEU A 1 21  ? 3.180   -0.780  -3.074  1.00 24.44 ? 114 LEU A CD2 1 
ATOM   152  N  N   . VAL A 1 22  ? 2.659   3.469   -5.154  1.00 18.87 ? 115 VAL A N   1 
ATOM   153  C  CA  . VAL A 1 22  ? 2.801   4.842   -5.574  1.00 20.38 ? 115 VAL A CA  1 
ATOM   154  C  C   . VAL A 1 22  ? 4.072   5.439   -4.907  1.00 23.06 ? 115 VAL A C   1 
ATOM   155  O  O   . VAL A 1 22  ? 4.511   4.995   -3.848  1.00 20.58 ? 115 VAL A O   1 
ATOM   156  C  CB  . VAL A 1 22  ? 1.589   5.707   -5.273  1.00 23.24 ? 115 VAL A CB  1 
ATOM   157  C  CG1 . VAL A 1 22  ? 0.361   5.111   -5.944  1.00 24.23 ? 115 VAL A CG1 1 
ATOM   158  C  CG2 . VAL A 1 22  ? 1.361   5.862   -3.786  1.00 24.55 ? 115 VAL A CG2 1 
ATOM   159  N  N   . GLN A 1 23  ? 4.666   6.430   -5.583  1.00 21.75 ? 116 GLN A N   1 
ATOM   160  C  CA  . GLN A 1 23  ? 5.875   7.052   -5.166  1.00 21.02 ? 116 GLN A CA  1 
ATOM   161  C  C   . GLN A 1 23  ? 5.578   8.534   -4.953  1.00 22.10 ? 116 GLN A C   1 
ATOM   162  O  O   . GLN A 1 23  ? 5.014   9.167   -5.810  1.00 23.54 ? 116 GLN A O   1 
ATOM   163  C  CB  . GLN A 1 23  ? 6.988   6.890   -6.207  1.00 20.74 ? 116 GLN A CB  1 
ATOM   164  C  CG  . GLN A 1 23  ? 8.308   7.518   -5.855  1.00 22.29 ? 116 GLN A CG  1 
ATOM   165  C  CD  . GLN A 1 23  ? 9.278   7.290   -7.007  1.00 24.62 ? 116 GLN A CD  1 
ATOM   166  O  OE1 . GLN A 1 23  ? 8.870   7.359   -8.173  1.00 29.67 ? 116 GLN A OE1 1 
ATOM   167  N  NE2 . GLN A 1 23  ? 10.489  7.070   -6.702  1.00 27.15 ? 116 GLN A NE2 1 
ATOM   168  N  N   . GLY A 1 24  ? 5.833   9.009   -3.752  1.00 24.36 ? 117 GLY A N   1 
ATOM   169  C  CA  . GLY A 1 24  ? 5.608   10.438  -3.472  1.00 23.91 ? 117 GLY A CA  1 
ATOM   170  C  C   . GLY A 1 24  ? 6.882   11.252  -3.635  1.00 26.78 ? 117 GLY A C   1 
ATOM   171  O  O   . GLY A 1 24  ? 7.790   10.842  -4.263  1.00 26.19 ? 117 GLY A O   1 
ATOM   172  N  N   . TYR A 1 25  ? 6.909   12.376  -2.960  1.00 27.02 ? 118 TYR A N   1 
ATOM   173  C  CA  . TYR A 1 25  ? 8.020   13.282  -2.918  1.00 28.54 ? 118 TYR A CA  1 
ATOM   174  C  C   . TYR A 1 25  ? 8.484   13.571  -1.498  1.00 31.41 ? 118 TYR A C   1 
ATOM   175  O  O   . TYR A 1 25  ? 7.771   13.331  -0.512  1.00 29.69 ? 118 TYR A O   1 
ATOM   176  C  CB  . TYR A 1 25  ? 7.536   14.595  -3.491  1.00 26.25 ? 118 TYR A CB  1 
ATOM   177  C  CG  . TYR A 1 25  ? 7.204   14.573  -4.980  1.00 25.66 ? 118 TYR A CG  1 
ATOM   178  C  CD1 . TYR A 1 25  ? 8.214   14.442  -5.955  1.00 25.05 ? 118 TYR A CD1 1 
ATOM   179  C  CD2 . TYR A 1 25  ? 5.934   14.661  -5.408  1.00 24.20 ? 118 TYR A CD2 1 
ATOM   180  C  CE1 . TYR A 1 25  ? 7.883   14.418  -7.290  1.00 25.95 ? 118 TYR A CE1 1 
ATOM   181  C  CE2 . TYR A 1 25  ? 5.630   14.600  -6.763  1.00 25.40 ? 118 TYR A CE2 1 
ATOM   182  C  CZ  . TYR A 1 25  ? 6.587   14.501  -7.684  1.00 27.46 ? 118 TYR A CZ  1 
ATOM   183  O  OH  . TYR A 1 25  ? 6.339   14.479  -8.998  1.00 33.11 ? 118 TYR A OH  1 
ATOM   184  N  N   . LEU A 1 26  ? 9.754   13.986  -1.428  1.00 32.45 ? 119 LEU A N   1 
ATOM   185  C  CA  . LEU A 1 26  ? 10.387  14.434  -0.205  1.00 36.68 ? 119 LEU A CA  1 
ATOM   186  C  C   . LEU A 1 26  ? 10.354  13.372  0.903   1.00 35.92 ? 119 LEU A C   1 
ATOM   187  O  O   . LEU A 1 26  ? 10.990  12.391  0.784   1.00 36.76 ? 119 LEU A O   1 
ATOM   188  C  CB  . LEU A 1 26  ? 9.768   15.756  0.233   1.00 40.35 ? 119 LEU A CB  1 
ATOM   189  C  CG  . LEU A 1 26  ? 9.989   16.876  -0.816  1.00 44.84 ? 119 LEU A CG  1 
ATOM   190  C  CD1 . LEU A 1 26  ? 9.221   18.102  -0.358  1.00 46.07 ? 119 LEU A CD1 1 
ATOM   191  C  CD2 . LEU A 1 26  ? 11.491  17.149  -1.046  1.00 47.21 ? 119 LEU A CD2 1 
ATOM   192  N  N   . ALA A 1 27  ? 9.636   13.609  1.983   1.00 32.56 ? 120 ALA A N   1 
ATOM   193  C  CA  . ALA A 1 27  ? 9.560   12.641  3.103   1.00 38.07 ? 120 ALA A CA  1 
ATOM   194  C  C   . ALA A 1 27  ? 8.837   11.345  2.683   1.00 43.14 ? 120 ALA A C   1 
ATOM   195  O  O   . ALA A 1 27  ? 9.039   10.275  3.291   1.00 40.50 ? 120 ALA A O   1 
ATOM   196  C  CB  . ALA A 1 27  ? 8.816   13.286  4.289   1.00 37.34 ? 120 ALA A CB  1 
ATOM   197  N  N   . LYS A 1 28  ? 8.011   11.460  1.636   1.00 38.08 ? 121 LYS A N   1 
ATOM   198  C  CA  . LYS A 1 28  ? 7.285   10.359  1.056   1.00 32.34 ? 121 LYS A CA  1 
ATOM   199  C  C   . LYS A 1 28  ? 7.903   9.936   -0.296  1.00 31.52 ? 121 LYS A C   1 
ATOM   200  O  O   . LYS A 1 28  ? 7.266   9.389   -1.120  1.00 29.52 ? 121 LYS A O   1 
ATOM   201  C  CB  . LYS A 1 28  ? 5.847   10.744  0.892   1.00 35.84 ? 121 LYS A CB  1 
ATOM   202  C  CG  . LYS A 1 28  ? 5.113   10.974  2.179   1.00 38.10 ? 121 LYS A CG  1 
ATOM   203  C  CD  . LYS A 1 28  ? 3.643   11.219  1.851   1.00 43.75 ? 121 LYS A CD  1 
ATOM   204  C  CE  . LYS A 1 28  ? 2.824   11.540  3.085   1.00 55.31 ? 121 LYS A CE  1 
ATOM   205  N  NZ  . LYS A 1 28  ? 1.418   11.876  2.736   1.00 59.31 ? 121 LYS A NZ  1 
ATOM   206  N  N   . SER A 1 29  ? 9.193   10.141  -0.447  1.00 28.77 ? 122 SER A N   1 
ATOM   207  C  CA  . SER A 1 29  ? 9.877   9.902   -1.677  1.00 36.64 ? 122 SER A CA  1 
ATOM   208  C  C   . SER A 1 29  ? 9.983   8.440   -2.188  1.00 40.09 ? 122 SER A C   1 
ATOM   209  O  O   . SER A 1 29  ? 10.331  8.195   -3.386  1.00 51.73 ? 122 SER A O   1 
ATOM   210  C  CB  . SER A 1 29  ? 11.308  10.420  -1.540  1.00 37.05 ? 122 SER A CB  1 
ATOM   211  O  OG  . SER A 1 29  ? 11.890  10.142  -2.767  1.00 48.53 ? 122 SER A OG  1 
ATOM   212  N  N   . GLY A 1 30  ? 9.772   7.502   -1.300  1.00 29.64 ? 123 GLY A N   1 
ATOM   213  C  CA  . GLY A 1 30  ? 9.879   6.037   -1.673  1.00 30.36 ? 123 GLY A CA  1 
ATOM   214  C  C   . GLY A 1 30  ? 8.519   5.535   -2.165  1.00 27.15 ? 123 GLY A C   1 
ATOM   215  O  O   . GLY A 1 30  ? 7.603   6.345   -2.488  1.00 29.94 ? 123 GLY A O   1 
ATOM   216  N  N   . TRP A 1 31  ? 8.414   4.223   -2.246  1.00 24.79 ? 124 TRP A N   1 
ATOM   217  C  CA  . TRP A 1 31  ? 7.259   3.559   -2.779  1.00 21.34 ? 124 TRP A CA  1 
ATOM   218  C  C   . TRP A 1 31  ? 6.405   3.054   -1.632  1.00 24.72 ? 124 TRP A C   1 
ATOM   219  O  O   . TRP A 1 31  ? 6.948   2.472   -0.718  1.00 25.40 ? 124 TRP A O   1 
ATOM   220  C  CB  . TRP A 1 31  ? 7.645   2.369   -3.662  1.00 21.83 ? 124 TRP A CB  1 
ATOM   221  C  CG  . TRP A 1 31  ? 8.276   2.747   -4.951  1.00 23.07 ? 124 TRP A CG  1 
ATOM   222  C  CD1 . TRP A 1 31  ? 9.593   2.935   -5.175  1.00 25.41 ? 124 TRP A CD1 1 
ATOM   223  C  CD2 . TRP A 1 31  ? 7.606   3.193   -6.123  1.00 21.58 ? 124 TRP A CD2 1 
ATOM   224  N  NE1 . TRP A 1 31  ? 9.788   3.363   -6.491  1.00 26.45 ? 124 TRP A NE1 1 
ATOM   225  C  CE2 . TRP A 1 31  ? 8.580   3.529   -7.082  1.00 24.71 ? 124 TRP A CE2 1 
ATOM   226  C  CE3 . TRP A 1 31  ? 6.253   3.251   -6.517  1.00 20.69 ? 124 TRP A CE3 1 
ATOM   227  C  CZ2 . TRP A 1 31  ? 8.237   3.916   -8.380  1.00 24.22 ? 124 TRP A CZ2 1 
ATOM   228  C  CZ3 . TRP A 1 31  ? 5.928   3.694   -7.803  1.00 23.77 ? 124 TRP A CZ3 1 
ATOM   229  C  CH2 . TRP A 1 31  ? 6.916   4.011   -8.713  1.00 26.76 ? 124 TRP A CH2 1 
ATOM   230  N  N   . GLY A 1 32  ? 5.057   3.164   -1.725  1.00 22.14 ? 125 GLY A N   1 
ATOM   231  C  CA  . GLY A 1 32  ? 4.231   2.690   -0.677  1.00 22.94 ? 125 GLY A CA  1 
ATOM   232  C  C   . GLY A 1 32  ? 2.842   2.480   -1.253  1.00 21.30 ? 125 GLY A C   1 
ATOM   233  O  O   . GLY A 1 32  ? 2.588   2.758   -2.409  1.00 22.06 ? 125 GLY A O   1 
ATOM   234  N  N   . PHE A 1 33  ? 1.994   1.811   -0.461  1.00 21.90 ? 126 PHE A N   1 
ATOM   235  C  CA  . PHE A 1 33  ? 0.621   1.652   -0.833  1.00 19.20 ? 126 PHE A CA  1 
ATOM   236  C  C   . PHE A 1 33  ? -0.103  3.009   -0.740  1.00 22.46 ? 126 PHE A C   1 
ATOM   237  O  O   . PHE A 1 33  ? 0.201   3.839   0.085   1.00 21.11 ? 126 PHE A O   1 
ATOM   238  C  CB  . PHE A 1 33  ? -0.086  0.612   0.052   1.00 20.55 ? 126 PHE A CB  1 
ATOM   239  C  CG  . PHE A 1 33  ? 0.479   -0.709  -0.096  1.00 21.49 ? 126 PHE A CG  1 
ATOM   240  C  CD1 . PHE A 1 33  ? 0.278   -1.454  -1.240  1.00 20.98 ? 126 PHE A CD1 1 
ATOM   241  C  CD2 . PHE A 1 33  ? 1.396   -1.172  0.831   1.00 24.82 ? 126 PHE A CD2 1 
ATOM   242  C  CE1 . PHE A 1 33  ? 0.805   -2.707  -1.375  1.00 26.03 ? 126 PHE A CE1 1 
ATOM   243  C  CE2 . PHE A 1 33  ? 1.978   -2.425  0.658   1.00 22.69 ? 126 PHE A CE2 1 
ATOM   244  C  CZ  . PHE A 1 33  ? 1.694   -3.195  -0.419  1.00 22.76 ? 126 PHE A CZ  1 
ATOM   245  N  N   . PRO A 1 34  ? -1.068  3.245   -1.652  1.00 20.93 ? 127 PRO A N   1 
ATOM   246  C  CA  . PRO A 1 34  ? -1.883  4.451   -1.578  1.00 23.71 ? 127 PRO A CA  1 
ATOM   247  C  C   . PRO A 1 34  ? -2.714  4.497   -0.318  1.00 25.12 ? 127 PRO A C   1 
ATOM   248  O  O   . PRO A 1 34  ? -3.453  3.542   -0.032  1.00 23.02 ? 127 PRO A O   1 
ATOM   249  C  CB  . PRO A 1 34  ? -2.665  4.433   -2.917  1.00 22.12 ? 127 PRO A CB  1 
ATOM   250  C  CG  . PRO A 1 34  ? -2.740  2.969   -3.224  1.00 21.76 ? 127 PRO A CG  1 
ATOM   251  C  CD  . PRO A 1 34  ? -1.424  2.366   -2.754  1.00 20.16 ? 127 PRO A CD  1 
ATOM   252  N  N   . LYS A 1 35  ? -2.632  5.605   0.430   1.00 23.42 ? 128 LYS A N   1 
ATOM   253  C  CA  . LYS A 1 35  ? -3.310  5.736   1.669   1.00 25.75 ? 128 LYS A CA  1 
ATOM   254  C  C   . LYS A 1 35  ? -3.201  7.209   2.140   1.00 27.20 ? 128 LYS A C   1 
ATOM   255  O  O   . LYS A 1 35  ? -2.333  7.974   1.686   1.00 28.11 ? 128 LYS A O   1 
ATOM   256  C  CB  . LYS A 1 35  ? -2.746  4.816   2.752   1.00 26.38 ? 128 LYS A CB  1 
ATOM   257  C  CG  . LYS A 1 35  ? -1.342  5.158   3.255   1.00 28.43 ? 128 LYS A CG  1 
ATOM   258  C  CD  . LYS A 1 35  ? -0.897  4.234   4.323   1.00 33.55 ? 128 LYS A CD  1 
ATOM   259  C  CE  . LYS A 1 35  ? 0.526   4.531   4.825   1.00 42.18 ? 128 LYS A CE  1 
ATOM   260  N  NZ  . LYS A 1 35  ? 0.487   5.708   5.727   1.00 49.27 ? 128 LYS A NZ  1 
ATOM   261  N  N   . GLY A 1 36  ? -3.989  7.519   3.138   1.00 29.33 ? 129 GLY A N   1 
ATOM   262  C  CA  . GLY A 1 36  ? -3.928  8.848   3.726   1.00 28.11 ? 129 GLY A CA  1 
ATOM   263  C  C   . GLY A 1 36  ? -4.782  8.967   4.964   1.00 30.91 ? 129 GLY A C   1 
ATOM   264  O  O   . GLY A 1 36  ? -5.504  8.066   5.341   1.00 28.45 ? 129 GLY A O   1 
ATOM   265  N  N   . LYS A 1 37  ? -4.742  10.168  5.568   1.00 30.33 ? 130 LYS A N   1 
ATOM   266  C  CA  . LYS A 1 37  ? -5.335  10.397  6.870   1.00 32.58 ? 130 LYS A CA  1 
ATOM   267  C  C   . LYS A 1 37  ? -6.871  10.547  6.772   1.00 29.35 ? 130 LYS A C   1 
ATOM   268  O  O   . LYS A 1 37  ? -7.376  11.104  5.813   1.00 35.80 ? 130 LYS A O   1 
ATOM   269  C  CB  . LYS A 1 37  ? -4.666  11.667  7.500   1.00 36.67 ? 130 LYS A CB  1 
ATOM   270  C  CG  . LYS A 1 37  ? -3.319  11.469  8.161   1.00 42.67 ? 130 LYS A CG  1 
ATOM   271  C  CD  . LYS A 1 37  ? -2.864  12.730  8.924   1.00 44.34 ? 130 LYS A CD  1 
ATOM   272  N  N   . VAL A 1 38  ? -7.566  9.988   7.737   1.00 31.29 ? 131 VAL A N   1 
ATOM   273  C  CA  . VAL A 1 38  ? -9.008  10.063  7.780   1.00 37.42 ? 131 VAL A CA  1 
ATOM   274  C  C   . VAL A 1 38  ? -9.425  11.506  8.152   1.00 36.38 ? 131 VAL A C   1 
ATOM   275  O  O   . VAL A 1 38  ? -8.788  12.122  9.028   1.00 38.40 ? 131 VAL A O   1 
ATOM   276  C  CB  . VAL A 1 38  ? -9.624  9.021   8.727   1.00 36.71 ? 131 VAL A CB  1 
ATOM   277  C  CG1 . VAL A 1 38  ? -9.222  9.245   10.204  1.00 41.43 ? 131 VAL A CG1 1 
ATOM   278  C  CG2 . VAL A 1 38  ? -11.143 9.014   8.567   1.00 42.25 ? 131 VAL A CG2 1 
ATOM   279  N  N   . ASN A 1 39  ? -10.466 12.004  7.485   1.00 38.48 ? 132 ASN A N   1 
ATOM   280  C  CA  . ASN A 1 39  ? -11.075 13.335  7.854   1.00 40.81 ? 132 ASN A CA  1 
ATOM   281  C  C   . ASN A 1 39  ? -12.088 13.143  9.026   1.00 44.86 ? 132 ASN A C   1 
ATOM   282  O  O   . ASN A 1 39  ? -12.652 12.068  9.181   1.00 42.86 ? 132 ASN A O   1 
ATOM   283  C  CB  . ASN A 1 39  ? -11.818 13.917  6.675   1.00 38.84 ? 132 ASN A CB  1 
ATOM   284  C  CG  . ASN A 1 39  ? -10.930 14.305  5.523   1.00 37.52 ? 132 ASN A CG  1 
ATOM   285  O  OD1 . ASN A 1 39  ? -9.776  14.716  5.679   1.00 48.31 ? 132 ASN A OD1 1 
ATOM   286  N  ND2 . ASN A 1 39  ? -11.478 14.245  4.348   1.00 37.64 ? 132 ASN A ND2 1 
ATOM   287  N  N   . LYS A 1 40  ? -12.324 14.187  9.849   1.00 54.17 ? 133 LYS A N   1 
ATOM   288  C  CA  . LYS A 1 40  ? -13.448 14.176  10.837  1.00 49.51 ? 133 LYS A CA  1 
ATOM   289  C  C   . LYS A 1 40  ? -14.760 13.573  10.305  1.00 46.66 ? 133 LYS A C   1 
ATOM   290  O  O   . LYS A 1 40  ? -15.195 13.915  9.202   1.00 48.55 ? 133 LYS A O   1 
ATOM   291  C  CB  . LYS A 1 40  ? -13.767 15.615  11.299  1.00 56.36 ? 133 LYS A CB  1 
ATOM   292  N  N   . GLU A 1 41  ? -15.355 12.670  11.079  1.00 53.15 ? 134 GLU A N   1 
ATOM   293  C  CA  . GLU A 1 41  ? -16.637 12.019  10.756  1.00 59.99 ? 134 GLU A CA  1 
ATOM   294  C  C   . GLU A 1 41  ? -16.630 11.070  9.523   1.00 62.03 ? 134 GLU A C   1 
ATOM   295  O  O   . GLU A 1 41  ? -17.686 10.498  9.207   1.00 59.56 ? 134 GLU A O   1 
ATOM   296  C  CB  . GLU A 1 41  ? -17.776 13.069  10.629  1.00 63.69 ? 134 GLU A CB  1 
ATOM   297  N  N   . GLU A 1 42  ? -15.465 10.840  8.871   1.00 50.39 ? 135 GLU A N   1 
ATOM   298  C  CA  . GLU A 1 42  ? -15.436 10.079  7.589   1.00 40.36 ? 135 GLU A CA  1 
ATOM   299  C  C   . GLU A 1 42  ? -15.289 8.614   7.945   1.00 42.90 ? 135 GLU A C   1 
ATOM   300  O  O   . GLU A 1 42  ? -14.554 8.274   8.846   1.00 37.88 ? 135 GLU A O   1 
ATOM   301  C  CB  . GLU A 1 42  ? -14.298 10.576  6.703   1.00 39.69 ? 135 GLU A CB  1 
ATOM   302  C  CG  . GLU A 1 42  ? -13.988 9.747   5.470   1.00 35.69 ? 135 GLU A CG  1 
ATOM   303  C  CD  . GLU A 1 42  ? -12.833 10.305  4.696   1.00 36.40 ? 135 GLU A CD  1 
ATOM   304  O  OE1 . GLU A 1 42  ? -11.801 10.597  5.338   1.00 39.61 ? 135 GLU A OE1 1 
ATOM   305  O  OE2 . GLU A 1 42  ? -12.951 10.442  3.455   1.00 36.83 ? 135 GLU A OE2 1 
ATOM   306  N  N   . ALA A 1 43  ? -16.014 7.753   7.244   1.00 41.04 ? 136 ALA A N   1 
ATOM   307  C  CA  . ALA A 1 43  ? -16.013 6.333   7.536   1.00 38.60 ? 136 ALA A CA  1 
ATOM   308  C  C   . ALA A 1 43  ? -14.695 5.727   6.949   1.00 37.62 ? 136 ALA A C   1 
ATOM   309  O  O   . ALA A 1 43  ? -14.242 6.188   5.929   1.00 34.94 ? 136 ALA A O   1 
ATOM   310  C  CB  . ALA A 1 43  ? -17.197 5.679   6.894   1.00 38.54 ? 136 ALA A CB  1 
ATOM   311  N  N   . PRO A 1 44  ? -14.195 4.655   7.552   1.00 40.57 ? 137 PRO A N   1 
ATOM   312  C  CA  . PRO A 1 44  ? -12.933 4.080   7.025   1.00 37.80 ? 137 PRO A CA  1 
ATOM   313  C  C   . PRO A 1 44  ? -13.000 3.729   5.530   1.00 35.32 ? 137 PRO A C   1 
ATOM   314  O  O   . PRO A 1 44  ? -12.067 4.042   4.817   1.00 34.31 ? 137 PRO A O   1 
ATOM   315  C  CB  . PRO A 1 44  ? -12.747 2.830   7.875   1.00 42.87 ? 137 PRO A CB  1 
ATOM   316  C  CG  . PRO A 1 44  ? -13.448 3.132   9.196   1.00 42.08 ? 137 PRO A CG  1 
ATOM   317  C  CD  . PRO A 1 44  ? -14.662 3.972   8.770   1.00 43.06 ? 137 PRO A CD  1 
ATOM   318  N  N   . HIS A 1 45  ? -14.059 3.058   5.063   1.00 33.35 ? 138 HIS A N   1 
ATOM   319  C  CA  . HIS A 1 45  ? -14.149 2.734   3.597   1.00 35.43 ? 138 HIS A CA  1 
ATOM   320  C  C   . HIS A 1 45  ? -14.166 3.941   2.702   1.00 30.07 ? 138 HIS A C   1 
ATOM   321  O  O   . HIS A 1 45  ? -13.610 3.955   1.567   1.00 27.75 ? 138 HIS A O   1 
ATOM   322  C  CB  . HIS A 1 45  ? -15.288 1.746   3.324   1.00 42.60 ? 138 HIS A CB  1 
ATOM   323  C  CG  . HIS A 1 45  ? -16.644 2.356   3.397   1.00 52.59 ? 138 HIS A CG  1 
ATOM   324  N  ND1 . HIS A 1 45  ? -17.366 2.422   4.577   1.00 61.30 ? 138 HIS A ND1 1 
ATOM   325  C  CD2 . HIS A 1 45  ? -17.418 2.939   2.443   1.00 56.19 ? 138 HIS A CD2 1 
ATOM   326  C  CE1 . HIS A 1 45  ? -18.536 3.001   4.338   1.00 50.67 ? 138 HIS A CE1 1 
ATOM   327  N  NE2 . HIS A 1 45  ? -18.591 3.326   3.054   1.00 56.57 ? 138 HIS A NE2 1 
ATOM   328  N  N   . ASP A 1 46  ? -14.794 5.032   3.157   1.00 29.87 ? 139 ASP A N   1 
ATOM   329  C  CA  . ASP A 1 46  ? -14.810 6.223   2.346   1.00 31.34 ? 139 ASP A CA  1 
ATOM   330  C  C   . ASP A 1 46  ? -13.441 6.900   2.278   1.00 28.27 ? 139 ASP A C   1 
ATOM   331  O  O   . ASP A 1 46  ? -13.088 7.416   1.238   1.00 29.96 ? 139 ASP A O   1 
ATOM   332  C  CB  . ASP A 1 46  ? -15.843 7.223   2.869   1.00 31.20 ? 139 ASP A CB  1 
ATOM   333  C  CG  . ASP A 1 46  ? -17.275 6.747   2.645   1.00 39.52 ? 139 ASP A CG  1 
ATOM   334  O  OD1 . ASP A 1 46  ? -17.591 6.234   1.555   1.00 37.87 ? 139 ASP A OD1 1 
ATOM   335  O  OD2 . ASP A 1 46  ? -18.112 6.936   3.556   1.00 41.53 ? 139 ASP A OD2 1 
ATOM   336  N  N   . CYS A 1 47  ? -12.736 6.978   3.399   1.00 32.38 ? 140 CYS A N   1 
ATOM   337  C  CA  . CYS A 1 47  ? -11.386 7.504   3.403   1.00 28.79 ? 140 CYS A CA  1 
ATOM   338  C  C   . CYS A 1 47  ? -10.488 6.706   2.440   1.00 22.76 ? 140 CYS A C   1 
ATOM   339  O  O   . CYS A 1 47  ? -9.804  7.281   1.586   1.00 24.86 ? 140 CYS A O   1 
ATOM   340  C  CB  . CYS A 1 47  ? -10.826 7.434   4.800   1.00 27.09 ? 140 CYS A CB  1 
ATOM   341  S  SG  . CYS A 1 47  ? -9.091  7.910   4.906   1.00 32.28 ? 140 CYS A SG  1 
ATOM   342  N  N   . ALA A 1 48  ? -10.536 5.385   2.579   1.00 28.09 ? 141 ALA A N   1 
ATOM   343  C  CA  . ALA A 1 48  ? -9.729  4.522   1.635   1.00 22.67 ? 141 ALA A CA  1 
ATOM   344  C  C   . ALA A 1 48  ? -9.983  4.826   0.199   1.00 24.60 ? 141 ALA A C   1 
ATOM   345  O  O   . ALA A 1 48  ? -9.102  5.017   -0.559  1.00 23.46 ? 141 ALA A O   1 
ATOM   346  C  CB  . ALA A 1 48  ? -9.975  3.076   1.946   1.00 23.28 ? 141 ALA A CB  1 
ATOM   347  N  N   . ALA A 1 49  ? -11.267 4.841   -0.215  1.00 25.74 ? 142 ALA A N   1 
ATOM   348  C  CA  . ALA A 1 49  ? -11.563 5.203   -1.571  1.00 23.33 ? 142 ALA A CA  1 
ATOM   349  C  C   . ALA A 1 49  ? -11.151 6.595   -1.982  1.00 23.91 ? 142 ALA A C   1 
ATOM   350  O  O   . ALA A 1 49  ? -10.680 6.790   -3.069  1.00 23.71 ? 142 ALA A O   1 
ATOM   351  C  CB  . ALA A 1 49  ? -13.046 5.034   -1.784  1.00 25.39 ? 142 ALA A CB  1 
ATOM   352  N  N   . ARG A 1 50  ? -11.333 7.577   -1.101  1.00 22.75 ? 143 ARG A N   1 
ATOM   353  C  CA  . ARG A 1 50  ? -10.951 8.907   -1.394  1.00 25.02 ? 143 ARG A CA  1 
ATOM   354  C  C   . ARG A 1 50  ? -9.456  8.989   -1.617  1.00 28.83 ? 143 ARG A C   1 
ATOM   355  O  O   . ARG A 1 50  ? -8.990  9.595   -2.558  1.00 25.01 ? 143 ARG A O   1 
ATOM   356  C  CB  . ARG A 1 50  ? -11.351 9.851   -0.240  1.00 27.62 ? 143 ARG A CB  1 
ATOM   357  C  CG  . ARG A 1 50  ? -11.011 11.324  -0.490  1.00 31.57 ? 143 ARG A CG  1 
ATOM   358  C  CD  . ARG A 1 50  ? -11.461 12.186  0.675   1.00 32.42 ? 143 ARG A CD  1 
ATOM   359  N  NE  . ARG A 1 50  ? -11.020 11.722  1.993   1.00 33.94 ? 143 ARG A NE  1 
ATOM   360  C  CZ  . ARG A 1 50  ? -9.809  11.924  2.577   1.00 31.01 ? 143 ARG A CZ  1 
ATOM   361  N  NH1 . ARG A 1 50  ? -8.826  12.580  2.010   1.00 35.64 ? 143 ARG A NH1 1 
ATOM   362  N  NH2 . ARG A 1 50  ? -9.590  11.448  3.761   1.00 32.68 ? 143 ARG A NH2 1 
ATOM   363  N  N   . GLU A 1 51  ? -8.702  8.454   -0.670  1.00 28.47 ? 144 GLU A N   1 
ATOM   364  C  CA  . GLU A 1 51  ? -7.224  8.588   -0.773  1.00 26.54 ? 144 GLU A CA  1 
ATOM   365  C  C   . GLU A 1 51  ? -6.700  7.855   -2.002  1.00 25.68 ? 144 GLU A C   1 
ATOM   366  O  O   . GLU A 1 51  ? -5.809  8.317   -2.708  1.00 27.63 ? 144 GLU A O   1 
ATOM   367  C  CB  . GLU A 1 51  ? -6.592  8.043   0.443   1.00 30.88 ? 144 GLU A CB  1 
ATOM   368  C  CG  . GLU A 1 51  ? -6.870  8.848   1.664   1.00 31.23 ? 144 GLU A CG  1 
ATOM   369  C  CD  . GLU A 1 51  ? -6.104  10.145  1.721   1.00 39.94 ? 144 GLU A CD  1 
ATOM   370  O  OE1 . GLU A 1 51  ? -5.223  10.372  0.866   1.00 36.72 ? 144 GLU A OE1 1 
ATOM   371  O  OE2 . GLU A 1 51  ? -6.376  10.943  2.653   1.00 41.18 ? 144 GLU A OE2 1 
ATOM   372  N  N   . VAL A 1 52  ? -7.258  6.674   -2.256  1.00 23.33 ? 145 VAL A N   1 
ATOM   373  C  CA  . VAL A 1 52  ? -6.858  5.894   -3.422  1.00 21.78 ? 145 VAL A CA  1 
ATOM   374  C  C   . VAL A 1 52  ? -7.207  6.599   -4.725  1.00 23.72 ? 145 VAL A C   1 
ATOM   375  O  O   . VAL A 1 52  ? -6.400  6.626   -5.691  1.00 23.39 ? 145 VAL A O   1 
ATOM   376  C  CB  . VAL A 1 52  ? -7.308  4.432   -3.323  1.00 22.92 ? 145 VAL A CB  1 
ATOM   377  C  CG1 . VAL A 1 52  ? -7.006  3.703   -4.605  1.00 27.59 ? 145 VAL A CG1 1 
ATOM   378  C  CG2 . VAL A 1 52  ? -6.674  3.738   -2.182  1.00 25.46 ? 145 VAL A CG2 1 
ATOM   379  N  N   . PHE A 1 53  ? -8.423  7.192   -4.786  1.00 23.62 ? 146 PHE A N   1 
ATOM   380  C  CA  . PHE A 1 53  ? -8.769  7.885   -6.012  1.00 23.19 ? 146 PHE A CA  1 
ATOM   381  C  C   . PHE A 1 53  ? -7.847  9.153   -6.225  1.00 24.03 ? 146 PHE A C   1 
ATOM   382  O  O   . PHE A 1 53  ? -7.407  9.420   -7.307  1.00 28.47 ? 146 PHE A O   1 
ATOM   383  C  CB  . PHE A 1 53  ? -10.252 8.287   -5.952  1.00 24.37 ? 146 PHE A CB  1 
ATOM   384  C  CG  . PHE A 1 53  ? -10.724 8.850   -7.212  1.00 29.30 ? 146 PHE A CG  1 
ATOM   385  C  CD1 . PHE A 1 53  ? -10.906 8.061   -8.336  1.00 30.18 ? 146 PHE A CD1 1 
ATOM   386  C  CD2 . PHE A 1 53  ? -10.890 10.215  -7.327  1.00 37.46 ? 146 PHE A CD2 1 
ATOM   387  C  CE1 . PHE A 1 53  ? -11.263 8.616   -9.554  1.00 35.53 ? 146 PHE A CE1 1 
ATOM   388  C  CE2 . PHE A 1 53  ? -11.268 10.766  -8.550  1.00 39.65 ? 146 PHE A CE2 1 
ATOM   389  C  CZ  . PHE A 1 53  ? -11.444 9.967   -9.654  1.00 39.31 ? 146 PHE A CZ  1 
ATOM   390  N  N   . GLU A 1 54  ? -7.600  9.859   -5.145  1.00 24.32 ? 147 GLU A N   1 
ATOM   391  C  CA  . GLU A 1 54  ? -6.698  11.079  -5.220  1.00 28.54 ? 147 GLU A CA  1 
ATOM   392  C  C   . GLU A 1 54  ? -5.327  10.699  -5.672  1.00 28.42 ? 147 GLU A C   1 
ATOM   393  O  O   . GLU A 1 54  ? -4.675  11.430  -6.406  1.00 30.98 ? 147 GLU A O   1 
ATOM   394  C  CB  . GLU A 1 54  ? -6.545  11.694  -3.833  1.00 32.83 ? 147 GLU A CB  1 
ATOM   395  C  CG  . GLU A 1 54  ? -7.715  12.501  -3.290  1.00 46.77 ? 147 GLU A CG  1 
ATOM   396  C  CD  . GLU A 1 54  ? -7.505  13.024  -1.830  1.00 52.44 ? 147 GLU A CD  1 
ATOM   397  O  OE1 . GLU A 1 54  ? -6.385  12.830  -1.220  1.00 56.57 ? 147 GLU A OE1 1 
ATOM   398  O  OE2 . GLU A 1 54  ? -8.476  13.668  -1.277  1.00 49.65 ? 147 GLU A OE2 1 
ATOM   399  N  N   . GLU A 1 55  ? -4.804  9.581   -5.145  1.00 25.21 ? 148 GLU A N   1 
ATOM   400  C  CA  . GLU A 1 55  ? -3.412  9.187   -5.532  1.00 27.41 ? 148 GLU A CA  1 
ATOM   401  C  C   . GLU A 1 55  ? -3.225  8.390   -6.810  1.00 27.65 ? 148 GLU A C   1 
ATOM   402  O  O   . GLU A 1 55  ? -2.118  8.294   -7.303  1.00 28.43 ? 148 GLU A O   1 
ATOM   403  C  CB  . GLU A 1 55  ? -2.799  8.462   -4.339  1.00 26.95 ? 148 GLU A CB  1 
ATOM   404  C  CG  . GLU A 1 55  ? -2.648  9.383   -3.137  1.00 30.80 ? 148 GLU A CG  1 
ATOM   405  C  CD  . GLU A 1 55  ? -2.328  8.699   -1.845  1.00 37.76 ? 148 GLU A CD  1 
ATOM   406  O  OE1 . GLU A 1 55  ? -1.784  7.590   -1.889  1.00 31.07 ? 148 GLU A OE1 1 
ATOM   407  O  OE2 . GLU A 1 55  ? -2.693  9.250   -0.771  1.00 41.44 ? 148 GLU A OE2 1 
ATOM   408  N  N   . THR A 1 56  ? -4.278  7.718   -7.275  1.00 24.91 ? 149 THR A N   1 
ATOM   409  C  CA  . THR A 1 56  ? -4.179  6.817   -8.443  1.00 25.02 ? 149 THR A CA  1 
ATOM   410  C  C   . THR A 1 56  ? -5.156  7.073   -9.541  1.00 25.00 ? 149 THR A C   1 
ATOM   411  O  O   . THR A 1 56  ? -5.012  6.467   -10.599 1.00 28.12 ? 149 THR A O   1 
ATOM   412  C  CB  . THR A 1 56  ? -4.426  5.308   -8.032  1.00 27.37 ? 149 THR A CB  1 
ATOM   413  O  OG1 . THR A 1 56  ? -5.767  5.112   -7.595  1.00 25.89 ? 149 THR A OG1 1 
ATOM   414  C  CG2 . THR A 1 56  ? -3.577  4.933   -6.789  1.00 26.08 ? 149 THR A CG2 1 
ATOM   415  N  N   . GLY A 1 57  ? -6.226  7.779   -9.256  1.00 29.41 ? 150 GLY A N   1 
ATOM   416  C  CA  . GLY A 1 57  ? -7.287  7.981   -10.260 1.00 30.90 ? 150 GLY A CA  1 
ATOM   417  C  C   . GLY A 1 57  ? -8.240  6.787   -10.395 1.00 33.41 ? 150 GLY A C   1 
ATOM   418  O  O   . GLY A 1 57  ? -9.058  6.750   -11.278 1.00 33.29 ? 150 GLY A O   1 
ATOM   419  N  N   . PHE A 1 58  ? -8.099  5.784   -9.555  1.00 27.41 ? 151 PHE A N   1 
ATOM   420  C  CA  . PHE A 1 58  ? -8.860  4.539   -9.696  1.00 25.90 ? 151 PHE A CA  1 
ATOM   421  C  C   . PHE A 1 58  ? -9.795  4.487   -8.534  1.00 25.03 ? 151 PHE A C   1 
ATOM   422  O  O   . PHE A 1 58  ? -9.453  4.698   -7.350  1.00 27.79 ? 151 PHE A O   1 
ATOM   423  C  CB  . PHE A 1 58  ? -7.988  3.335   -9.792  1.00 27.55 ? 151 PHE A CB  1 
ATOM   424  C  CG  . PHE A 1 58  ? -8.780  2.052   -9.984  1.00 25.54 ? 151 PHE A CG  1 
ATOM   425  C  CD1 . PHE A 1 58  ? -9.226  1.691   -11.271 1.00 27.33 ? 151 PHE A CD1 1 
ATOM   426  C  CD2 . PHE A 1 58  ? -9.056  1.228   -8.899  1.00 29.71 ? 151 PHE A CD2 1 
ATOM   427  C  CE1 . PHE A 1 58  ? -9.946  0.540   -11.451 1.00 31.58 ? 151 PHE A CE1 1 
ATOM   428  C  CE2 . PHE A 1 58  ? -9.754  0.015   -9.094  1.00 29.26 ? 151 PHE A CE2 1 
ATOM   429  C  CZ  . PHE A 1 58  ? -10.215 -0.270  -10.389 1.00 29.75 ? 151 PHE A CZ  1 
ATOM   430  N  N   . ASP A 1 59  ? -11.087 4.207   -8.818  1.00 26.58 ? 152 ASP A N   1 
ATOM   431  C  CA  . ASP A 1 59  ? -12.130 4.227   -7.782  1.00 29.64 ? 152 ASP A CA  1 
ATOM   432  C  C   . ASP A 1 59  ? -12.414 2.836   -7.349  1.00 31.95 ? 152 ASP A C   1 
ATOM   433  O  O   . ASP A 1 59  ? -12.911 1.991   -8.129  1.00 27.65 ? 152 ASP A O   1 
ATOM   434  C  CB  . ASP A 1 59  ? -13.411 4.884   -8.373  1.00 32.12 ? 152 ASP A CB  1 
ATOM   435  C  CG  . ASP A 1 59  ? -14.537 4.983   -7.415  1.00 38.60 ? 152 ASP A CG  1 
ATOM   436  O  OD1 . ASP A 1 59  ? -14.437 4.682   -6.197  1.00 31.41 ? 152 ASP A OD1 1 
ATOM   437  O  OD2 . ASP A 1 59  ? -15.636 5.389   -7.907  1.00 41.98 ? 152 ASP A OD2 1 
ATOM   438  N  N   . ILE A 1 60  ? -12.113 2.564   -6.087  1.00 27.04 ? 153 ILE A N   1 
ATOM   439  C  CA  . ILE A 1 60  ? -12.269 1.217   -5.498  1.00 27.78 ? 153 ILE A CA  1 
ATOM   440  C  C   . ILE A 1 60  ? -13.626 1.038   -4.804  1.00 27.02 ? 153 ILE A C   1 
ATOM   441  O  O   . ILE A 1 60  ? -13.880 0.031   -4.222  1.00 28.79 ? 153 ILE A O   1 
ATOM   442  C  CB  . ILE A 1 60  ? -11.145 0.865   -4.524  1.00 26.48 ? 153 ILE A CB  1 
ATOM   443  C  CG1 . ILE A 1 60  ? -11.166 1.777   -3.318  1.00 29.25 ? 153 ILE A CG1 1 
ATOM   444  C  CG2 . ILE A 1 60  ? -9.821  0.865   -5.239  1.00 26.87 ? 153 ILE A CG2 1 
ATOM   445  C  CD1 . ILE A 1 60  ? -10.198 1.320   -2.230  1.00 28.53 ? 153 ILE A CD1 1 
ATOM   446  N  N   . LYS A 1 61  ? -14.491 2.033   -4.839  1.00 27.27 ? 154 LYS A N   1 
ATOM   447  C  CA  . LYS A 1 61  ? -15.591 2.010   -3.929  1.00 31.26 ? 154 LYS A CA  1 
ATOM   448  C  C   . LYS A 1 61  ? -16.483 0.751   -4.207  1.00 29.63 ? 154 LYS A C   1 
ATOM   449  O  O   . LYS A 1 61  ? -16.891 0.119   -3.271  1.00 31.74 ? 154 LYS A O   1 
ATOM   450  C  CB  . LYS A 1 61  ? -16.386 3.329   -3.987  1.00 34.73 ? 154 LYS A CB  1 
ATOM   451  C  CG  . LYS A 1 61  ? -17.842 3.238   -3.592  1.00 49.64 ? 154 LYS A CG  1 
ATOM   452  C  CD  . LYS A 1 61  ? -18.604 4.596   -3.671  1.00 55.92 ? 154 LYS A CD  1 
ATOM   453  C  CE  . LYS A 1 61  ? -18.369 5.397   -4.968  1.00 63.83 ? 154 LYS A CE  1 
ATOM   454  N  NZ  . LYS A 1 61  ? -18.913 4.742   -6.195  1.00 73.06 ? 154 LYS A NZ  1 
ATOM   455  N  N   . ASP A 1 62  ? -16.642 0.412   -5.465  1.00 32.06 ? 155 ASP A N   1 
ATOM   456  C  CA  . ASP A 1 62  ? -17.554 -0.755  -5.870  1.00 31.87 ? 155 ASP A CA  1 
ATOM   457  C  C   . ASP A 1 62  ? -16.888 -2.086  -5.538  1.00 33.79 ? 155 ASP A C   1 
ATOM   458  O  O   . ASP A 1 62  ? -17.564 -3.183  -5.573  1.00 33.70 ? 155 ASP A O   1 
ATOM   459  C  CB  . ASP A 1 62  ? -17.766 -0.704  -7.387  1.00 35.50 ? 155 ASP A CB  1 
ATOM   460  C  CG  . ASP A 1 62  ? -18.778 0.401   -7.872  1.00 42.27 ? 155 ASP A CG  1 
ATOM   461  O  OD1 . ASP A 1 62  ? -19.445 1.059   -7.059  1.00 45.68 ? 155 ASP A OD1 1 
ATOM   462  O  OD2 . ASP A 1 62  ? -18.861 0.581   -9.115  1.00 45.74 ? 155 ASP A OD2 1 
ATOM   463  N  N   . TYR A 1 63  ? -15.553 -2.037  -5.197  1.00 30.74 ? 156 TYR A N   1 
ATOM   464  C  CA  . TYR A 1 63  ? -14.757 -3.277  -4.972  1.00 33.25 ? 156 TYR A CA  1 
ATOM   465  C  C   . TYR A 1 63  ? -14.350 -3.583  -3.551  1.00 29.83 ? 156 TYR A C   1 
ATOM   466  O  O   . TYR A 1 63  ? -13.996 -4.737  -3.179  1.00 32.41 ? 156 TYR A O   1 
ATOM   467  C  CB  . TYR A 1 63  ? -13.523 -3.260  -5.844  1.00 30.84 ? 156 TYR A CB  1 
ATOM   468  C  CG  . TYR A 1 63  ? -13.810 -2.999  -7.192  1.00 29.56 ? 156 TYR A CG  1 
ATOM   469  C  CD1 . TYR A 1 63  ? -14.823 -3.763  -7.833  1.00 38.24 ? 156 TYR A CD1 1 
ATOM   470  C  CD2 . TYR A 1 63  ? -13.317 -1.913  -7.853  1.00 29.71 ? 156 TYR A CD2 1 
ATOM   471  C  CE1 . TYR A 1 63  ? -15.217 -3.470  -9.084  1.00 35.40 ? 156 TYR A CE1 1 
ATOM   472  C  CE2 . TYR A 1 63  ? -13.674 -1.609  -9.149  1.00 36.54 ? 156 TYR A CE2 1 
ATOM   473  C  CZ  . TYR A 1 63  ? -14.619 -2.431  -9.759  1.00 42.08 ? 156 TYR A CZ  1 
ATOM   474  O  OH  . TYR A 1 63  ? -15.017 -2.192  -10.997 1.00 44.67 ? 156 TYR A OH  1 
ATOM   475  N  N   . ILE A 1 64  ? -14.406 -2.590  -2.679  1.00 30.32 ? 157 ILE A N   1 
ATOM   476  C  CA  . ILE A 1 64  ? -14.087 -2.849  -1.281  1.00 30.22 ? 157 ILE A CA  1 
ATOM   477  C  C   . ILE A 1 64  ? -14.928 -3.874  -0.616  1.00 37.47 ? 157 ILE A C   1 
ATOM   478  O  O   . ILE A 1 64  ? -16.201 -3.823  -0.709  1.00 37.27 ? 157 ILE A O   1 
ATOM   479  C  CB  . ILE A 1 64  ? -14.201 -1.553  -0.390  1.00 36.33 ? 157 ILE A CB  1 
ATOM   480  C  CG1 . ILE A 1 64  ? -13.076 -0.597  -0.684  1.00 41.25 ? 157 ILE A CG1 1 
ATOM   481  C  CG2 . ILE A 1 64  ? -14.104 -1.847  1.099   1.00 33.97 ? 157 ILE A CG2 1 
ATOM   482  C  CD1 . ILE A 1 64  ? -13.323 0.818   -0.147  1.00 40.72 ? 157 ILE A CD1 1 
ATOM   483  N  N   A CYS A 1 65  ? -14.268 -4.810  0.055   0.25 30.20 ? 158 CYS A N   1 
ATOM   484  N  N   B CYS A 1 65  ? -14.280 -4.801  0.082   0.25 36.37 ? 158 CYS A N   1 
ATOM   485  C  CA  A CYS A 1 65  ? -14.931 -5.751  0.931   0.25 30.25 ? 158 CYS A CA  1 
ATOM   486  C  CA  B CYS A 1 65  ? -14.961 -5.814  0.876   0.25 40.55 ? 158 CYS A CA  1 
ATOM   487  C  C   A CYS A 1 65  ? -14.607 -5.378  2.337   0.25 33.37 ? 158 CYS A C   1 
ATOM   488  C  C   B CYS A 1 65  ? -14.626 -5.552  2.340   0.25 39.58 ? 158 CYS A C   1 
ATOM   489  O  O   A CYS A 1 65  ? -13.435 -5.199  2.696   0.25 31.67 ? 158 CYS A O   1 
ATOM   490  O  O   B CYS A 1 65  ? -13.456 -5.641  2.738   0.25 40.13 ? 158 CYS A O   1 
ATOM   491  C  CB  A CYS A 1 65  ? -14.481 -7.162  0.661   0.25 28.93 ? 158 CYS A CB  1 
ATOM   492  C  CB  B CYS A 1 65  ? -14.538 -7.215  0.420   0.25 44.82 ? 158 CYS A CB  1 
ATOM   493  S  SG  A CYS A 1 65  ? -14.964 -7.711  -0.963  0.25 23.83 ? 158 CYS A SG  1 
ATOM   494  S  SG  B CYS A 1 65  ? -15.155 -8.590  1.427   0.25 57.06 ? 158 CYS A SG  1 
ATOM   495  N  N   . LYS A 1 66  ? -15.652 -5.234  3.136   1.00 36.98 ? 159 LYS A N   1 
ATOM   496  C  CA  . LYS A 1 66  ? -15.510 -4.782  4.538   1.00 40.35 ? 159 LYS A CA  1 
ATOM   497  C  C   . LYS A 1 66  ? -14.548 -5.512  5.410   1.00 37.55 ? 159 LYS A C   1 
ATOM   498  O  O   . LYS A 1 66  ? -13.822 -4.879  6.238   1.00 41.76 ? 159 LYS A O   1 
ATOM   499  C  CB  . LYS A 1 66  ? -16.911 -4.828  5.228   1.00 39.53 ? 159 LYS A CB  1 
ATOM   500  C  CG  . LYS A 1 66  ? -17.456 -6.234  5.464   1.00 49.97 ? 159 LYS A CG  1 
ATOM   501  N  N   . ASP A 1 67  ? -14.501 -6.829  5.298   1.00 38.96 ? 160 ASP A N   1 
ATOM   502  C  CA  . ASP A 1 67  ? -13.633 -7.584  6.192   1.00 40.48 ? 160 ASP A CA  1 
ATOM   503  C  C   . ASP A 1 67  ? -12.317 -7.943  5.551   1.00 36.15 ? 160 ASP A C   1 
ATOM   504  O  O   . ASP A 1 67  ? -11.568 -8.728  6.126   1.00 38.88 ? 160 ASP A O   1 
ATOM   505  C  CB  . ASP A 1 67  ? -14.325 -8.863  6.634   1.00 50.89 ? 160 ASP A CB  1 
ATOM   506  C  CG  . ASP A 1 67  ? -15.621 -8.562  7.315   1.00 60.05 ? 160 ASP A CG  1 
ATOM   507  O  OD1 . ASP A 1 67  ? -15.579 -7.728  8.263   1.00 65.63 ? 160 ASP A OD1 1 
ATOM   508  O  OD2 . ASP A 1 67  ? -16.653 -9.067  6.831   1.00 64.69 ? 160 ASP A OD2 1 
ATOM   509  N  N   . ASP A 1 68  ? -12.047 -7.417  4.356   1.00 34.84 ? 161 ASP A N   1 
ATOM   510  C  CA  . ASP A 1 68  ? -10.820 -7.811  3.647   1.00 30.41 ? 161 ASP A CA  1 
ATOM   511  C  C   . ASP A 1 68  ? -9.806  -6.675  3.668   1.00 27.26 ? 161 ASP A C   1 
ATOM   512  O  O   . ASP A 1 68  ? -9.780  -5.831  2.791   1.00 25.82 ? 161 ASP A O   1 
ATOM   513  C  CB  . ASP A 1 68  ? -11.024 -8.210  2.195   1.00 29.23 ? 161 ASP A CB  1 
ATOM   514  C  CG  . ASP A 1 68  ? -11.849 -9.456  1.995   1.00 37.62 ? 161 ASP A CG  1 
ATOM   515  O  OD1 . ASP A 1 68  ? -12.202 -10.088 2.978   1.00 34.40 ? 161 ASP A OD1 1 
ATOM   516  O  OD2 . ASP A 1 68  ? -12.103 -9.799  0.816   1.00 31.35 ? 161 ASP A OD2 1 
ATOM   517  N  N   . TYR A 1 69  ? -8.960  -6.691  4.686   1.00 28.45 ? 162 TYR A N   1 
ATOM   518  C  CA  . TYR A 1 69  ? -7.963  -5.633  4.872   1.00 26.01 ? 162 TYR A CA  1 
ATOM   519  C  C   . TYR A 1 69  ? -6.834  -6.154  5.754   1.00 29.48 ? 162 TYR A C   1 
ATOM   520  O  O   . TYR A 1 69  ? -6.926  -7.205  6.350   1.00 31.32 ? 162 TYR A O   1 
ATOM   521  C  CB  . TYR A 1 69  ? -8.610  -4.355  5.449   1.00 27.70 ? 162 TYR A CB  1 
ATOM   522  C  CG  . TYR A 1 69  ? -9.251  -4.579  6.829   1.00 30.73 ? 162 TYR A CG  1 
ATOM   523  C  CD1 . TYR A 1 69  ? -8.473  -4.650  8.006   1.00 35.54 ? 162 TYR A CD1 1 
ATOM   524  C  CD2 . TYR A 1 69  ? -10.655 -4.738  6.937   1.00 37.65 ? 162 TYR A CD2 1 
ATOM   525  C  CE1 . TYR A 1 69  ? -9.040  -4.856  9.254   1.00 41.33 ? 162 TYR A CE1 1 
ATOM   526  C  CE2 . TYR A 1 69  ? -11.228 -4.943  8.197   1.00 37.92 ? 162 TYR A CE2 1 
ATOM   527  C  CZ  . TYR A 1 69  ? -10.431 -4.996  9.326   1.00 47.77 ? 162 TYR A CZ  1 
ATOM   528  O  OH  . TYR A 1 69  ? -11.033 -5.226  10.530  1.00 51.19 ? 162 TYR A OH  1 
ATOM   529  N  N   . ILE A 1 70  ? -5.707  -5.472  5.697   1.00 26.31 ? 163 ILE A N   1 
ATOM   530  C  CA  . ILE A 1 70  ? -4.538  -5.612  6.614   1.00 31.11 ? 163 ILE A CA  1 
ATOM   531  C  C   . ILE A 1 70  ? -4.390  -4.330  7.403   1.00 30.89 ? 163 ILE A C   1 
ATOM   532  O  O   . ILE A 1 70  ? -4.361  -3.234  6.848   1.00 26.44 ? 163 ILE A O   1 
ATOM   533  C  CB  . ILE A 1 70  ? -3.293  -6.036  5.818   1.00 33.94 ? 163 ILE A CB  1 
ATOM   534  C  CG1 . ILE A 1 70  ? -3.493  -7.503  5.433   1.00 38.13 ? 163 ILE A CG1 1 
ATOM   535  C  CG2 . ILE A 1 70  ? -2.003  -5.957  6.678   1.00 39.49 ? 163 ILE A CG2 1 
ATOM   536  C  CD1 . ILE A 1 70  ? -2.584  -7.903  4.303   1.00 44.91 ? 163 ILE A CD1 1 
ATOM   537  N  N   . GLU A 1 71  ? -4.304  -4.466  8.741   1.00 30.41 ? 164 GLU A N   1 
ATOM   538  C  CA  . GLU A 1 71  ? -4.184  -3.305  9.603   1.00 32.18 ? 164 GLU A CA  1 
ATOM   539  C  C   . GLU A 1 71  ? -2.927  -3.464  10.416  1.00 35.11 ? 164 GLU A C   1 
ATOM   540  O  O   . GLU A 1 71  ? -2.701  -4.532  10.923  1.00 36.17 ? 164 GLU A O   1 
ATOM   541  C  CB  . GLU A 1 71  ? -5.443  -3.199  10.434  1.00 34.15 ? 164 GLU A CB  1 
ATOM   542  C  CG  . GLU A 1 71  ? -5.509  -2.134  11.485  1.00 44.86 ? 164 GLU A CG  1 
ATOM   543  C  CD  . GLU A 1 71  ? -6.898  -2.161  12.106  1.00 50.61 ? 164 GLU A CD  1 
ATOM   544  O  OE1 . GLU A 1 71  ? -7.071  -2.820  13.157  1.00 58.91 ? 164 GLU A OE1 1 
ATOM   545  O  OE2 . GLU A 1 71  ? -7.816  -1.613  11.477  1.00 42.09 ? 164 GLU A OE2 1 
ATOM   546  N  N   . LEU A 1 72  ? -2.122  -2.412  10.492  1.00 29.80 ? 165 LEU A N   1 
ATOM   547  C  CA  . LEU A 1 72  ? -0.954  -2.380  11.298  1.00 33.34 ? 165 LEU A CA  1 
ATOM   548  C  C   . LEU A 1 72  ? -0.883  -1.093  12.126  1.00 33.05 ? 165 LEU A C   1 
ATOM   549  O  O   . LEU A 1 72  ? -1.217  0.026   11.720  1.00 32.04 ? 165 LEU A O   1 
ATOM   550  C  CB  . LEU A 1 72  ? 0.298   -2.462  10.446  1.00 31.85 ? 165 LEU A CB  1 
ATOM   551  C  CG  . LEU A 1 72  ? 0.483   -3.674  9.622   1.00 34.43 ? 165 LEU A CG  1 
ATOM   552  C  CD1 . LEU A 1 72  ? 1.757   -3.519  8.790   1.00 32.99 ? 165 LEU A CD1 1 
ATOM   553  C  CD2 . LEU A 1 72  ? 0.569   -4.924  10.497  1.00 40.48 ? 165 LEU A CD2 1 
ATOM   554  N  N   . ARG A 1 73  ? -0.371  -1.279  13.324  1.00 35.86 ? 166 ARG A N   1 
ATOM   555  C  CA  . ARG A 1 73  ? -0.196  -0.153  14.237  1.00 36.82 ? 166 ARG A CA  1 
ATOM   556  C  C   . ARG A 1 73  ? 1.299   0.066   14.290  1.00 37.33 ? 166 ARG A C   1 
ATOM   557  O  O   . ARG A 1 73  ? 2.105   -0.803  14.676  1.00 40.57 ? 166 ARG A O   1 
ATOM   558  C  CB  . ARG A 1 73  ? -0.801  -0.423  15.642  1.00 42.97 ? 166 ARG A CB  1 
ATOM   559  C  CG  . ARG A 1 73  ? -0.840  0.867   16.490  1.00 49.77 ? 166 ARG A CG  1 
ATOM   560  C  CD  . ARG A 1 73  ? -1.138  0.664   17.996  1.00 57.87 ? 166 ARG A CD  1 
ATOM   561  N  NE  . ARG A 1 73  ? -0.207  -0.272  18.693  1.00 54.25 ? 166 ARG A NE  1 
ATOM   562  C  CZ  . ARG A 1 73  ? -0.569  -1.330  19.441  1.00 61.59 ? 166 ARG A CZ  1 
ATOM   563  N  NH1 . ARG A 1 73  ? -1.851  -1.644  19.669  1.00 59.38 ? 166 ARG A NH1 1 
ATOM   564  N  NH2 . ARG A 1 73  ? 0.364   -2.103  20.000  1.00 59.58 ? 166 ARG A NH2 1 
ATOM   565  N  N   . ILE A 1 74  ? 1.730   1.192   13.817  1.00 30.32 ? 167 ILE A N   1 
ATOM   566  C  CA  . ILE A 1 74  ? 3.113   1.451   13.781  1.00 39.15 ? 167 ILE A CA  1 
ATOM   567  C  C   . ILE A 1 74  ? 3.320   2.713   14.578  1.00 38.50 ? 167 ILE A C   1 
ATOM   568  O  O   . ILE A 1 74  ? 2.747   3.759   14.224  1.00 36.83 ? 167 ILE A O   1 
ATOM   569  C  CB  . ILE A 1 74  ? 3.529   1.651   12.317  1.00 43.52 ? 167 ILE A CB  1 
ATOM   570  C  CG1 . ILE A 1 74  ? 3.413   0.273   11.609  1.00 44.45 ? 167 ILE A CG1 1 
ATOM   571  C  CG2 . ILE A 1 74  ? 4.922   2.305   12.245  1.00 44.92 ? 167 ILE A CG2 1 
ATOM   572  C  CD1 . ILE A 1 74  ? 3.744   0.298   10.135  1.00 44.23 ? 167 ILE A CD1 1 
ATOM   573  N  N   . ASN A 1 75  ? 4.119   2.642   15.637  1.00 38.05 ? 168 ASN A N   1 
ATOM   574  C  CA  . ASN A 1 75  ? 4.330   3.830   16.491  1.00 39.40 ? 168 ASN A CA  1 
ATOM   575  C  C   . ASN A 1 75  ? 3.085   4.548   16.842  1.00 40.84 ? 168 ASN A C   1 
ATOM   576  O  O   . ASN A 1 75  ? 2.963   5.764   16.654  1.00 49.27 ? 168 ASN A O   1 
ATOM   577  C  CB  . ASN A 1 75  ? 5.242   4.789   15.751  1.00 41.99 ? 168 ASN A CB  1 
ATOM   578  C  CG  . ASN A 1 75  ? 6.597   4.218   15.605  1.00 42.33 ? 168 ASN A CG  1 
ATOM   579  O  OD1 . ASN A 1 75  ? 7.051   3.506   16.510  1.00 42.36 ? 168 ASN A OD1 1 
ATOM   580  N  ND2 . ASN A 1 75  ? 7.208   4.400   14.442  1.00 41.42 ? 168 ASN A ND2 1 
ATOM   581  N  N   . ASP A 1 76  ? 2.154   3.753   17.281  1.00 36.24 ? 169 ASP A N   1 
ATOM   582  C  CA  . ASP A 1 76  ? 0.898   4.133   17.844  1.00 54.42 ? 169 ASP A CA  1 
ATOM   583  C  C   . ASP A 1 76  ? 0.011   4.937   16.848  1.00 53.68 ? 169 ASP A C   1 
ATOM   584  O  O   . ASP A 1 76  ? -0.756  5.802   17.246  1.00 59.01 ? 169 ASP A O   1 
ATOM   585  C  CB  . ASP A 1 76  ? 1.136   4.764   19.259  1.00 61.12 ? 169 ASP A CB  1 
ATOM   586  C  CG  . ASP A 1 76  ? 0.296   4.064   20.375  1.00 69.02 ? 169 ASP A CG  1 
ATOM   587  O  OD1 . ASP A 1 76  ? 0.605   2.907   21.014  1.00 44.75 ? 169 ASP A OD1 1 
ATOM   588  O  OD2 . ASP A 1 76  ? -0.731  4.755   20.587  1.00 73.02 ? 169 ASP A OD2 1 
ATOM   589  N  N   . GLN A 1 77  ? 0.124   4.600   15.560  1.00 49.44 ? 170 GLN A N   1 
ATOM   590  C  CA  . GLN A 1 77  ? -0.759  5.123   14.465  1.00 47.75 ? 170 GLN A CA  1 
ATOM   591  C  C   . GLN A 1 77  ? -1.237  3.918   13.680  1.00 44.32 ? 170 GLN A C   1 
ATOM   592  O  O   . GLN A 1 77  ? -0.439  3.021   13.337  1.00 42.18 ? 170 GLN A O   1 
ATOM   593  C  CB  . GLN A 1 77  ? -0.030  6.099   13.569  1.00 53.30 ? 170 GLN A CB  1 
ATOM   594  C  CG  . GLN A 1 77  ? -0.847  6.572   12.338  1.00 70.25 ? 170 GLN A CG  1 
ATOM   595  C  CD  . GLN A 1 77  ? -0.645  8.037   11.947  1.00 71.28 ? 170 GLN A CD  1 
ATOM   596  O  OE1 . GLN A 1 77  ? -0.063  8.831   12.684  1.00 86.14 ? 170 GLN A OE1 1 
ATOM   597  N  NE2 . GLN A 1 77  ? -1.166  8.402   10.785  1.00 85.16 ? 170 GLN A NE2 1 
ATOM   598  N  N   . LEU A 1 78  ? -2.540  3.848   13.466  1.00 36.69 ? 171 LEU A N   1 
ATOM   599  C  CA  . LEU A 1 78  ? -3.138  2.702   12.855  1.00 40.40 ? 171 LEU A CA  1 
ATOM   600  C  C   . LEU A 1 78  ? -3.233  2.906   11.333  1.00 37.15 ? 171 LEU A C   1 
ATOM   601  O  O   . LEU A 1 78  ? -3.648  3.953   10.946  1.00 38.56 ? 171 LEU A O   1 
ATOM   602  C  CB  . LEU A 1 78  ? -4.513  2.544   13.425  1.00 47.63 ? 171 LEU A CB  1 
ATOM   603  C  CG  . LEU A 1 78  ? -5.192  1.232   13.173  1.00 56.68 ? 171 LEU A CG  1 
ATOM   604  C  CD1 . LEU A 1 78  ? -4.936  0.316   14.369  1.00 71.57 ? 171 LEU A CD1 1 
ATOM   605  C  CD2 . LEU A 1 78  ? -6.678  1.486   12.948  1.00 60.43 ? 171 LEU A CD2 1 
ATOM   606  N  N   . ALA A 1 79  ? -2.836  1.921   10.506  1.00 30.67 ? 172 ALA A N   1 
ATOM   607  C  CA  . ALA A 1 79  ? -2.922  2.015   9.001   1.00 29.33 ? 172 ALA A CA  1 
ATOM   608  C  C   . ALA A 1 79  ? -3.670  0.773   8.519   1.00 32.92 ? 172 ALA A C   1 
ATOM   609  O  O   . ALA A 1 79  ? -3.309  -0.365  8.832   1.00 29.93 ? 172 ALA A O   1 
ATOM   610  C  CB  . ALA A 1 79  ? -1.546  2.204   8.304   1.00 31.40 ? 172 ALA A CB  1 
ATOM   611  N  N   . ARG A 1 80  ? -4.816  0.982   7.869   1.00 26.93 ? 173 ARG A N   1 
ATOM   612  C  CA  . ARG A 1 80  ? -5.600  -0.100  7.397   1.00 25.67 ? 173 ARG A CA  1 
ATOM   613  C  C   . ARG A 1 80  ? -5.706  -0.020  5.867   1.00 26.51 ? 173 ARG A C   1 
ATOM   614  O  O   . ARG A 1 80  ? -6.100  1.021   5.289   1.00 27.77 ? 173 ARG A O   1 
ATOM   615  C  CB  . ARG A 1 80  ? -7.011  -0.100  8.004   1.00 29.60 ? 173 ARG A CB  1 
ATOM   616  C  CG  . ARG A 1 80  ? -7.894  -1.197  7.342   1.00 29.61 ? 173 ARG A CG  1 
ATOM   617  C  CD  . ARG A 1 80  ? -9.345  -0.973  7.733   1.00 32.32 ? 173 ARG A CD  1 
ATOM   618  N  NE  . ARG A 1 80  ? -9.445  -1.139  9.195   1.00 37.80 ? 173 ARG A NE  1 
ATOM   619  C  CZ  . ARG A 1 80  ? -10.607 -1.066  9.855   1.00 44.28 ? 173 ARG A CZ  1 
ATOM   620  N  NH1 . ARG A 1 80  ? -11.738 -0.846  9.179   1.00 44.42 ? 173 ARG A NH1 1 
ATOM   621  N  NH2 . ARG A 1 80  ? -10.616 -1.187  11.163  1.00 46.24 ? 173 ARG A NH2 1 
ATOM   622  N  N   . LEU A 1 81  ? -5.275  -1.101  5.199   1.00 24.93 ? 174 LEU A N   1 
ATOM   623  C  CA  . LEU A 1 81  ? -5.321  -1.150  3.740   1.00 22.44 ? 174 LEU A CA  1 
ATOM   624  C  C   . LEU A 1 81  ? -6.290  -2.222  3.363   1.00 22.17 ? 174 LEU A C   1 
ATOM   625  O  O   . LEU A 1 81  ? -6.065  -3.395  3.644   1.00 22.76 ? 174 LEU A O   1 
ATOM   626  C  CB  . LEU A 1 81  ? -3.973  -1.517  3.124   1.00 22.21 ? 174 LEU A CB  1 
ATOM   627  C  CG  . LEU A 1 81  ? -2.828  -0.570  3.502   1.00 22.79 ? 174 LEU A CG  1 
ATOM   628  C  CD1 . LEU A 1 81  ? -1.460  -0.967  2.959   1.00 24.74 ? 174 LEU A CD1 1 
ATOM   629  C  CD2 . LEU A 1 81  ? -3.144  0.933   3.153   1.00 26.19 ? 174 LEU A CD2 1 
ATOM   630  N  N   . TYR A 1 82  ? -7.336  -1.831  2.661   1.00 23.88 ? 175 TYR A N   1 
ATOM   631  C  CA  . TYR A 1 82  ? -8.241  -2.797  2.096   1.00 21.77 ? 175 TYR A CA  1 
ATOM   632  C  C   . TYR A 1 82  ? -7.674  -3.518  0.889   1.00 25.78 ? 175 TYR A C   1 
ATOM   633  O  O   . TYR A 1 82  ? -6.988  -2.926  0.081   1.00 24.09 ? 175 TYR A O   1 
ATOM   634  C  CB  . TYR A 1 82  ? -9.522  -2.114  1.619   1.00 24.69 ? 175 TYR A CB  1 
ATOM   635  C  CG  . TYR A 1 82  ? -10.280 -1.611  2.788   1.00 23.30 ? 175 TYR A CG  1 
ATOM   636  C  CD1 . TYR A 1 82  ? -11.179 -2.462  3.448   1.00 27.54 ? 175 TYR A CD1 1 
ATOM   637  C  CD2 . TYR A 1 82  ? -10.077 -0.366  3.301   1.00 26.84 ? 175 TYR A CD2 1 
ATOM   638  C  CE1 . TYR A 1 82  ? -11.914 -2.017  4.550   1.00 30.26 ? 175 TYR A CE1 1 
ATOM   639  C  CE2 . TYR A 1 82  ? -10.736 0.036   4.424   1.00 28.88 ? 175 TYR A CE2 1 
ATOM   640  C  CZ  . TYR A 1 82  ? -11.655 -0.809  5.036   1.00 34.67 ? 175 TYR A CZ  1 
ATOM   641  O  OH  . TYR A 1 82  ? -12.370 -0.431  6.117   1.00 35.74 ? 175 TYR A OH  1 
ATOM   642  N  N   . ILE A 1 83  ? -7.881  -4.818  0.829   1.00 23.55 ? 176 ILE A N   1 
ATOM   643  C  CA  . ILE A 1 83  ? -7.327  -5.636  -0.183  1.00 22.16 ? 176 ILE A CA  1 
ATOM   644  C  C   . ILE A 1 83  ? -8.290  -5.656  -1.349  1.00 22.27 ? 176 ILE A C   1 
ATOM   645  O  O   . ILE A 1 83  ? -9.414  -6.080  -1.202  1.00 24.72 ? 176 ILE A O   1 
ATOM   646  C  CB  . ILE A 1 83  ? -6.958  -7.024  0.408   1.00 25.83 ? 176 ILE A CB  1 
ATOM   647  C  CG1 . ILE A 1 83  ? -5.854  -6.837  1.507   1.00 27.46 ? 176 ILE A CG1 1 
ATOM   648  C  CG2 . ILE A 1 83  ? -6.447  -7.876  -0.688  1.00 23.48 ? 176 ILE A CG2 1 
ATOM   649  C  CD1 . ILE A 1 83  ? -5.692  -8.076  2.357   1.00 39.51 ? 176 ILE A CD1 1 
ATOM   650  N  N   . ILE A 1 84  ? -7.795  -5.294  -2.537  1.00 22.92 ? 177 ILE A N   1 
ATOM   651  C  CA  . ILE A 1 84  ? -8.559  -5.151  -3.760  1.00 22.44 ? 177 ILE A CA  1 
ATOM   652  C  C   . ILE A 1 84  ? -7.969  -5.947  -4.928  1.00 21.47 ? 177 ILE A C   1 
ATOM   653  O  O   . ILE A 1 84  ? -7.210  -5.427  -5.711  1.00 21.70 ? 177 ILE A O   1 
ATOM   654  C  CB  . ILE A 1 84  ? -8.664  -3.676  -4.187  1.00 24.34 ? 177 ILE A CB  1 
ATOM   655  C  CG1 . ILE A 1 84  ? -9.090  -2.753  -3.083  1.00 24.74 ? 177 ILE A CG1 1 
ATOM   656  C  CG2 . ILE A 1 84  ? -9.647  -3.522  -5.332  1.00 23.94 ? 177 ILE A CG2 1 
ATOM   657  C  CD1 . ILE A 1 84  ? -10.483 -2.913  -2.563  1.00 28.94 ? 177 ILE A CD1 1 
ATOM   658  N  N   . PRO A 1 85  ? -8.297  -7.215  -5.071  1.00 23.07 ? 178 PRO A N   1 
ATOM   659  C  CA  . PRO A 1 85  ? -7.675  -8.044  -6.166  1.00 21.72 ? 178 PRO A CA  1 
ATOM   660  C  C   . PRO A 1 85  ? -8.354  -7.905  -7.397  1.00 22.32 ? 178 PRO A C   1 
ATOM   661  O  O   . PRO A 1 85  ? -9.447  -7.332  -7.515  1.00 24.28 ? 178 PRO A O   1 
ATOM   662  C  CB  . PRO A 1 85  ? -7.925  -9.518  -5.717  1.00 26.52 ? 178 PRO A CB  1 
ATOM   663  C  CG  . PRO A 1 85  ? -8.524  -9.378  -4.428  1.00 27.09 ? 178 PRO A CG  1 
ATOM   664  C  CD  . PRO A 1 85  ? -9.085  -8.035  -4.140  1.00 25.26 ? 178 PRO A CD  1 
ATOM   665  N  N   . GLY A 1 86  ? -7.709  -8.396  -8.410  1.00 23.09 ? 179 GLY A N   1 
ATOM   666  C  CA  . GLY A 1 86  ? -8.293  -8.526  -9.700  1.00 24.12 ? 179 GLY A CA  1 
ATOM   667  C  C   . GLY A 1 86  ? -8.408  -7.327  -10.564 1.00 24.51 ? 179 GLY A C   1 
ATOM   668  O  O   . GLY A 1 86  ? -9.319  -7.249  -11.386 1.00 29.05 ? 179 GLY A O   1 
ATOM   669  N  N   . ILE A 1 87  ? -7.592  -6.332  -10.339 1.00 24.76 ? 180 ILE A N   1 
ATOM   670  C  CA  . ILE A 1 87  ? -7.678  -5.091  -11.123 1.00 24.43 ? 180 ILE A CA  1 
ATOM   671  C  C   . ILE A 1 87  ? -6.730  -5.276  -12.333 1.00 29.53 ? 180 ILE A C   1 
ATOM   672  O  O   . ILE A 1 87  ? -5.583  -5.562  -12.192 1.00 28.63 ? 180 ILE A O   1 
ATOM   673  C  CB  . ILE A 1 87  ? -7.318  -3.872  -10.290 1.00 25.92 ? 180 ILE A CB  1 
ATOM   674  C  CG1 . ILE A 1 87  ? -8.220  -3.755  -9.076  1.00 25.30 ? 180 ILE A CG1 1 
ATOM   675  C  CG2 . ILE A 1 87  ? -7.249  -2.607  -11.111 1.00 27.31 ? 180 ILE A CG2 1 
ATOM   676  C  CD1 . ILE A 1 87  ? -9.702  -3.955  -9.353  1.00 24.94 ? 180 ILE A CD1 1 
ATOM   677  N  N   . PRO A 1 88  ? -7.243  -5.100  -13.556 1.00 32.32 ? 181 PRO A N   1 
ATOM   678  C  CA  . PRO A 1 88  ? -6.381  -5.370  -14.761 1.00 30.73 ? 181 PRO A CA  1 
ATOM   679  C  C   . PRO A 1 88  ? -5.110  -4.545  -14.808 1.00 33.67 ? 181 PRO A C   1 
ATOM   680  O  O   . PRO A 1 88  ? -5.156  -3.306  -14.520 1.00 29.49 ? 181 PRO A O   1 
ATOM   681  C  CB  . PRO A 1 88  ? -7.323  -5.081  -15.952 1.00 36.37 ? 181 PRO A CB  1 
ATOM   682  C  CG  . PRO A 1 88  ? -8.717  -5.145  -15.382 1.00 39.17 ? 181 PRO A CG  1 
ATOM   683  C  CD  . PRO A 1 88  ? -8.656  -4.844  -13.898 1.00 36.39 ? 181 PRO A CD  1 
ATOM   684  N  N   . LYS A 1 89  ? -3.992  -5.185  -15.142 1.00 32.15 ? 182 LYS A N   1 
ATOM   685  C  CA  . LYS A 1 89  ? -2.720  -4.500  -15.285 1.00 36.26 ? 182 LYS A CA  1 
ATOM   686  C  C   . LYS A 1 89  ? -2.696  -3.439  -16.327 1.00 35.95 ? 182 LYS A C   1 
ATOM   687  O  O   . LYS A 1 89  ? -1.867  -2.556  -16.218 1.00 41.40 ? 182 LYS A O   1 
ATOM   688  C  CB  . LYS A 1 89  ? -1.504  -5.428  -15.516 1.00 47.58 ? 182 LYS A CB  1 
ATOM   689  C  CG  . LYS A 1 89  ? -0.792  -5.868  -14.240 1.00 55.99 ? 182 LYS A CG  1 
ATOM   690  C  CD  . LYS A 1 89  ? 0.574   -6.510  -14.485 1.00 60.16 ? 182 LYS A CD  1 
ATOM   691  C  CE  . LYS A 1 89  ? 0.503   -7.777  -15.340 1.00 67.08 ? 182 LYS A CE  1 
ATOM   692  N  NZ  . LYS A 1 89  ? -0.356  -8.906  -14.805 1.00 62.16 ? 182 LYS A NZ  1 
ATOM   693  N  N   . ASP A 1 90  ? -3.608  -3.456  -17.298 1.00 35.66 ? 183 ASP A N   1 
ATOM   694  C  CA  . ASP A 1 90  ? -3.662  -2.344  -18.278 1.00 40.68 ? 183 ASP A CA  1 
ATOM   695  C  C   . ASP A 1 90  ? -4.542  -1.164  -17.845 1.00 37.67 ? 183 ASP A C   1 
ATOM   696  O  O   . ASP A 1 90  ? -4.698  -0.172  -18.576 1.00 36.14 ? 183 ASP A O   1 
ATOM   697  C  CB  . ASP A 1 90  ? -4.048  -2.878  -19.654 1.00 44.81 ? 183 ASP A CB  1 
ATOM   698  C  CG  . ASP A 1 90  ? -5.443  -3.469  -19.692 1.00 53.60 ? 183 ASP A CG  1 
ATOM   699  O  OD1 . ASP A 1 90  ? -6.141  -3.582  -18.657 1.00 52.20 ? 183 ASP A OD1 1 
ATOM   700  O  OD2 . ASP A 1 90  ? -5.854  -3.845  -20.787 1.00 58.05 ? 183 ASP A OD2 1 
ATOM   701  N  N   . THR A 1 91  ? -5.103  -1.222  -16.635 1.00 34.47 ? 184 THR A N   1 
ATOM   702  C  CA  . THR A 1 91  ? -5.764  -0.025  -16.069 1.00 31.99 ? 184 THR A CA  1 
ATOM   703  C  C   . THR A 1 91  ? -4.897  1.239   -16.111 1.00 36.30 ? 184 THR A C   1 
ATOM   704  O  O   . THR A 1 91  ? -3.731  1.203   -15.757 1.00 36.55 ? 184 THR A O   1 
ATOM   705  C  CB  . THR A 1 91  ? -6.182  -0.309  -14.642 1.00 29.18 ? 184 THR A CB  1 
ATOM   706  O  OG1 . THR A 1 91  ? -7.012  -1.516  -14.606 1.00 30.94 ? 184 THR A OG1 1 
ATOM   707  C  CG2 . THR A 1 91  ? -6.891  0.872   -14.030 1.00 28.98 ? 184 THR A CG2 1 
ATOM   708  N  N   . LYS A 1 92  ? -5.437  2.359   -16.559 1.00 39.93 ? 185 LYS A N   1 
ATOM   709  C  CA  . LYS A 1 92  ? -4.710  3.638   -16.574 1.00 42.19 ? 185 LYS A CA  1 
ATOM   710  C  C   . LYS A 1 92  ? -4.896  4.383   -15.295 1.00 39.58 ? 185 LYS A C   1 
ATOM   711  O  O   . LYS A 1 92  ? -6.014  4.718   -14.940 1.00 40.72 ? 185 LYS A O   1 
ATOM   712  C  CB  . LYS A 1 92  ? -5.238  4.513   -17.749 1.00 51.59 ? 185 LYS A CB  1 
ATOM   713  C  CG  . LYS A 1 92  ? -5.071  3.861   -19.109 1.00 47.62 ? 185 LYS A CG  1 
ATOM   714  C  CD  . LYS A 1 92  ? -3.718  3.152   -19.294 1.00 58.36 ? 185 LYS A CD  1 
ATOM   715  N  N   . PHE A 1 93  ? -3.803  4.594   -14.560 1.00 36.91 ? 186 PHE A N   1 
ATOM   716  C  CA  . PHE A 1 93  ? -3.817  5.227   -13.293 1.00 33.91 ? 186 PHE A CA  1 
ATOM   717  C  C   . PHE A 1 93  ? -3.187  6.582   -13.519 1.00 35.66 ? 186 PHE A C   1 
ATOM   718  O  O   . PHE A 1 93  ? -2.170  6.703   -14.163 1.00 41.26 ? 186 PHE A O   1 
ATOM   719  C  CB  . PHE A 1 93  ? -2.958  4.467   -12.266 1.00 30.65 ? 186 PHE A CB  1 
ATOM   720  C  CG  . PHE A 1 93  ? -3.471  3.075   -11.960 1.00 30.62 ? 186 PHE A CG  1 
ATOM   721  C  CD1 . PHE A 1 93  ? -4.564  2.932   -11.157 1.00 29.07 ? 186 PHE A CD1 1 
ATOM   722  C  CD2 . PHE A 1 93  ? -2.901  1.928   -12.515 1.00 26.36 ? 186 PHE A CD2 1 
ATOM   723  C  CE1 . PHE A 1 93  ? -5.096  1.705   -10.864 1.00 28.06 ? 186 PHE A CE1 1 
ATOM   724  C  CE2 . PHE A 1 93  ? -3.440  0.680   -12.238 1.00 28.17 ? 186 PHE A CE2 1 
ATOM   725  C  CZ  . PHE A 1 93  ? -4.501  0.546   -11.378 1.00 28.48 ? 186 PHE A CZ  1 
ATOM   726  N  N   . ASN A 1 94  ? -3.758  7.588   -12.902 1.00 37.57 ? 187 ASN A N   1 
ATOM   727  C  CA  . ASN A 1 94  ? -3.260  8.953   -13.014 1.00 42.77 ? 187 ASN A CA  1 
ATOM   728  C  C   . ASN A 1 94  ? -3.636  9.669   -11.762 1.00 37.61 ? 187 ASN A C   1 
ATOM   729  O  O   . ASN A 1 94  ? -4.823  9.808   -11.488 1.00 40.81 ? 187 ASN A O   1 
ATOM   730  C  CB  . ASN A 1 94  ? -3.986  9.617   -14.190 1.00 52.05 ? 187 ASN A CB  1 
ATOM   731  C  CG  . ASN A 1 94  ? -3.465  9.155   -15.520 1.00 59.84 ? 187 ASN A CG  1 
ATOM   732  O  OD1 . ASN A 1 94  ? -4.195  8.574   -16.348 1.00 63.16 ? 187 ASN A OD1 1 
ATOM   733  N  ND2 . ASN A 1 94  ? -2.182  9.411   -15.749 1.00 68.04 ? 187 ASN A ND2 1 
ATOM   734  N  N   . PRO A 1 95  ? -2.654  10.183  -10.992 1.00 37.20 ? 188 PRO A N   1 
ATOM   735  C  CA  . PRO A 1 95  ? -3.102  10.888  -9.826  1.00 35.11 ? 188 PRO A CA  1 
ATOM   736  C  C   . PRO A 1 95  ? -3.796  12.180  -10.162 1.00 44.01 ? 188 PRO A C   1 
ATOM   737  O  O   . PRO A 1 95  ? -3.649  12.710  -11.261 1.00 42.47 ? 188 PRO A O   1 
ATOM   738  C  CB  . PRO A 1 95  ? -1.810  11.150  -9.048  1.00 36.28 ? 188 PRO A CB  1 
ATOM   739  C  CG  . PRO A 1 95  ? -0.855  11.328  -10.118 1.00 40.61 ? 188 PRO A CG  1 
ATOM   740  C  CD  . PRO A 1 95  ? -1.195  10.322  -11.181 1.00 39.20 ? 188 PRO A CD  1 
ATOM   741  N  N   . LYS A 1 96  ? -4.636  12.633  -9.234  0.50 50.54 ? 189 LYS A N   1 
ATOM   742  C  CA  . LYS A 1 96  ? -5.235  13.954  -9.295  0.50 56.75 ? 189 LYS A CA  1 
ATOM   743  C  C   . LYS A 1 96  ? -4.166  14.873  -8.740  0.50 58.67 ? 189 LYS A C   1 
ATOM   744  O  O   . LYS A 1 96  ? -3.880  15.954  -9.261  0.50 62.57 ? 189 LYS A O   1 
ATOM   745  C  CB  . LYS A 1 96  ? -6.469  14.036  -8.398  0.50 63.06 ? 189 LYS A CB  1 
ATOM   746  C  CG  . LYS A 1 96  ? -7.359  12.797  -8.392  0.50 67.54 ? 189 LYS A CG  1 
ATOM   747  C  CD  . LYS A 1 96  ? -8.036  12.546  -9.732  0.50 70.27 ? 189 LYS A CD  1 
ATOM   748  C  CE  . LYS A 1 96  ? -7.127  11.784  -10.680 0.50 72.00 ? 189 LYS A CE  1 
ATOM   749  N  NZ  . LYS A 1 96  ? -7.868  11.177  -11.818 0.50 74.74 ? 189 LYS A NZ  1 
ATOM   750  N  N   . THR A 1 97  ? -3.558  14.367  -7.677  0.50 57.41 ? 190 THR A N   1 
ATOM   751  C  CA  . THR A 1 97  ? -2.608  15.098  -6.870  0.50 52.95 ? 190 THR A CA  1 
ATOM   752  C  C   . THR A 1 97  ? -1.192  14.928  -7.419  0.50 53.15 ? 190 THR A C   1 
ATOM   753  O  O   . THR A 1 97  ? -0.367  14.258  -6.784  0.50 46.98 ? 190 THR A O   1 
ATOM   754  C  CB  . THR A 1 97  ? -2.661  14.566  -5.414  0.50 53.55 ? 190 THR A CB  1 
ATOM   755  O  OG1 . THR A 1 97  ? -2.552  13.134  -5.418  0.50 43.55 ? 190 THR A OG1 1 
ATOM   756  C  CG2 . THR A 1 97  ? -3.978  14.967  -4.718  0.50 53.12 ? 190 THR A CG2 1 
ATOM   757  N  N   . ARG A 1 98  ? -0.902  15.537  -8.578  0.50 49.79 ? 191 ARG A N   1 
ATOM   758  C  CA  . ARG A 1 98  ? 0.396   15.324  -9.228  0.50 48.24 ? 191 ARG A CA  1 
ATOM   759  C  C   . ARG A 1 98  ? 1.519   16.170  -8.629  0.50 45.01 ? 191 ARG A C   1 
ATOM   760  O  O   . ARG A 1 98  ? 2.686   15.987  -8.976  0.50 42.48 ? 191 ARG A O   1 
ATOM   761  C  CB  . ARG A 1 98  ? 0.336   15.497  -10.747 0.50 47.59 ? 191 ARG A CB  1 
ATOM   762  C  CG  . ARG A 1 98  ? 0.566   14.194  -11.517 0.50 50.41 ? 191 ARG A CG  1 
ATOM   763  C  CD  . ARG A 1 98  ? 1.733   14.271  -12.500 0.50 49.51 ? 191 ARG A CD  1 
ATOM   764  N  NE  . ARG A 1 98  ? 2.886   13.430  -12.125 0.50 51.11 ? 191 ARG A NE  1 
ATOM   765  C  CZ  . ARG A 1 98  ? 3.977   13.295  -12.885 0.50 51.41 ? 191 ARG A CZ  1 
ATOM   766  N  NH1 . ARG A 1 98  ? 4.049   13.927  -14.053 0.50 49.55 ? 191 ARG A NH1 1 
ATOM   767  N  NH2 . ARG A 1 98  ? 4.988   12.523  -12.498 0.50 52.04 ? 191 ARG A NH2 1 
ATOM   768  N  N   . ARG A 1 99  ? 1.173   17.061  -7.702  0.50 41.43 ? 192 ARG A N   1 
ATOM   769  C  CA  . ARG A 1 99  ? 2.181   17.696  -6.855  0.50 37.76 ? 192 ARG A CA  1 
ATOM   770  C  C   . ARG A 1 99  ? 2.531   16.824  -5.642  0.50 32.14 ? 192 ARG A C   1 
ATOM   771  O  O   . ARG A 1 99  ? 3.431   17.147  -4.891  0.50 28.84 ? 192 ARG A O   1 
ATOM   772  C  CB  . ARG A 1 99  ? 1.699   19.079  -6.381  0.50 43.82 ? 192 ARG A CB  1 
ATOM   773  C  CG  . ARG A 1 99  ? 1.457   20.074  -7.508  0.50 47.28 ? 192 ARG A CG  1 
ATOM   774  C  CD  . ARG A 1 99  ? 0.650   21.290  -7.053  0.50 52.14 ? 192 ARG A CD  1 
ATOM   775  N  NE  . ARG A 1 99  ? 1.503   22.463  -6.899  0.50 59.78 ? 192 ARG A NE  1 
ATOM   776  C  CZ  . ARG A 1 99  ? 1.732   23.346  -7.865  0.50 62.60 ? 192 ARG A CZ  1 
ATOM   777  N  NH1 . ARG A 1 99  ? 1.154   23.202  -9.048  0.50 67.70 ? 192 ARG A NH1 1 
ATOM   778  N  NH2 . ARG A 1 99  ? 2.530   24.375  -7.647  0.50 59.22 ? 192 ARG A NH2 1 
ATOM   779  N  N   . GLU A 1 100 ? 1.819   15.704  -5.467  1.00 30.11 ? 193 GLU A N   1 
ATOM   780  C  CA  . GLU A 1 100 ? 2.066   14.747  -4.409  1.00 29.03 ? 193 GLU A CA  1 
ATOM   781  C  C   . GLU A 1 100 ? 2.575   13.374  -4.865  1.00 24.38 ? 193 GLU A C   1 
ATOM   782  O  O   . GLU A 1 100 ? 3.209   12.726  -4.101  1.00 28.78 ? 193 GLU A O   1 
ATOM   783  C  CB  . GLU A 1 100 ? 0.779   14.551  -3.583  1.00 41.09 ? 193 GLU A CB  1 
ATOM   784  C  CG  . GLU A 1 100 ? 0.141   15.908  -3.236  1.00 50.41 ? 193 GLU A CG  1 
ATOM   785  C  CD  . GLU A 1 100 ? -1.091  15.766  -2.351  1.00 55.11 ? 193 GLU A CD  1 
ATOM   786  O  OE1 . GLU A 1 100 ? -0.988  15.025  -1.346  1.00 57.66 ? 193 GLU A OE1 1 
ATOM   787  O  OE2 . GLU A 1 100 ? -2.153  16.359  -2.695  1.00 66.15 ? 193 GLU A OE2 1 
ATOM   788  N  N   . ILE A 1 101 ? 2.272   12.976  -6.074  1.00 20.55 ? 194 ILE A N   1 
ATOM   789  C  CA  . ILE A 1 101 ? 2.611   11.598  -6.585  1.00 23.44 ? 194 ILE A CA  1 
ATOM   790  C  C   . ILE A 1 101 ? 3.497   11.714  -7.820  1.00 25.29 ? 194 ILE A C   1 
ATOM   791  O  O   . ILE A 1 101 ? 3.109   12.243  -8.891  1.00 26.21 ? 194 ILE A O   1 
ATOM   792  C  CB  . ILE A 1 101 ? 1.353   10.756  -6.932  1.00 26.07 ? 194 ILE A CB  1 
ATOM   793  C  CG1 . ILE A 1 101 ? 0.467   10.588  -5.679  1.00 25.96 ? 194 ILE A CG1 1 
ATOM   794  C  CG2 . ILE A 1 101 ? 1.723   9.387   -7.511  1.00 26.59 ? 194 ILE A CG2 1 
ATOM   795  C  CD1 . ILE A 1 101 ? 1.036   9.842   -4.483  1.00 26.01 ? 194 ILE A CD1 1 
ATOM   796  N  N   . ARG A 1 102 ? 4.709   11.190  -7.664  1.00 24.28 ? 195 ARG A N   1 
ATOM   797  C  CA  . ARG A 1 102 ? 5.625   11.093  -8.785  1.00 24.86 ? 195 ARG A CA  1 
ATOM   798  C  C   . ARG A 1 102 ? 5.296   10.053  -9.778  1.00 26.14 ? 195 ARG A C   1 
ATOM   799  O  O   . ARG A 1 102 ? 5.381   10.320  -10.965 1.00 25.57 ? 195 ARG A O   1 
ATOM   800  C  CB  . ARG A 1 102 ? 7.085   10.854  -8.278  1.00 24.14 ? 195 ARG A CB  1 
ATOM   801  C  CG  . ARG A 1 102 ? 8.168   11.137  -9.364  1.00 24.62 ? 195 ARG A CG  1 
ATOM   802  C  CD  . ARG A 1 102 ? 9.538   10.667  -9.029  1.00 23.65 ? 195 ARG A CD  1 
ATOM   803  N  NE  . ARG A 1 102 ? 10.161  11.325  -7.915  1.00 24.58 ? 195 ARG A NE  1 
ATOM   804  C  CZ  . ARG A 1 102 ? 10.736  12.541  -7.983  1.00 27.22 ? 195 ARG A CZ  1 
ATOM   805  N  NH1 . ARG A 1 102 ? 10.836  13.140  -9.154  1.00 25.55 ? 195 ARG A NH1 1 
ATOM   806  N  NH2 . ARG A 1 102 ? 11.251  13.120  -6.922  1.00 27.51 ? 195 ARG A NH2 1 
ATOM   807  N  N   . ASN A 1 103 ? 4.976   8.832   -9.350  1.00 24.61 ? 196 ASN A N   1 
ATOM   808  C  CA  . ASN A 1 103 ? 4.853   7.724   -10.269 1.00 26.30 ? 196 ASN A CA  1 
ATOM   809  C  C   . ASN A 1 103 ? 4.040   6.664   -9.548  1.00 24.73 ? 196 ASN A C   1 
ATOM   810  O  O   . ASN A 1 103 ? 3.822   6.751   -8.367  1.00 22.10 ? 196 ASN A O   1 
ATOM   811  C  CB  . ASN A 1 103 ? 6.219   7.127   -10.556 1.00 26.63 ? 196 ASN A CB  1 
ATOM   812  C  CG  . ASN A 1 103 ? 6.298   6.457   -11.874 1.00 32.71 ? 196 ASN A CG  1 
ATOM   813  O  OD1 . ASN A 1 103 ? 5.270   6.243   -12.546 1.00 32.53 ? 196 ASN A OD1 1 
ATOM   814  N  ND2 . ASN A 1 103 ? 7.530   5.985   -12.202 1.00 37.94 ? 196 ASN A ND2 1 
ATOM   815  N  N   . ILE A 1 104 ? 3.473   5.810   -10.366 1.00 23.07 ? 197 ILE A N   1 
ATOM   816  C  CA  . ILE A 1 104 ? 2.569   4.752   -9.953  1.00 23.60 ? 197 ILE A CA  1 
ATOM   817  C  C   . ILE A 1 104 ? 2.990   3.554   -10.779 1.00 26.29 ? 197 ILE A C   1 
ATOM   818  O  O   . ILE A 1 104 ? 3.024   3.629   -12.009 1.00 24.92 ? 197 ILE A O   1 
ATOM   819  C  CB  . ILE A 1 104 ? 1.113   5.072   -10.304 1.00 24.73 ? 197 ILE A CB  1 
ATOM   820  C  CG1 . ILE A 1 104 ? 0.614   6.270   -9.612  1.00 28.51 ? 197 ILE A CG1 1 
ATOM   821  C  CG2 . ILE A 1 104 ? 0.185   3.917   -9.970  1.00 22.90 ? 197 ILE A CG2 1 
ATOM   822  C  CD1 . ILE A 1 104 ? -0.700  6.777   -10.120 1.00 31.13 ? 197 ILE A CD1 1 
ATOM   823  N  N   . GLU A 1 105 ? 3.243   2.407   -10.127 1.00 24.46 ? 198 GLU A N   1 
ATOM   824  C  CA  . GLU A 1 105 ? 3.750   1.222   -10.788 1.00 24.44 ? 198 GLU A CA  1 
ATOM   825  C  C   . GLU A 1 105 ? 3.244   -0.038  -10.133 1.00 21.32 ? 198 GLU A C   1 
ATOM   826  O  O   . GLU A 1 105 ? 3.098   -0.110  -8.885  1.00 22.81 ? 198 GLU A O   1 
ATOM   827  C  CB  . GLU A 1 105 ? 5.256   1.118   -10.872 1.00 26.06 ? 198 GLU A CB  1 
ATOM   828  C  CG  . GLU A 1 105 ? 5.924   2.161   -11.752 1.00 32.39 ? 198 GLU A CG  1 
ATOM   829  C  CD  . GLU A 1 105 ? 7.465   2.150   -11.690 1.00 36.67 ? 198 GLU A CD  1 
ATOM   830  O  OE1 . GLU A 1 105 ? 8.093   1.172   -11.238 1.00 33.79 ? 198 GLU A OE1 1 
ATOM   831  O  OE2 . GLU A 1 105 ? 8.070   3.164   -12.122 1.00 46.70 ? 198 GLU A OE2 1 
ATOM   832  N  N   . TRP A 1 106 ? 3.244   -1.064  -10.979 1.00 22.22 ? 199 TRP A N   1 
ATOM   833  C  CA  . TRP A 1 106 ? 3.038   -2.422  -10.517 1.00 24.46 ? 199 TRP A CA  1 
ATOM   834  C  C   . TRP A 1 106 ? 4.368   -3.011  -10.109 1.00 22.95 ? 199 TRP A C   1 
ATOM   835  O  O   . TRP A 1 106 ? 5.381   -2.874  -10.808 1.00 26.37 ? 199 TRP A O   1 
ATOM   836  C  CB  . TRP A 1 106 ? 2.453   -3.319  -11.610 1.00 24.92 ? 199 TRP A CB  1 
ATOM   837  C  CG  . TRP A 1 106 ? 1.058   -3.006  -11.978 1.00 23.00 ? 199 TRP A CG  1 
ATOM   838  C  CD1 . TRP A 1 106 ? 0.623   -2.354  -13.091 1.00 28.33 ? 199 TRP A CD1 1 
ATOM   839  C  CD2 . TRP A 1 106 ? -0.150  -3.360  -11.225 1.00 23.46 ? 199 TRP A CD2 1 
ATOM   840  N  NE1 . TRP A 1 106 ? -0.764  -2.242  -13.066 1.00 29.34 ? 199 TRP A NE1 1 
ATOM   841  C  CE2 . TRP A 1 106 ? -1.263  -2.831  -11.942 1.00 24.64 ? 199 TRP A CE2 1 
ATOM   842  C  CE3 . TRP A 1 106 ? -0.369  -3.971  -10.025 1.00 24.82 ? 199 TRP A CE3 1 
ATOM   843  C  CZ2 . TRP A 1 106 ? -2.592  -3.040  -11.538 1.00 25.93 ? 199 TRP A CZ2 1 
ATOM   844  C  CZ3 . TRP A 1 106 ? -1.678  -4.150  -9.567  1.00 25.64 ? 199 TRP A CZ3 1 
ATOM   845  C  CH2 . TRP A 1 106 ? -2.784  -3.666  -10.318 1.00 26.80 ? 199 TRP A CH2 1 
ATOM   846  N  N   . PHE A 1 107 ? 4.357   -3.748  -9.013  1.00 22.74 ? 200 PHE A N   1 
ATOM   847  C  CA  . PHE A 1 107 ? 5.523   -4.487  -8.524  1.00 22.77 ? 200 PHE A CA  1 
ATOM   848  C  C   . PHE A 1 107 ? 5.178   -5.886  -8.296  1.00 27.70 ? 200 PHE A C   1 
ATOM   849  O  O   . PHE A 1 107 ? 4.104   -6.188  -7.732  1.00 26.46 ? 200 PHE A O   1 
ATOM   850  C  CB  . PHE A 1 107 ? 6.141   -3.866  -7.237  1.00 22.71 ? 200 PHE A CB  1 
ATOM   851  C  CG  . PHE A 1 107 ? 6.751   -2.487  -7.459  1.00 20.52 ? 200 PHE A CG  1 
ATOM   852  C  CD1 . PHE A 1 107 ? 5.983   -1.323  -7.470  1.00 23.30 ? 200 PHE A CD1 1 
ATOM   853  C  CD2 . PHE A 1 107 ? 8.084   -2.388  -7.843  1.00 24.36 ? 200 PHE A CD2 1 
ATOM   854  C  CE1 . PHE A 1 107 ? 6.605   -0.088  -7.720  1.00 23.80 ? 200 PHE A CE1 1 
ATOM   855  C  CE2 . PHE A 1 107 ? 8.671   -1.141  -8.081  1.00 25.79 ? 200 PHE A CE2 1 
ATOM   856  C  CZ  . PHE A 1 107 ? 7.935   -0.020  -7.998  1.00 24.10 ? 200 PHE A CZ  1 
ATOM   857  N  N   . SER A 1 108 ? 6.127   -6.788  -8.611  1.00 25.17 ? 201 SER A N   1 
ATOM   858  C  CA  . SER A 1 108 ? 5.970   -8.211  -8.320  1.00 27.12 ? 201 SER A CA  1 
ATOM   859  C  C   . SER A 1 108 ? 6.009   -8.396  -6.819  1.00 26.03 ? 201 SER A C   1 
ATOM   860  O  O   . SER A 1 108 ? 7.022   -8.072  -6.136  1.00 26.96 ? 201 SER A O   1 
ATOM   861  C  CB  . SER A 1 108 ? 7.083   -9.111  -9.041  1.00 27.91 ? 201 SER A CB  1 
ATOM   862  O  OG  . SER A 1 108 ? 7.132   -10.325 -8.343  1.00 32.21 ? 201 SER A OG  1 
ATOM   863  N  N   . ILE A 1 109 ? 5.008   -9.071  -6.289  1.00 24.64 ? 202 ILE A N   1 
ATOM   864  C  CA  . ILE A 1 109 ? 4.967   -9.337  -4.854  1.00 26.19 ? 202 ILE A CA  1 
ATOM   865  C  C   . ILE A 1 109 ? 6.123   -10.196 -4.394  1.00 32.15 ? 202 ILE A C   1 
ATOM   866  O  O   . ILE A 1 109 ? 6.714   -9.960  -3.328  1.00 30.98 ? 202 ILE A O   1 
ATOM   867  C  CB  . ILE A 1 109 ? 3.665   -9.992  -4.398  1.00 33.62 ? 202 ILE A CB  1 
ATOM   868  C  CG1 . ILE A 1 109 ? 2.491   -9.071  -4.512  1.00 40.36 ? 202 ILE A CG1 1 
ATOM   869  C  CG2 . ILE A 1 109 ? 3.738   -10.283 -2.897  1.00 38.12 ? 202 ILE A CG2 1 
ATOM   870  C  CD1 . ILE A 1 109 ? 1.166   -9.799  -4.283  1.00 46.99 ? 202 ILE A CD1 1 
ATOM   871  N  N   . GLU A 1 110 ? 6.495   -11.189 -5.213  1.00 29.71 ? 203 GLU A N   1 
ATOM   872  C  CA  . GLU A 1 110 ? 7.475   -12.122 -4.785  1.00 32.43 ? 203 GLU A CA  1 
ATOM   873  C  C   . GLU A 1 110 ? 8.854   -11.481 -4.732  1.00 29.77 ? 203 GLU A C   1 
ATOM   874  O  O   . GLU A 1 110 ? 9.685   -11.939 -3.955  1.00 31.59 ? 203 GLU A O   1 
ATOM   875  C  CB  . GLU A 1 110 ? 7.385   -13.423 -5.606  1.00 34.35 ? 203 GLU A CB  1 
ATOM   876  C  CG  . GLU A 1 110 ? 7.965   -13.436 -6.972  1.00 41.50 ? 203 GLU A CG  1 
ATOM   877  C  CD  . GLU A 1 110 ? 7.756   -14.840 -7.630  1.00 42.84 ? 203 GLU A CD  1 
ATOM   878  O  OE1 . GLU A 1 110 ? 6.978   -15.669 -7.072  1.00 58.17 ? 203 GLU A OE1 1 
ATOM   879  O  OE2 . GLU A 1 110 ? 8.358   -15.100 -8.680  1.00 55.25 ? 203 GLU A OE2 1 
ATOM   880  N  N   . LYS A 1 111 ? 9.047   -10.372 -5.459  1.00 26.12 ? 204 LYS A N   1 
ATOM   881  C  CA  . LYS A 1 111 ? 10.358  -9.695  -5.522  1.00 27.00 ? 204 LYS A CA  1 
ATOM   882  C  C   . LYS A 1 111 ? 10.517  -8.572  -4.482  1.00 25.81 ? 204 LYS A C   1 
ATOM   883  O  O   . LYS A 1 111 ? 11.624  -8.088  -4.251  1.00 27.97 ? 204 LYS A O   1 
ATOM   884  C  CB  . LYS A 1 111 ? 10.572  -9.116  -6.861  1.00 31.71 ? 204 LYS A CB  1 
ATOM   885  C  CG  . LYS A 1 111 ? 10.772  -10.185 -7.951  1.00 40.58 ? 204 LYS A CG  1 
ATOM   886  C  CD  . LYS A 1 111 ? 10.963  -9.427  -9.239  1.00 45.27 ? 204 LYS A CD  1 
ATOM   887  C  CE  . LYS A 1 111 ? 11.579  -10.222 -10.351 1.00 55.19 ? 204 LYS A CE  1 
ATOM   888  N  NZ  . LYS A 1 111 ? 11.880  -9.178  -11.388 1.00 65.09 ? 204 LYS A NZ  1 
ATOM   889  N  N   . LEU A 1 112 ? 9.395   -8.139  -3.877  1.00 25.27 ? 205 LEU A N   1 
ATOM   890  C  CA  . LEU A 1 112 ? 9.408   -7.032  -2.927  1.00 25.60 ? 205 LEU A CA  1 
ATOM   891  C  C   . LEU A 1 112 ? 10.033  -7.580  -1.648  1.00 26.44 ? 205 LEU A C   1 
ATOM   892  O  O   . LEU A 1 112 ? 9.853   -8.750  -1.285  1.00 29.32 ? 205 LEU A O   1 
ATOM   893  C  CB  . LEU A 1 112 ? 8.009   -6.529  -2.617  1.00 24.62 ? 205 LEU A CB  1 
ATOM   894  C  CG  . LEU A 1 112 ? 7.387   -5.646  -3.719  1.00 23.00 ? 205 LEU A CG  1 
ATOM   895  C  CD1 . LEU A 1 112 ? 5.873   -5.435  -3.476  1.00 24.11 ? 205 LEU A CD1 1 
ATOM   896  C  CD2 . LEU A 1 112 ? 8.109   -4.278  -3.794  1.00 24.77 ? 205 LEU A CD2 1 
ATOM   897  N  N   . PRO A 1 113 ? 10.813  -6.724  -0.957  1.00 28.89 ? 206 PRO A N   1 
ATOM   898  C  CA  . PRO A 1 113 ? 11.338  -7.146  0.330   1.00 32.16 ? 206 PRO A CA  1 
ATOM   899  C  C   . PRO A 1 113 ? 10.248  -7.279  1.376   1.00 32.70 ? 206 PRO A C   1 
ATOM   900  O  O   . PRO A 1 113 ? 9.304   -6.477  1.346   1.00 28.89 ? 206 PRO A O   1 
ATOM   901  C  CB  . PRO A 1 113 ? 12.267  -5.981  0.732   1.00 28.19 ? 206 PRO A CB  1 
ATOM   902  C  CG  . PRO A 1 113 ? 11.710  -4.799  -0.008  1.00 29.81 ? 206 PRO A CG  1 
ATOM   903  C  CD  . PRO A 1 113 ? 11.130  -5.321  -1.294  1.00 29.78 ? 206 PRO A CD  1 
ATOM   904  N  N   . CYS A 1 114 ? 10.415  -8.172  2.342   1.00 34.52 ? 207 CYS A N   1 
ATOM   905  C  CA  . CYS A 1 114 ? 9.520   -8.115  3.520   1.00 35.57 ? 207 CYS A CA  1 
ATOM   906  C  C   . CYS A 1 114 ? 10.238  -7.688  4.818   1.00 35.37 ? 207 CYS A C   1 
ATOM   907  O  O   . CYS A 1 114 ? 9.628   -7.697  5.872   1.00 37.93 ? 207 CYS A O   1 
ATOM   908  C  CB  . CYS A 1 114 ? 8.788   -9.398  3.713   1.00 39.23 ? 207 CYS A CB  1 
ATOM   909  S  SG  . CYS A 1 114 ? 9.917   -10.757 4.041   1.00 49.20 ? 207 CYS A SG  1 
ATOM   910  N  N   . HIS A 1 115 ? 11.488  -7.240  4.692   1.00 35.73 ? 208 HIS A N   1 
ATOM   911  C  CA  . HIS A 1 115 ? 12.249  -6.570  5.792   1.00 39.13 ? 208 HIS A CA  1 
ATOM   912  C  C   . HIS A 1 115 ? 13.326  -5.771  5.135   1.00 41.44 ? 208 HIS A C   1 
ATOM   913  O  O   . HIS A 1 115 ? 13.634  -6.008  3.950   1.00 34.66 ? 208 HIS A O   1 
ATOM   914  C  CB  . HIS A 1 115 ? 12.810  -7.686  6.713   1.00 42.75 ? 208 HIS A CB  1 
ATOM   915  C  CG  . HIS A 1 115 ? 13.729  -8.636  5.984   1.00 39.32 ? 208 HIS A CG  1 
ATOM   916  N  ND1 . HIS A 1 115 ? 15.020  -8.286  5.648   1.00 42.79 ? 208 HIS A ND1 1 
ATOM   917  C  CD2 . HIS A 1 115 ? 13.526  -9.860  5.442   1.00 41.72 ? 208 HIS A CD2 1 
ATOM   918  C  CE1 . HIS A 1 115 ? 15.583  -9.257  4.942   1.00 40.92 ? 208 HIS A CE1 1 
ATOM   919  N  NE2 . HIS A 1 115 ? 14.697  -10.229 4.812   1.00 43.85 ? 208 HIS A NE2 1 
ATOM   920  N  N   . ARG A 1 116 ? 13.914  -4.797  5.829   0.44 40.59 ? 209 ARG A N   1 
ATOM   921  C  CA  . ARG A 1 116 ? 15.125  -4.153  5.309   0.44 40.89 ? 209 ARG A CA  1 
ATOM   922  C  C   . ARG A 1 116 ? 16.331  -4.960  5.754   0.44 39.85 ? 209 ARG A C   1 
ATOM   923  O  O   . ARG A 1 116 ? 16.213  -5.859  6.559   0.44 37.70 ? 209 ARG A O   1 
ATOM   924  C  CB  . ARG A 1 116 ? 15.229  -2.714  5.760   0.44 42.69 ? 209 ARG A CB  1 
ATOM   925  C  CG  . ARG A 1 116 ? 14.038  -1.885  5.325   0.44 41.75 ? 209 ARG A CG  1 
ATOM   926  C  CD  . ARG A 1 116 ? 13.743  -0.818  6.335   0.44 45.88 ? 209 ARG A CD  1 
ATOM   927  N  NE  . ARG A 1 116 ? 14.647  0.306   6.202   0.44 46.37 ? 209 ARG A NE  1 
ATOM   928  C  CZ  . ARG A 1 116 ? 14.883  1.222   7.140   0.44 46.53 ? 209 ARG A CZ  1 
ATOM   929  N  NH1 . ARG A 1 116 ? 14.299  1.181   8.341   0.44 48.87 ? 209 ARG A NH1 1 
ATOM   930  N  NH2 . ARG A 1 116 ? 15.730  2.197   6.869   0.44 45.87 ? 209 ARG A NH2 1 
ATOM   931  N  N   . ASN A 1 117 ? 17.480  -4.657  5.175   1.00 43.64 ? 210 ASN A N   1 
ATOM   932  C  CA  . ASN A 1 117 ? 18.701  -5.400  5.434   1.00 43.20 ? 210 ASN A CA  1 
ATOM   933  C  C   . ASN A 1 117 ? 19.393  -4.650  6.533   1.00 48.37 ? 210 ASN A C   1 
ATOM   934  O  O   . ASN A 1 117 ? 19.336  -3.392  6.589   1.00 38.65 ? 210 ASN A O   1 
ATOM   935  C  CB  . ASN A 1 117 ? 19.537  -5.398  4.181   1.00 51.91 ? 210 ASN A CB  1 
ATOM   936  C  CG  . ASN A 1 117 ? 18.895  -6.218  3.084   1.00 52.63 ? 210 ASN A CG  1 
ATOM   937  O  OD1 . ASN A 1 117 ? 18.166  -7.188  3.361   1.00 46.88 ? 210 ASN A OD1 1 
ATOM   938  N  ND2 . ASN A 1 117 ? 19.149  -5.830  1.857   1.00 53.42 ? 210 ASN A ND2 1 
ATOM   939  N  N   . ASP A 1 118 ? 20.031  -5.414  7.413   1.00 49.29 ? 211 ASP A N   1 
ATOM   940  C  CA  . ASP A 1 118 ? 20.849  -4.794  8.454   1.00 54.01 ? 211 ASP A CA  1 
ATOM   941  C  C   . ASP A 1 118 ? 22.161  -4.295  7.822   1.00 55.69 ? 211 ASP A C   1 
ATOM   942  O  O   . ASP A 1 118 ? 22.247  -4.192  6.570   1.00 47.00 ? 211 ASP A O   1 
ATOM   943  C  CB  . ASP A 1 118 ? 20.936  -5.689  9.719   1.00 55.28 ? 211 ASP A CB  1 
ATOM   944  C  CG  . ASP A 1 118 ? 21.667  -6.994  9.520   1.00 59.24 ? 211 ASP A CG  1 
ATOM   945  O  OD1 . ASP A 1 118 ? 22.339  -7.245  8.478   1.00 53.39 ? 211 ASP A OD1 1 
ATOM   946  O  OD2 . ASP A 1 118 ? 21.593  -7.759  10.509  1.00 54.90 ? 211 ASP A OD2 1 
ATOM   947  N  N   . MET A 1 119 ? 23.130  -3.884  8.659   1.00 55.05 ? 212 MET A N   1 
ATOM   948  C  CA  . MET A 1 119 ? 24.466  -3.431  8.174   1.00 59.75 ? 212 MET A CA  1 
ATOM   949  C  C   . MET A 1 119 ? 25.602  -4.217  8.886   1.00 67.66 ? 212 MET A C   1 
ATOM   950  O  O   . MET A 1 119 ? 26.716  -3.693  9.099   1.00 71.33 ? 212 MET A O   1 
ATOM   951  C  CB  . MET A 1 119 ? 24.566  -1.917  8.351   1.00 51.72 ? 212 MET A CB  1 
ATOM   952  C  CG  . MET A 1 119 ? 23.598  -1.198  7.413   1.00 53.60 ? 212 MET A CG  1 
ATOM   953  S  SD  . MET A 1 119 ? 23.366  0.579   7.568   1.00 52.87 ? 212 MET A SD  1 
ATOM   954  C  CE  . MET A 1 119 ? 22.990  0.824   9.306   1.00 66.16 ? 212 MET A CE  1 
ATOM   955  N  N   . THR A 1 120 ? 25.301  -5.485  9.210   1.00 68.90 ? 213 THR A N   1 
ATOM   956  C  CA  . THR A 1 120 ? 26.236  -6.439  9.833   1.00 78.00 ? 213 THR A CA  1 
ATOM   957  C  C   . THR A 1 120 ? 27.538  -6.640  9.034   1.00 80.76 ? 213 THR A C   1 
ATOM   958  O  O   . THR A 1 120 ? 28.581  -6.770  9.662   1.00 81.47 ? 213 THR A O   1 
ATOM   959  C  CB  . THR A 1 120 ? 25.585  -7.824  10.134  1.00 81.50 ? 213 THR A CB  1 
ATOM   960  O  OG1 . THR A 1 120 ? 25.017  -8.390  8.942   1.00 90.53 ? 213 THR A OG1 1 
ATOM   961  C  CG2 . THR A 1 120 ? 24.491  -7.719  11.212  1.00 77.13 ? 213 THR A CG2 1 
ATOM   962  N  N   . PRO A 1 121 ? 27.492  -6.634  7.669   1.00 89.81 ? 214 PRO A N   1 
ATOM   963  C  CA  . PRO A 1 121 ? 28.769  -6.513  6.943   1.00 83.31 ? 214 PRO A CA  1 
ATOM   964  C  C   . PRO A 1 121 ? 29.698  -5.377  7.456   1.00 80.96 ? 214 PRO A C   1 
ATOM   965  O  O   . PRO A 1 121 ? 30.910  -5.589  7.550   1.00 71.29 ? 214 PRO A O   1 
ATOM   966  C  CB  . PRO A 1 121 ? 28.334  -6.278  5.470   1.00 86.20 ? 214 PRO A CB  1 
ATOM   967  C  CG  . PRO A 1 121 ? 26.836  -6.202  5.466   1.00 93.24 ? 214 PRO A CG  1 
ATOM   968  C  CD  . PRO A 1 121 ? 26.389  -6.909  6.717   1.00 96.15 ? 214 PRO A CD  1 
ATOM   969  N  N   . LYS A 1 122 ? 29.137  -4.217  7.818   1.00 67.46 ? 215 LYS A N   1 
ATOM   970  C  CA  . LYS A 1 122 ? 29.923  -3.079  8.310   1.00 67.91 ? 215 LYS A CA  1 
ATOM   971  C  C   . LYS A 1 122 ? 30.060  -2.976  9.886   1.00 62.32 ? 215 LYS A C   1 
ATOM   972  O  O   . LYS A 1 122 ? 30.601  -1.984  10.386  1.00 75.71 ? 215 LYS A O   1 
ATOM   973  C  CB  . LYS A 1 122 ? 29.311  -1.803  7.738   1.00 63.17 ? 215 LYS A CB  1 
ATOM   974  C  CG  . LYS A 1 122 ? 30.278  -0.644  7.622   1.00 67.30 ? 215 LYS A CG  1 
ATOM   975  N  N   . SER A 1 123 ? 29.592  -3.984  10.640  1.00 54.85 ? 216 SER A N   1 
ATOM   976  C  CA  . SER A 1 123 ? 29.477  -3.936  12.137  1.00 45.84 ? 216 SER A CA  1 
ATOM   977  C  C   . SER A 1 123 ? 28.828  -2.650  12.703  1.00 39.92 ? 216 SER A C   1 
ATOM   978  O  O   . SER A 1 123 ? 29.240  -2.122  13.734  1.00 38.82 ? 216 SER A O   1 
ATOM   979  C  CB  . SER A 1 123 ? 30.865  -4.125  12.769  1.00 46.15 ? 216 SER A CB  1 
ATOM   980  O  OG  . SER A 1 123 ? 31.391  -5.405  12.473  1.00 56.09 ? 216 SER A OG  1 
ATOM   981  N  N   . LYS A 1 124 ? 27.796  -2.152  12.010  1.00 30.35 ? 217 LYS A N   1 
ATOM   982  C  CA  . LYS A 1 124 ? 27.142  -0.962  12.335  1.00 30.46 ? 217 LYS A CA  1 
ATOM   983  C  C   . LYS A 1 124 ? 25.671  -1.368  12.669  1.00 31.28 ? 217 LYS A C   1 
ATOM   984  O  O   . LYS A 1 124 ? 25.093  -2.254  11.984  1.00 33.73 ? 217 LYS A O   1 
ATOM   985  C  CB  . LYS A 1 124 ? 27.192  -0.072  11.096  1.00 37.37 ? 217 LYS A CB  1 
ATOM   986  C  CG  . LYS A 1 124 ? 26.495  1.268   11.242  1.00 36.73 ? 217 LYS A CG  1 
ATOM   987  C  CD  . LYS A 1 124 ? 26.949  2.182   10.099  1.00 45.28 ? 217 LYS A CD  1 
ATOM   988  N  N   . LEU A 1 125 ? 25.095  -0.722  13.673  1.00 26.61 ? 218 LEU A N   1 
ATOM   989  C  CA  . LEU A 1 125 ? 23.671  -0.964  13.993  1.00 26.73 ? 218 LEU A CA  1 
ATOM   990  C  C   . LEU A 1 125 ? 22.762  -0.269  13.001  1.00 26.92 ? 218 LEU A C   1 
ATOM   991  O  O   . LEU A 1 125 ? 23.048  0.778   12.476  1.00 29.67 ? 218 LEU A O   1 
ATOM   992  C  CB  . LEU A 1 125 ? 23.331  -0.480  15.400  1.00 24.64 ? 218 LEU A CB  1 
ATOM   993  C  CG  . LEU A 1 125 ? 24.251  -1.212  16.424  1.00 28.28 ? 218 LEU A CG  1 
ATOM   994  C  CD1 . LEU A 1 125 ? 23.722  -0.971  17.778  1.00 31.69 ? 218 LEU A CD1 1 
ATOM   995  C  CD2 . LEU A 1 125 ? 24.537  -2.700  16.228  1.00 32.11 ? 218 LEU A CD2 1 
ATOM   996  N  N   . GLY A 1 126 ? 21.609  -0.863  12.877  1.00 26.46 ? 219 GLY A N   1 
ATOM   997  C  CA  . GLY A 1 126 ? 20.495  -0.241  12.209  1.00 28.12 ? 219 GLY A CA  1 
ATOM   998  C  C   . GLY A 1 126 ? 20.196  -0.943  10.928  1.00 27.23 ? 219 GLY A C   1 
ATOM   999  O  O   . GLY A 1 126 ? 20.576  -2.051  10.708  1.00 29.81 ? 219 GLY A O   1 
ATOM   1000 N  N   . LEU A 1 127 ? 19.461  -0.247  10.065  1.00 31.52 ? 220 LEU A N   1 
ATOM   1001 C  CA  . LEU A 1 127 ? 19.006  -0.857  8.784   1.00 29.94 ? 220 LEU A CA  1 
ATOM   1002 C  C   . LEU A 1 127 ? 19.480  0.001   7.627   1.00 25.79 ? 220 LEU A C   1 
ATOM   1003 O  O   . LEU A 1 127 ? 19.474  1.228   7.751   1.00 29.11 ? 220 LEU A O   1 
ATOM   1004 C  CB  . LEU A 1 127 ? 17.461  -0.890  8.803   1.00 31.59 ? 220 LEU A CB  1 
ATOM   1005 C  CG  . LEU A 1 127 ? 16.817  -1.847  9.832   1.00 33.87 ? 220 LEU A CG  1 
ATOM   1006 C  CD1 . LEU A 1 127 ? 15.344  -1.590  9.943   1.00 42.08 ? 220 LEU A CD1 1 
ATOM   1007 C  CD2 . LEU A 1 127 ? 17.107  -3.296  9.480   1.00 33.10 ? 220 LEU A CD2 1 
ATOM   1008 N  N   . ALA A 1 128 ? 19.730  -0.631  6.479   1.00 30.14 ? 221 ALA A N   1 
ATOM   1009 C  CA  . ALA A 1 128 ? 20.105  0.078   5.276   1.00 33.74 ? 221 ALA A CA  1 
ATOM   1010 C  C   . ALA A 1 128 ? 18.852  0.716   4.704   1.00 36.20 ? 221 ALA A C   1 
ATOM   1011 O  O   . ALA A 1 128 ? 17.770  0.191   4.896   1.00 34.11 ? 221 ALA A O   1 
ATOM   1012 C  CB  . ALA A 1 128 ? 20.716  -0.850  4.256   1.00 38.21 ? 221 ALA A CB  1 
ATOM   1013 N  N   . PRO A 1 129 ? 19.008  1.852   4.039   1.00 37.07 ? 222 PRO A N   1 
ATOM   1014 C  CA  . PRO A 1 129 ? 17.880  2.473   3.355   1.00 35.35 ? 222 PRO A CA  1 
ATOM   1015 C  C   . PRO A 1 129 ? 17.284  1.512   2.343   1.00 32.17 ? 222 PRO A C   1 
ATOM   1016 O  O   . PRO A 1 129 ? 17.984  0.661   1.799   1.00 31.72 ? 222 PRO A O   1 
ATOM   1017 C  CB  . PRO A 1 129 ? 18.512  3.695   2.685   1.00 41.67 ? 222 PRO A CB  1 
ATOM   1018 C  CG  . PRO A 1 129 ? 19.724  4.028   3.514   1.00 43.19 ? 222 PRO A CG  1 
ATOM   1019 C  CD  . PRO A 1 129 ? 20.248  2.678   3.918   1.00 38.50 ? 222 PRO A CD  1 
ATOM   1020 N  N   . ASN A 1 130 ? 15.956  1.620   2.131   1.00 31.16 ? 223 ASN A N   1 
ATOM   1021 C  CA  . ASN A 1 130 ? 15.284  0.788   1.145   1.00 30.10 ? 223 ASN A CA  1 
ATOM   1022 C  C   . ASN A 1 130 ? 14.108  1.579   0.660   1.00 25.61 ? 223 ASN A C   1 
ATOM   1023 O  O   . ASN A 1 130 ? 13.361  2.132   1.429   1.00 27.85 ? 223 ASN A O   1 
ATOM   1024 C  CB  . ASN A 1 130 ? 14.817  -0.511  1.754   1.00 36.18 ? 223 ASN A CB  1 
ATOM   1025 C  CG  . ASN A 1 130 ? 14.274  -1.469  0.732   1.00 35.45 ? 223 ASN A CG  1 
ATOM   1026 O  OD1 . ASN A 1 130 ? 13.205  -1.279  0.247   1.00 31.07 ? 223 ASN A OD1 1 
ATOM   1027 N  ND2 . ASN A 1 130 ? 15.025  -2.467  0.387   1.00 36.21 ? 223 ASN A ND2 1 
ATOM   1028 N  N   . LYS A 1 131 ? 13.998  1.670   -0.659  1.00 25.87 ? 224 LYS A N   1 
ATOM   1029 C  CA  . LYS A 1 131 ? 12.981  2.535   -1.239  1.00 26.87 ? 224 LYS A CA  1 
ATOM   1030 C  C   . LYS A 1 131 ? 11.600  2.012   -1.007  1.00 24.92 ? 224 LYS A C   1 
ATOM   1031 O  O   . LYS A 1 131 ? 10.661  2.747   -1.297  1.00 25.93 ? 224 LYS A O   1 
ATOM   1032 C  CB  . LYS A 1 131 ? 13.198  2.729   -2.723  1.00 26.97 ? 224 LYS A CB  1 
ATOM   1033 C  CG  . LYS A 1 131 ? 13.187  1.494   -3.551  1.00 29.60 ? 224 LYS A CG  1 
ATOM   1034 C  CD  . LYS A 1 131 ? 13.310  1.951   -4.991  1.00 29.79 ? 224 LYS A CD  1 
ATOM   1035 C  CE  . LYS A 1 131 ? 13.171  0.768   -5.941  1.00 35.05 ? 224 LYS A CE  1 
ATOM   1036 N  NZ  . LYS A 1 131 ? 13.445  1.227   -7.363  1.00 38.70 ? 224 LYS A NZ  1 
ATOM   1037 N  N   . PHE A 1 132 ? 11.492  0.761   -0.580  1.00 24.08 ? 225 PHE A N   1 
ATOM   1038 C  CA  . PHE A 1 132 ? 10.150  0.200   -0.273  1.00 24.26 ? 225 PHE A CA  1 
ATOM   1039 C  C   . PHE A 1 132 ? 9.774   0.242   1.226   1.00 23.43 ? 225 PHE A C   1 
ATOM   1040 O  O   . PHE A 1 132 ? 8.819   -0.438  1.663   1.00 24.52 ? 225 PHE A O   1 
ATOM   1041 C  CB  . PHE A 1 132 ? 10.122  -1.201  -0.756  1.00 20.08 ? 225 PHE A CB  1 
ATOM   1042 C  CG  . PHE A 1 132 ? 10.273  -1.317  -2.234  1.00 24.95 ? 225 PHE A CG  1 
ATOM   1043 C  CD1 . PHE A 1 132 ? 9.299   -0.913  -3.034  1.00 22.43 ? 225 PHE A CD1 1 
ATOM   1044 C  CD2 . PHE A 1 132 ? 11.405  -1.911  -2.791  1.00 25.61 ? 225 PHE A CD2 1 
ATOM   1045 C  CE1 . PHE A 1 132 ? 9.413   -1.052  -4.397  1.00 22.41 ? 225 PHE A CE1 1 
ATOM   1046 C  CE2 . PHE A 1 132 ? 11.575  -1.953  -4.142  1.00 26.77 ? 225 PHE A CE2 1 
ATOM   1047 C  CZ  . PHE A 1 132 ? 10.542  -1.576  -4.937  1.00 25.08 ? 225 PHE A CZ  1 
ATOM   1048 N  N   . PHE A 1 133 ? 10.495  1.067   1.994   0.44 25.63 ? 226 PHE A N   1 
ATOM   1049 C  CA  . PHE A 1 133 ? 10.333  1.184   3.446   0.44 28.09 ? 226 PHE A CA  1 
ATOM   1050 C  C   . PHE A 1 133 ? 8.877   1.169   3.913   0.44 27.76 ? 226 PHE A C   1 
ATOM   1051 O  O   . PHE A 1 133 ? 8.541   0.398   4.815   0.44 26.55 ? 226 PHE A O   1 
ATOM   1052 C  CB  . PHE A 1 133 ? 11.010  2.473   3.957   0.44 30.31 ? 226 PHE A CB  1 
ATOM   1053 C  CG  . PHE A 1 133 ? 10.850  2.712   5.442   0.44 32.67 ? 226 PHE A CG  1 
ATOM   1054 C  CD1 . PHE A 1 133 ? 11.311  1.783   6.366   0.44 36.78 ? 226 PHE A CD1 1 
ATOM   1055 C  CD2 . PHE A 1 133 ? 10.260  3.862   5.918   0.44 34.84 ? 226 PHE A CD2 1 
ATOM   1056 C  CE1 . PHE A 1 133 ? 11.176  1.996   7.739   0.44 37.11 ? 226 PHE A CE1 1 
ATOM   1057 C  CE2 . PHE A 1 133 ? 10.118  4.088   7.290   0.44 36.62 ? 226 PHE A CE2 1 
ATOM   1058 C  CZ  . PHE A 1 133 ? 10.574  3.156   8.199   0.44 36.39 ? 226 PHE A CZ  1 
ATOM   1059 N  N   . MET A 1 134 ? 8.040   2.006   3.315   0.44 27.85 ? 227 MET A N   1 
ATOM   1060 C  CA  . MET A 1 134 ? 6.637   2.144   3.773   0.44 29.44 ? 227 MET A CA  1 
ATOM   1061 C  C   . MET A 1 134 ? 5.783   0.925   3.445   0.44 27.63 ? 227 MET A C   1 
ATOM   1062 O  O   . MET A 1 134 ? 4.861   0.580   4.192   0.44 27.81 ? 227 MET A O   1 
ATOM   1063 C  CB  . MET A 1 134 ? 6.009   3.405   3.191   0.44 32.07 ? 227 MET A CB  1 
ATOM   1064 C  CG  . MET A 1 134 ? 5.066   4.133   4.136   0.44 36.14 ? 227 MET A CG  1 
ATOM   1065 S  SD  . MET A 1 134 ? 5.718   4.659   5.743   0.44 37.44 ? 227 MET A SD  1 
ATOM   1066 C  CE  . MET A 1 134 ? 7.438   4.846   5.492   0.44 39.13 ? 227 MET A CE  1 
ATOM   1067 N  N   . ALA A 1 135 ? 6.098   0.253   2.347   1.00 26.07 ? 228 ALA A N   1 
ATOM   1068 C  CA  . ALA A 1 135 ? 5.386   -0.979  1.963   1.00 24.09 ? 228 ALA A CA  1 
ATOM   1069 C  C   . ALA A 1 135 ? 5.769   -2.198  2.727   1.00 23.56 ? 228 ALA A C   1 
ATOM   1070 O  O   . ALA A 1 135 ? 4.953   -3.072  2.986   1.00 22.63 ? 228 ALA A O   1 
ATOM   1071 C  CB  . ALA A 1 135 ? 5.598   -1.255  0.514   1.00 20.87 ? 228 ALA A CB  1 
ATOM   1072 N  N   . ILE A 1 136 ? 7.071   -2.291  3.098   1.00 22.40 ? 229 ILE A N   1 
ATOM   1073 C  CA  . ILE A 1 136 ? 7.616   -3.453  3.682   1.00 24.12 ? 229 ILE A CA  1 
ATOM   1074 C  C   . ILE A 1 136 ? 6.793   -4.080  4.826   1.00 24.91 ? 229 ILE A C   1 
ATOM   1075 O  O   . ILE A 1 136 ? 6.598   -5.300  4.812   1.00 24.95 ? 229 ILE A O   1 
ATOM   1076 C  CB  . ILE A 1 136 ? 9.075   -3.159  4.150   1.00 23.49 ? 229 ILE A CB  1 
ATOM   1077 C  CG1 . ILE A 1 136 ? 9.961   -3.368  2.923   1.00 25.58 ? 229 ILE A CG1 1 
ATOM   1078 C  CG2 . ILE A 1 136 ? 9.525   -4.071  5.316   1.00 26.99 ? 229 ILE A CG2 1 
ATOM   1079 C  CD1 . ILE A 1 136 ? 11.383  -2.749  3.045   1.00 27.70 ? 229 ILE A CD1 1 
ATOM   1080 N  N   . PRO A 1 137 ? 6.318   -3.287  5.822   1.00 27.45 ? 230 PRO A N   1 
ATOM   1081 C  CA  . PRO A 1 137 ? 5.583   -3.896  6.971   1.00 26.89 ? 230 PRO A CA  1 
ATOM   1082 C  C   . PRO A 1 137 ? 4.343   -4.685  6.550   1.00 27.86 ? 230 PRO A C   1 
ATOM   1083 O  O   . PRO A 1 137 ? 3.928   -5.570  7.244   1.00 26.67 ? 230 PRO A O   1 
ATOM   1084 C  CB  . PRO A 1 137 ? 5.168   -2.690  7.786   1.00 29.11 ? 230 PRO A CB  1 
ATOM   1085 C  CG  . PRO A 1 137 ? 6.151   -1.623  7.497   1.00 31.50 ? 230 PRO A CG  1 
ATOM   1086 C  CD  . PRO A 1 137 ? 6.428   -1.845  6.000   1.00 29.15 ? 230 PRO A CD  1 
ATOM   1087 N  N   . PHE A 1 138 ? 3.769   -4.373  5.379   1.00 25.43 ? 231 PHE A N   1 
ATOM   1088 C  CA  . PHE A 1 138 ? 2.575   -5.057  4.912   1.00 24.57 ? 231 PHE A CA  1 
ATOM   1089 C  C   . PHE A 1 138 ? 2.816   -6.302  4.083   1.00 23.60 ? 231 PHE A C   1 
ATOM   1090 O  O   . PHE A 1 138 ? 1.861   -7.039  3.827   1.00 22.25 ? 231 PHE A O   1 
ATOM   1091 C  CB  . PHE A 1 138 ? 1.700   -4.108  4.069   1.00 23.13 ? 231 PHE A CB  1 
ATOM   1092 C  CG  . PHE A 1 138 ? 1.189   -2.926  4.848   1.00 25.20 ? 231 PHE A CG  1 
ATOM   1093 C  CD1 . PHE A 1 138 ? -0.054  -3.007  5.556   1.00 26.19 ? 231 PHE A CD1 1 
ATOM   1094 C  CD2 . PHE A 1 138 ? 1.949   -1.781  4.929   1.00 26.92 ? 231 PHE A CD2 1 
ATOM   1095 C  CE1 . PHE A 1 138 ? -0.452  -1.930  6.285   1.00 25.68 ? 231 PHE A CE1 1 
ATOM   1096 C  CE2 . PHE A 1 138 ? 1.466   -0.687  5.630   1.00 30.36 ? 231 PHE A CE2 1 
ATOM   1097 C  CZ  . PHE A 1 138 ? 0.272   -0.803  6.291   1.00 26.40 ? 231 PHE A CZ  1 
ATOM   1098 N  N   . ILE A 1 139 ? 4.027   -6.540  3.626   1.00 24.45 ? 232 ILE A N   1 
ATOM   1099 C  CA  . ILE A 1 139 ? 4.329   -7.600  2.707   1.00 23.48 ? 232 ILE A CA  1 
ATOM   1100 C  C   . ILE A 1 139 ? 4.141   -9.049  3.211   1.00 30.11 ? 232 ILE A C   1 
ATOM   1101 O  O   . ILE A 1 139 ? 3.439   -9.857  2.596   1.00 26.31 ? 232 ILE A O   1 
ATOM   1102 C  CB  . ILE A 1 139 ? 5.693   -7.420  2.036   1.00 26.33 ? 232 ILE A CB  1 
ATOM   1103 C  CG1 . ILE A 1 139 ? 5.778   -6.071  1.294   1.00 25.05 ? 232 ILE A CG1 1 
ATOM   1104 C  CG2 . ILE A 1 139 ? 5.966   -8.570  1.118   1.00 31.76 ? 232 ILE A CG2 1 
ATOM   1105 C  CD1 . ILE A 1 139 ? 4.743   -5.874  0.176   1.00 27.44 ? 232 ILE A CD1 1 
ATOM   1106 N  N   . ARG A 1 140 ? 4.722   -9.361  4.350   1.00 26.57 ? 233 ARG A N   1 
ATOM   1107 C  CA  . ARG A 1 140 ? 4.515   -10.664 4.932   1.00 30.50 ? 233 ARG A CA  1 
ATOM   1108 C  C   . ARG A 1 140 ? 3.039   -10.867 5.337   1.00 28.84 ? 233 ARG A C   1 
ATOM   1109 O  O   . ARG A 1 140 ? 2.456   -11.860 4.957   1.00 28.94 ? 233 ARG A O   1 
ATOM   1110 C  CB  . ARG A 1 140 ? 5.494   -10.877 6.106   1.00 32.98 ? 233 ARG A CB  1 
ATOM   1111 C  CG  . ARG A 1 140 ? 5.250   -12.154 6.894   1.00 40.77 ? 233 ARG A CG  1 
ATOM   1112 C  CD  . ARG A 1 140 ? 5.272   -13.340 5.962   1.00 51.10 ? 233 ARG A CD  1 
ATOM   1113 N  NE  . ARG A 1 140 ? 6.363   -13.279 4.978   1.00 63.02 ? 233 ARG A NE  1 
ATOM   1114 C  CZ  . ARG A 1 140 ? 6.469   -14.084 3.923   1.00 72.23 ? 233 ARG A CZ  1 
ATOM   1115 N  NH1 . ARG A 1 140 ? 5.561   -15.060 3.674   1.00 75.17 ? 233 ARG A NH1 1 
ATOM   1116 N  NH2 . ARG A 1 140 ? 7.505   -13.918 3.113   1.00 70.18 ? 233 ARG A NH2 1 
ATOM   1117 N  N   . PRO A 1 141 ? 2.406   -9.877  6.026   1.00 27.72 ? 234 PRO A N   1 
ATOM   1118 C  CA  . PRO A 1 141 ? 0.998   -10.096 6.296   1.00 29.56 ? 234 PRO A CA  1 
ATOM   1119 C  C   . PRO A 1 141 ? 0.151   -10.281 5.024   1.00 31.15 ? 234 PRO A C   1 
ATOM   1120 O  O   . PRO A 1 141 ? -0.820  -11.079 5.023   1.00 27.97 ? 234 PRO A O   1 
ATOM   1121 C  CB  . PRO A 1 141 ? 0.569   -8.839  7.091   1.00 30.18 ? 234 PRO A CB  1 
ATOM   1122 C  CG  . PRO A 1 141 ? 1.835   -8.303  7.651   1.00 31.07 ? 234 PRO A CG  1 
ATOM   1123 C  CD  . PRO A 1 141 ? 2.963   -8.757  6.787   1.00 28.56 ? 234 PRO A CD  1 
ATOM   1124 N  N   . LEU A 1 142 ? 0.470   -9.552  3.959   1.00 26.33 ? 235 LEU A N   1 
ATOM   1125 C  CA  . LEU A 1 142 ? -0.219  -9.787  2.647   1.00 25.88 ? 235 LEU A CA  1 
ATOM   1126 C  C   . LEU A 1 142 ? -0.048  -11.172 2.013   1.00 29.26 ? 235 LEU A C   1 
ATOM   1127 O  O   . LEU A 1 142 ? -1.023  -11.814 1.585   1.00 27.12 ? 235 LEU A O   1 
ATOM   1128 C  CB  . LEU A 1 142 ? 0.159   -8.702  1.653   1.00 25.66 ? 235 LEU A CB  1 
ATOM   1129 C  CG  . LEU A 1 142 ? -0.353  -8.828  0.231   1.00 23.43 ? 235 LEU A CG  1 
ATOM   1130 C  CD1 . LEU A 1 142 ? -1.838  -8.715  0.182   1.00 24.51 ? 235 LEU A CD1 1 
ATOM   1131 C  CD2 . LEU A 1 142 ? 0.283   -7.762  -0.702  1.00 25.85 ? 235 LEU A CD2 1 
ATOM   1132 N  N   . ARG A 1 143 ? 1.182   -11.630 2.000   1.00 28.06 ? 236 ARG A N   1 
ATOM   1133 C  CA  . ARG A 1 143 ? 1.498   -12.947 1.494   1.00 28.29 ? 236 ARG A CA  1 
ATOM   1134 C  C   . ARG A 1 143 ? 0.724   -13.983 2.346   1.00 30.10 ? 236 ARG A C   1 
ATOM   1135 O  O   . ARG A 1 143 ? 0.111   -14.914 1.785   1.00 30.25 ? 236 ARG A O   1 
ATOM   1136 C  CB  . ARG A 1 143 ? 2.982   -13.208 1.538   1.00 28.41 ? 236 ARG A CB  1 
ATOM   1137 C  CG  . ARG A 1 143 ? 3.787   -12.368 0.583   1.00 31.39 ? 236 ARG A CG  1 
ATOM   1138 C  CD  . ARG A 1 143 ? 5.240   -12.750 0.691   1.00 36.64 ? 236 ARG A CD  1 
ATOM   1139 N  NE  . ARG A 1 143 ? 6.050   -12.044 -0.300  1.00 37.13 ? 236 ARG A NE  1 
ATOM   1140 C  CZ  . ARG A 1 143 ? 7.318   -11.609 -0.139  1.00 38.07 ? 236 ARG A CZ  1 
ATOM   1141 N  NH1 . ARG A 1 143 ? 7.952   -11.778 1.017   1.00 34.98 ? 236 ARG A NH1 1 
ATOM   1142 N  NH2 . ARG A 1 143 ? 7.933   -10.953 -1.136  1.00 32.53 ? 236 ARG A NH2 1 
ATOM   1143 N  N   . ASP A 1 144 ? 0.673   -13.799 3.668   1.00 32.32 ? 237 ASP A N   1 
ATOM   1144 C  CA  . ASP A 1 144 ? -0.031  -14.797 4.517   1.00 34.00 ? 237 ASP A CA  1 
ATOM   1145 C  C   . ASP A 1 144 ? -1.536  -14.729 4.291   1.00 35.86 ? 237 ASP A C   1 
ATOM   1146 O  O   . ASP A 1 144 ? -2.223  -15.717 4.289   1.00 35.03 ? 237 ASP A O   1 
ATOM   1147 C  CB  . ASP A 1 144 ? 0.269   -14.602 6.010   1.00 35.70 ? 237 ASP A CB  1 
ATOM   1148 C  CG  . ASP A 1 144 ? 1.762   -14.922 6.376   1.00 42.75 ? 237 ASP A CG  1 
ATOM   1149 O  OD1 . ASP A 1 144 ? 2.537   -15.464 5.546   1.00 44.11 ? 237 ASP A OD1 1 
ATOM   1150 O  OD2 . ASP A 1 144 ? 2.202   -14.496 7.467   1.00 45.50 ? 237 ASP A OD2 1 
ATOM   1151 N  N   . TRP A 1 145 ? -2.051  -13.533 4.143   1.00 29.77 ? 238 TRP A N   1 
ATOM   1152 C  CA  . TRP A 1 145 ? -3.432  -13.332 3.832   1.00 31.01 ? 238 TRP A CA  1 
ATOM   1153 C  C   . TRP A 1 145 ? -3.849  -13.960 2.505   1.00 33.72 ? 238 TRP A C   1 
ATOM   1154 O  O   . TRP A 1 145 ? -4.886  -14.614 2.422   1.00 34.18 ? 238 TRP A O   1 
ATOM   1155 C  CB  . TRP A 1 145 ? -3.741  -11.833 3.850   1.00 32.48 ? 238 TRP A CB  1 
ATOM   1156 C  CG  . TRP A 1 145 ? -5.236  -11.509 3.804   1.00 34.88 ? 238 TRP A CG  1 
ATOM   1157 C  CD1 . TRP A 1 145 ? -6.031  -11.160 4.892   1.00 35.38 ? 238 TRP A CD1 1 
ATOM   1158 C  CD2 . TRP A 1 145 ? -6.075  -11.425 2.665   1.00 33.34 ? 238 TRP A CD2 1 
ATOM   1159 N  NE1 . TRP A 1 145 ? -7.301  -10.871 4.491   1.00 33.01 ? 238 TRP A NE1 1 
ATOM   1160 C  CE2 . TRP A 1 145 ? -7.376  -11.058 3.135   1.00 34.91 ? 238 TRP A CE2 1 
ATOM   1161 C  CE3 . TRP A 1 145 ? -5.887  -11.599 1.280   1.00 31.04 ? 238 TRP A CE3 1 
ATOM   1162 C  CZ2 . TRP A 1 145 ? -8.428  -10.876 2.289   1.00 33.66 ? 238 TRP A CZ2 1 
ATOM   1163 C  CZ3 . TRP A 1 145 ? -6.968  -11.407 0.437   1.00 33.49 ? 238 TRP A CZ3 1 
ATOM   1164 C  CH2 . TRP A 1 145 ? -8.225  -11.052 0.954   1.00 35.02 ? 238 TRP A CH2 1 
ATOM   1165 N  N   . LEU A 1 146 ? -3.032  -13.807 1.476   1.00 30.24 ? 239 LEU A N   1 
ATOM   1166 C  CA  . LEU A 1 146 ? -3.353  -14.374 0.131   1.00 31.40 ? 239 LEU A CA  1 
ATOM   1167 C  C   . LEU A 1 146 ? -3.333  -15.921 0.157   1.00 35.03 ? 239 LEU A C   1 
ATOM   1168 O  O   . LEU A 1 146 ? -4.153  -16.535 -0.475  1.00 32.41 ? 239 LEU A O   1 
ATOM   1169 C  CB  . LEU A 1 146 ? -2.397  -13.921 -0.929  1.00 29.82 ? 239 LEU A CB  1 
ATOM   1170 C  CG  . LEU A 1 146 ? -2.507  -12.403 -1.215  1.00 26.79 ? 239 LEU A CG  1 
ATOM   1171 C  CD1 . LEU A 1 146 ? -1.352  -11.889 -2.018  1.00 26.02 ? 239 LEU A CD1 1 
ATOM   1172 C  CD2 . LEU A 1 146 ? -3.846  -12.086 -1.869  1.00 27.66 ? 239 LEU A CD2 1 
ATOM   1173 N  N   . SER A 1 147 ? -2.386  -16.462 0.899   1.00 35.88 ? 240 SER A N   1 
ATOM   1174 C  CA  . SER A 1 147 ? -2.285  -17.950 1.079   1.00 39.99 ? 240 SER A CA  1 
ATOM   1175 C  C   . SER A 1 147 ? -3.515  -18.483 1.771   1.00 39.89 ? 240 SER A C   1 
ATOM   1176 O  O   . SER A 1 147 ? -4.095  -19.446 1.306   1.00 42.87 ? 240 SER A O   1 
ATOM   1177 C  CB  . SER A 1 147 ? -1.069  -18.303 1.904   1.00 38.00 ? 240 SER A CB  1 
ATOM   1178 O  OG  . SER A 1 147 ? 0.030   -18.025 1.116   1.00 50.80 ? 240 SER A OG  1 
ATOM   1179 N  N   . ARG A 1 148 ? -3.935  -17.871 2.863   1.00 43.05 ? 241 ARG A N   1 
ATOM   1180 C  CA  . ARG A 1 148 ? -5.175  -18.294 3.508   1.00 45.50 ? 241 ARG A CA  1 
ATOM   1181 C  C   . ARG A 1 148 ? -6.458  -18.133 2.599   1.00 57.25 ? 241 ARG A C   1 
ATOM   1182 O  O   . ARG A 1 148 ? -7.219  -19.098 2.421   1.00 63.06 ? 241 ARG A O   1 
ATOM   1183 C  CB  . ARG A 1 148 ? -5.374  -17.601 4.858   1.00 47.65 ? 241 ARG A CB  1 
ATOM   1184 C  CG  . ARG A 1 148 ? -4.259  -17.834 5.875   1.00 56.83 ? 241 ARG A CG  1 
ATOM   1185 N  N   . ARG A 1 149 ? -6.654  -16.943 2.034   0.50 56.96 ? 242 ARG A N   1 
ATOM   1186 C  CA  . ARG A 1 149 ? -7.872  -16.612 1.280   0.50 58.78 ? 242 ARG A CA  1 
ATOM   1187 C  C   . ARG A 1 149 ? -7.944  -17.113 -0.163  0.50 63.06 ? 242 ARG A C   1 
ATOM   1188 O  O   . ARG A 1 149 ? -9.015  -17.050 -0.762  0.50 69.44 ? 242 ARG A O   1 
ATOM   1189 C  CB  . ARG A 1 149 ? -8.078  -15.103 1.270   0.50 61.45 ? 242 ARG A CB  1 
ATOM   1190 N  N   . PHE A 1 150 ? -6.829  -17.584 -0.730  1.00 65.56 ? 243 PHE A N   1 
ATOM   1191 C  CA  . PHE A 1 150 ? -6.809  -18.159 -2.114  1.00 59.41 ? 243 PHE A CA  1 
ATOM   1192 C  C   . PHE A 1 150 ? -6.104  -19.509 -2.249  1.00 72.08 ? 243 PHE A C   1 
ATOM   1193 O  O   . PHE A 1 150 ? -6.653  -20.419 -2.858  1.00 79.60 ? 243 PHE A O   1 
ATOM   1194 C  CB  . PHE A 1 150 ? -6.140  -17.213 -3.111  1.00 54.15 ? 243 PHE A CB  1 
ATOM   1195 C  CG  . PHE A 1 150 ? -6.879  -15.909 -3.329  1.00 62.26 ? 243 PHE A CG  1 
ATOM   1196 C  CD1 . PHE A 1 150 ? -7.985  -15.841 -4.169  1.00 60.46 ? 243 PHE A CD1 1 
ATOM   1197 C  CD2 . PHE A 1 150 ? -6.480  -14.750 -2.723  1.00 47.31 ? 243 PHE A CD2 1 
ATOM   1198 C  CE1 . PHE A 1 150 ? -8.662  -14.648 -4.405  1.00 61.93 ? 243 PHE A CE1 1 
ATOM   1199 C  CE2 . PHE A 1 150 ? -7.162  -13.554 -2.949  1.00 54.46 ? 243 PHE A CE2 1 
ATOM   1200 C  CZ  . PHE A 1 150 ? -8.263  -13.499 -3.778  1.00 52.67 ? 243 PHE A CZ  1 
ATOM   1201 N  N   . GLY A 1 151 ? -4.864  -19.610 -1.760  1.00 87.10 ? 244 GLY A N   1 
ATOM   1202 C  CA  . GLY A 1 151 ? -4.038  -20.824 -1.886  1.00 79.97 ? 244 GLY A CA  1 
ATOM   1203 C  C   . GLY A 1 151 ? -3.100  -20.719 -3.070  1.00 86.44 ? 244 GLY A C   1 
ATOM   1204 O  O   . GLY A 1 151 ? -2.559  -21.714 -3.543  1.00 92.73 ? 244 GLY A O   1 
HETATM 1205 C  C1  . EDO B 2 .   ? -13.956 8.319   -4.068  1.00 63.85 ? 301 EDO A C1  1 
HETATM 1206 O  O1  . EDO B 2 .   ? -13.732 9.142   -5.227  1.00 70.25 ? 301 EDO A O1  1 
HETATM 1207 C  C2  . EDO B 2 .   ? -14.864 7.131   -4.437  1.00 62.95 ? 301 EDO A C2  1 
HETATM 1208 O  O2  . EDO B 2 .   ? -15.827 6.857   -3.391  1.00 69.99 ? 301 EDO A O2  1 
HETATM 1209 C  C1  . EDO C 2 .   ? 16.309  4.874   -0.834  1.00 58.96 ? 302 EDO A C1  1 
HETATM 1210 O  O1  . EDO C 2 .   ? 15.726  4.755   0.485   1.00 56.21 ? 302 EDO A O1  1 
HETATM 1211 C  C2  . EDO C 2 .   ? 17.573  4.034   -0.997  1.00 60.50 ? 302 EDO A C2  1 
HETATM 1212 O  O2  . EDO C 2 .   ? 17.322  2.646   -1.320  1.00 71.16 ? 302 EDO A O2  1 
HETATM 1213 S  S   . DMS D 3 .   ? 4.758   -5.881  -13.614 1.00 76.75 ? 303 DMS A S   1 
HETATM 1214 O  O   . DMS D 3 .   ? 5.232   -5.913  -12.223 1.00 57.62 ? 303 DMS A O   1 
HETATM 1215 C  C1  . DMS D 3 .   ? 5.941   -5.149  -14.609 1.00 62.15 ? 303 DMS A C1  1 
HETATM 1216 C  C2  . DMS D 3 .   ? 4.755   -7.504  -14.186 1.00 68.71 ? 303 DMS A C2  1 
HETATM 1217 C  C   . ACT E 4 .   ? 14.375  12.802  -2.934  1.00 52.10 ? 304 ACT A C   1 
HETATM 1218 O  O   . ACT E 4 .   ? 13.993  13.157  -1.783  1.00 63.51 ? 304 ACT A O   1 
HETATM 1219 O  OXT . ACT E 4 .   ? 13.517  12.375  -3.681  1.00 50.45 ? 304 ACT A OXT 1 
HETATM 1220 C  CH3 . ACT E 4 .   ? 15.830  12.925  -3.450  1.00 56.78 ? 304 ACT A CH3 1 
HETATM 1221 C  C   . ACT F 4 .   ? 14.294  4.567   4.396   1.00 48.05 ? 305 ACT A C   1 
HETATM 1222 O  O   . ACT F 4 .   ? 14.580  3.374   4.212   1.00 40.41 ? 305 ACT A O   1 
HETATM 1223 O  OXT . ACT F 4 .   ? 14.330  5.351   3.400   1.00 67.56 ? 305 ACT A OXT 1 
HETATM 1224 C  CH3 . ACT F 4 .   ? 13.997  5.083   5.789   1.00 49.15 ? 305 ACT A CH3 1 
HETATM 1225 N  N1  . LJD G 5 .   ? 7.134   7.817   3.942   0.44 39.54 ? 306 LJD A N1  1 
HETATM 1226 N  N3  . LJD G 5 .   ? 4.896   6.397   0.180   0.44 36.85 ? 306 LJD A N3  1 
HETATM 1227 C  C4  . LJD G 5 .   ? 7.256   6.955   1.989   0.44 39.73 ? 306 LJD A C4  1 
HETATM 1228 C  C5  . LJD G 5 .   ? 4.702   6.707   1.469   0.44 36.92 ? 306 LJD A C5  1 
HETATM 1229 C  C6  . LJD G 5 .   ? 3.779   6.185   -0.740  0.44 36.61 ? 306 LJD A C6  1 
HETATM 1230 C  C7  . LJD G 5 .   ? 2.858   7.380   -0.836  0.44 37.77 ? 306 LJD A C7  1 
HETATM 1231 C  C8  . LJD G 5 .   ? 3.304   8.569   -1.387  0.44 34.92 ? 306 LJD A C8  1 
HETATM 1232 C  C10 . LJD G 5 .   ? 1.197   9.582   -1.013  0.44 35.74 ? 306 LJD A C10 1 
HETATM 1233 C  C1  . LJD G 5 .   ? 7.625   8.367   5.199   0.44 42.02 ? 306 LJD A C1  1 
HETATM 1234 C  C11 . LJD G 5 .   ? 0.718   8.416   -0.459  0.44 35.92 ? 306 LJD A C11 1 
HETATM 1235 C  C12 . LJD G 5 .   ? 1.547   7.318   -0.380  0.44 35.00 ? 306 LJD A C12 1 
HETATM 1236 C  C2  . LJD G 5 .   ? 5.858   7.637   3.561   0.44 40.81 ? 306 LJD A C2  1 
HETATM 1237 C  C3  . LJD G 5 .   ? 5.888   7.076   2.279   0.44 39.52 ? 306 LJD A C3  1 
HETATM 1238 C  C9  . LJD G 5 .   ? 2.490   9.674   -1.462  0.44 35.30 ? 306 LJD A C9  1 
HETATM 1239 N  N2  . LJD G 5 .   ? 7.994   7.394   2.995   0.44 40.58 ? 306 LJD A N2  1 
HETATM 1240 O  O1  . LJD G 5 .   ? 3.567   6.699   1.982   0.44 37.31 ? 306 LJD A O1  1 
HETATM 1241 CL CL1 . LJD G 5 .   ? 0.163   10.979  -1.120  0.44 38.28 ? 306 LJD A CL1 1 
HETATM 1242 O  O   . HOH H 6 .   ? 23.381  -4.110  4.479   1.00 62.34 ? 401 HOH A O   1 
HETATM 1243 O  O   . HOH H 6 .   ? -1.632  12.891  -2.232  1.00 44.92 ? 402 HOH A O   1 
HETATM 1244 O  O   . HOH H 6 .   ? -9.237  -9.433  6.494   1.00 43.48 ? 403 HOH A O   1 
HETATM 1245 O  O   . HOH H 6 .   ? -4.133  11.785  -1.164  1.00 49.02 ? 404 HOH A O   1 
HETATM 1246 O  O   . HOH H 6 .   ? -17.881 8.719   5.309   1.00 41.73 ? 405 HOH A O   1 
HETATM 1247 O  O   . HOH H 6 .   ? 11.647  14.082  -3.674  1.00 34.37 ? 406 HOH A O   1 
HETATM 1248 O  O   . HOH H 6 .   ? 0.640   -13.923 -5.009  1.00 40.04 ? 407 HOH A O   1 
HETATM 1249 O  O   . HOH H 6 .   ? -1.550  -0.102  -15.466 1.00 48.66 ? 408 HOH A O   1 
HETATM 1250 O  O   . HOH H 6 .   ? -15.235 10.999  2.418   1.00 47.96 ? 409 HOH A O   1 
HETATM 1251 O  O   . HOH H 6 .   ? 9.252   2.723   17.580  1.00 42.81 ? 410 HOH A O   1 
HETATM 1252 O  O   . HOH H 6 .   ? 16.242  0.502   -2.314  1.00 35.27 ? 411 HOH A O   1 
HETATM 1253 O  O   . HOH H 6 .   ? -3.130  5.573   20.013  1.00 60.18 ? 412 HOH A O   1 
HETATM 1254 O  O   . HOH H 6 .   ? 20.351  0.394   0.750   1.00 55.65 ? 413 HOH A O   1 
HETATM 1255 O  O   . HOH H 6 .   ? -17.979 -2.392  -1.964  1.00 41.68 ? 414 HOH A O   1 
HETATM 1256 O  O   . HOH H 6 .   ? 10.275  10.773  -5.121  1.00 27.01 ? 415 HOH A O   1 
HETATM 1257 O  O   . HOH H 6 .   ? -11.010 6.229   11.807  1.00 42.55 ? 416 HOH A O   1 
HETATM 1258 O  O   . HOH H 6 .   ? 31.261  -1.671  15.365  1.00 28.03 ? 417 HOH A O   1 
HETATM 1259 O  O   . HOH H 6 .   ? -14.370 -2.430  7.059   1.00 44.53 ? 418 HOH A O   1 
HETATM 1260 O  O   . HOH H 6 .   ? 9.562   6.815   -10.728 1.00 39.84 ? 419 HOH A O   1 
HETATM 1261 O  O   . HOH H 6 .   ? 4.519   1.579   6.620   1.00 47.44 ? 420 HOH A O   1 
HETATM 1262 O  O   . HOH H 6 .   ? 3.872   26.423  -6.634  1.00 38.23 ? 421 HOH A O   1 
HETATM 1263 O  O   . HOH H 6 .   ? 6.523   -7.654  6.039   1.00 26.98 ? 422 HOH A O   1 
HETATM 1264 O  O   . HOH H 6 .   ? 3.186   -10.765 -13.750 1.00 61.29 ? 423 HOH A O   1 
HETATM 1265 O  O   . HOH H 6 .   ? -12.158 -6.699  -3.180  1.00 24.83 ? 424 HOH A O   1 
HETATM 1266 O  O   . HOH H 6 .   ? 7.693   -1.596  -11.345 1.00 31.76 ? 425 HOH A O   1 
HETATM 1267 O  O   . HOH H 6 .   ? 4.522   -6.063  9.828   1.00 37.90 ? 426 HOH A O   1 
HETATM 1268 O  O   . HOH H 6 .   ? -13.408 1.816   -10.775 1.00 34.69 ? 427 HOH A O   1 
HETATM 1269 O  O   . HOH H 6 .   ? -2.134  -11.571 7.332   1.00 32.92 ? 428 HOH A O   1 
HETATM 1270 O  O   . HOH H 6 .   ? 22.772  -3.772  11.336  1.00 34.58 ? 429 HOH A O   1 
HETATM 1271 O  O   . HOH H 6 .   ? -16.824 5.718   -1.139  1.00 48.35 ? 430 HOH A O   1 
HETATM 1272 O  O   . HOH H 6 .   ? 5.190   -10.464 -11.260 1.00 49.18 ? 431 HOH A O   1 
HETATM 1273 O  O   . HOH H 6 .   ? -6.025  -8.863  8.301   1.00 43.65 ? 432 HOH A O   1 
HETATM 1274 O  O   . HOH H 6 .   ? 2.167   4.327   1.909   1.00 31.91 ? 433 HOH A O   1 
HETATM 1275 O  O   . HOH H 6 .   ? -11.407 16.457  8.633   1.00 49.30 ? 434 HOH A O   1 
HETATM 1276 O  O   . HOH H 6 .   ? -2.298  -0.679  -3.954  1.00 21.81 ? 435 HOH A O   1 
HETATM 1277 O  O   . HOH H 6 .   ? -14.817 8.199   -0.737  1.00 33.06 ? 436 HOH A O   1 
HETATM 1278 O  O   . HOH H 6 .   ? 8.821   3.542   0.972   1.00 26.79 ? 437 HOH A O   1 
HETATM 1279 O  O   . HOH H 6 .   ? -9.502  13.051  11.509  1.00 57.37 ? 438 HOH A O   1 
HETATM 1280 O  O   . HOH H 6 .   ? -20.189 -2.478  -5.956  1.00 34.88 ? 439 HOH A O   1 
HETATM 1281 O  O   . HOH H 6 .   ? 16.617  3.414   9.180   1.00 49.67 ? 440 HOH A O   1 
HETATM 1282 O  O   . HOH H 6 .   ? -5.187  -6.837  9.845   1.00 42.60 ? 441 HOH A O   1 
HETATM 1283 O  O   . HOH H 6 .   ? 12.602  -4.188  8.180   1.00 40.05 ? 442 HOH A O   1 
HETATM 1284 O  O   . HOH H 6 .   ? -10.664 4.634   -4.810  1.00 30.54 ? 443 HOH A O   1 
HETATM 1285 O  O   . HOH H 6 .   ? -9.793  -1.558  -14.618 1.00 44.76 ? 444 HOH A O   1 
HETATM 1286 O  O   . HOH H 6 .   ? 15.662  -6.675  2.156   1.00 42.01 ? 445 HOH A O   1 
HETATM 1287 O  O   . HOH H 6 .   ? -11.440 -4.942  0.355   1.00 25.56 ? 446 HOH A O   1 
HETATM 1288 O  O   . HOH H 6 .   ? -10.992 -8.442  -1.363  1.00 30.17 ? 447 HOH A O   1 
HETATM 1289 O  O   . HOH H 6 .   ? -14.125 13.710  3.598   1.00 55.10 ? 448 HOH A O   1 
HETATM 1290 O  O   . HOH H 6 .   ? 2.229   -11.960 8.675   1.00 61.39 ? 449 HOH A O   1 
HETATM 1291 O  O   . HOH H 6 .   ? -15.727 1.600   -7.855  1.00 33.39 ? 450 HOH A O   1 
HETATM 1292 O  O   . HOH H 6 .   ? -20.605 1.303   -4.496  1.00 53.68 ? 451 HOH A O   1 
HETATM 1293 O  O   . HOH H 6 .   ? 1.056   -15.728 -0.751  1.00 35.49 ? 452 HOH A O   1 
HETATM 1294 O  O   . HOH H 6 .   ? 4.787   -12.223 -7.251  1.00 32.17 ? 453 HOH A O   1 
HETATM 1295 O  O   . HOH H 6 .   ? 2.329   0.814   18.073  1.00 40.64 ? 454 HOH A O   1 
HETATM 1296 O  O   . HOH H 6 .   ? -4.349  5.781   14.735  1.00 47.74 ? 455 HOH A O   1 
HETATM 1297 O  O   . HOH H 6 .   ? -16.062 1.676   6.988   1.00 45.32 ? 456 HOH A O   1 
HETATM 1298 O  O   . HOH H 6 .   ? -21.150 2.076   -9.931  1.00 48.16 ? 457 HOH A O   1 
HETATM 1299 O  O   . HOH H 6 .   ? -2.753  11.981  4.598   1.00 43.22 ? 458 HOH A O   1 
HETATM 1300 O  O   . HOH H 6 .   ? 9.863   -0.752  7.085   1.00 47.10 ? 459 HOH A O   1 
HETATM 1301 O  O   . HOH H 6 .   ? 1.730   -13.403 -15.779 1.00 53.44 ? 460 HOH A O   1 
HETATM 1302 O  O   . HOH H 6 .   ? 14.057  -8.950  -5.530  1.00 52.40 ? 461 HOH A O   1 
HETATM 1303 O  O   . HOH H 6 .   ? -11.902 4.032   -11.588 1.00 34.40 ? 462 HOH A O   1 
HETATM 1304 O  O   . HOH H 6 .   ? 2.392   -17.132 3.186   1.00 58.02 ? 463 HOH A O   1 
HETATM 1305 O  O   . HOH H 6 .   ? 10.876  3.426   -11.454 1.00 39.82 ? 464 HOH A O   1 
HETATM 1306 O  O   . HOH H 6 .   ? -18.337 -5.574  2.060   1.00 46.48 ? 465 HOH A O   1 
HETATM 1307 O  O   . HOH H 6 .   ? 0.300   -3.985  14.249  1.00 39.94 ? 466 HOH A O   1 
HETATM 1308 O  O   . HOH H 6 .   ? -1.017  -16.426 -8.082  1.00 43.53 ? 467 HOH A O   1 
HETATM 1309 O  O   . HOH H 6 .   ? 9.730   -5.967  8.264   1.00 57.43 ? 468 HOH A O   1 
HETATM 1310 O  O   . HOH H 6 .   ? 2.506   1.689   2.453   1.00 26.37 ? 469 HOH A O   1 
HETATM 1311 O  O   . HOH H 6 .   ? 8.732   -5.967  -9.774  1.00 23.90 ? 470 HOH A O   1 
HETATM 1312 O  O   . HOH H 6 .   ? -1.268  -18.003 5.957   1.00 50.98 ? 471 HOH A O   1 
HETATM 1313 O  O   . HOH H 6 .   ? -15.866 3.369   -0.301  1.00 41.87 ? 472 HOH A O   1 
HETATM 1314 O  O   . HOH H 6 .   ? 3.784   -0.630  -13.909 1.00 32.93 ? 473 HOH A O   1 
HETATM 1315 O  O   . HOH H 6 .   ? 19.915  -8.379  6.796   1.00 67.40 ? 474 HOH A O   1 
HETATM 1316 O  O   . HOH H 6 .   ? -7.154  0.353   -20.323 1.00 52.55 ? 475 HOH A O   1 
HETATM 1317 O  O   . HOH H 6 .   ? -8.281  2.458   -17.692 1.00 41.97 ? 476 HOH A O   1 
HETATM 1318 O  O   . HOH H 6 .   ? -17.300 1.562   -0.573  1.00 47.72 ? 477 HOH A O   1 
HETATM 1319 O  O   . HOH H 6 .   ? 4.746   3.381   -14.562 1.00 67.27 ? 478 HOH A O   1 
HETATM 1320 O  O   . HOH H 6 .   ? 12.325  5.682   -4.498  1.00 52.08 ? 479 HOH A O   1 
HETATM 1321 O  O   . HOH H 6 .   ? 14.552  -4.276  -2.204  1.00 29.39 ? 480 HOH A O   1 
HETATM 1322 O  O   . HOH H 6 .   ? -1.834  -7.436  9.841   1.00 51.21 ? 481 HOH A O   1 
HETATM 1323 O  O   . HOH H 6 .   ? -10.567 -8.993  9.694   1.00 52.88 ? 482 HOH A O   1 
HETATM 1324 O  O   . HOH H 6 .   ? 11.446  -5.171  -6.581  1.00 38.57 ? 483 HOH A O   1 
HETATM 1325 O  O   . HOH H 6 .   ? -0.460  -12.290 9.292   1.00 50.39 ? 484 HOH A O   1 
HETATM 1326 O  O   . HOH H 6 .   ? -10.368 3.667   -13.756 1.00 45.07 ? 485 HOH A O   1 
HETATM 1327 O  O   . HOH H 6 .   ? -3.055  -9.731  8.457   1.00 45.81 ? 486 HOH A O   1 
HETATM 1328 O  O   . HOH H 6 .   ? -13.626 6.287   -12.177 1.00 42.97 ? 487 HOH A O   1 
# 
